data_5W37
# 
_entry.id   5W37 
# 
_audit_conform.dict_name       mmcif_pdbx.dic 
_audit_conform.dict_version    5.379 
_audit_conform.dict_location   http://mmcif.pdb.org/dictionaries/ascii/mmcif_pdbx.dic 
# 
loop_
_database_2.database_id 
_database_2.database_code 
_database_2.pdbx_database_accession 
_database_2.pdbx_DOI 
PDB   5W37         pdb_00005w37 10.2210/pdb5w37/pdb 
WWPDB D_1000228354 ?            ?                   
# 
_pdbx_database_related.db_name        PDB 
_pdbx_database_related.details        'CJ without thiol' 
_pdbx_database_related.db_id          5W17 
_pdbx_database_related.content_type   unspecified 
# 
_pdbx_database_status.status_code                     REL 
_pdbx_database_status.status_code_sf                  REL 
_pdbx_database_status.status_code_mr                  ? 
_pdbx_database_status.entry_id                        5W37 
_pdbx_database_status.recvd_initial_deposition_date   2017-06-07 
_pdbx_database_status.SG_entry                        N 
_pdbx_database_status.deposit_site                    RCSB 
_pdbx_database_status.process_site                    RCSB 
_pdbx_database_status.status_code_cs                  ? 
_pdbx_database_status.methods_development_category    ? 
_pdbx_database_status.pdb_format_compatible           Y 
_pdbx_database_status.status_code_nmr_data            ? 
# 
loop_
_audit_author.name 
_audit_author.pdbx_ordinal 
_audit_author.identifier_ORCID 
'Huber, T.R.' 1 ? 
'Snow, C.D.'  2 ? 
# 
_citation.abstract                  ? 
_citation.abstract_id_CAS           ? 
_citation.book_id_ISBN              ? 
_citation.book_publisher            ? 
_citation.book_publisher_city       ? 
_citation.book_title                ? 
_citation.coordinate_linkage        ? 
_citation.country                   US 
_citation.database_id_Medline       ? 
_citation.details                   ? 
_citation.id                        primary 
_citation.journal_abbrev            'Bioconjug. Chem.' 
_citation.journal_id_ASTM           BCCHES 
_citation.journal_id_CSD            2063 
_citation.journal_id_ISSN           1520-4812 
_citation.journal_full              ? 
_citation.journal_issue             ? 
_citation.journal_volume            29 
_citation.language                  ? 
_citation.page_first                17 
_citation.page_last                 22 
_citation.title                     'Installing Guest Molecules at Specific Sites within Scaffold Protein Crystals.' 
_citation.year                      2018 
_citation.database_id_CSD           ? 
_citation.pdbx_database_id_DOI      10.1021/acs.bioconjchem.7b00668 
_citation.pdbx_database_id_PubMed   29232505 
_citation.unpublished_flag          ? 
# 
loop_
_citation_author.citation_id 
_citation_author.name 
_citation_author.ordinal 
_citation_author.identifier_ORCID 
primary 'Huber, T.R.'     1 ? 
primary 'McPherson, E.C.' 2 ? 
primary 'Keating, C.E.'   3 ? 
primary 'Snow, C.D.'      4 ? 
# 
_cell.angle_alpha                  90.000 
_cell.angle_alpha_esd              ? 
_cell.angle_beta                   90.000 
_cell.angle_beta_esd               ? 
_cell.angle_gamma                  120.000 
_cell.angle_gamma_esd              ? 
_cell.entry_id                     5W37 
_cell.details                      ? 
_cell.formula_units_Z              ? 
_cell.length_a                     178.429 
_cell.length_a_esd                 ? 
_cell.length_b                     178.429 
_cell.length_b_esd                 ? 
_cell.length_c                     50.583 
_cell.length_c_esd                 ? 
_cell.volume                       ? 
_cell.volume_esd                   ? 
_cell.Z_PDB                        12 
_cell.reciprocal_angle_alpha       ? 
_cell.reciprocal_angle_beta        ? 
_cell.reciprocal_angle_gamma       ? 
_cell.reciprocal_angle_alpha_esd   ? 
_cell.reciprocal_angle_beta_esd    ? 
_cell.reciprocal_angle_gamma_esd   ? 
_cell.reciprocal_length_a          ? 
_cell.reciprocal_length_b          ? 
_cell.reciprocal_length_c          ? 
_cell.reciprocal_length_a_esd      ? 
_cell.reciprocal_length_b_esd      ? 
_cell.reciprocal_length_c_esd      ? 
_cell.pdbx_unique_axis             ? 
# 
_symmetry.entry_id                         5W37 
_symmetry.cell_setting                     ? 
_symmetry.Int_Tables_number                177 
_symmetry.space_group_name_Hall            ? 
_symmetry.space_group_name_H-M             'P 6 2 2' 
_symmetry.pdbx_full_space_group_name_H-M   ? 
# 
loop_
_entity.id 
_entity.type 
_entity.src_method 
_entity.pdbx_description 
_entity.formula_weight 
_entity.pdbx_number_of_molecules 
_entity.pdbx_ec 
_entity.pdbx_mutation 
_entity.pdbx_fragment 
_entity.details 
1 polymer     man 'Polyisoprenoid-binding protein' 20188.832 1  ? N182C 'UNP residues 22-190' ? 
2 non-polymer syn EICOSANE                         282.547   1  ? ?     ?                     ? 
3 non-polymer syn 'SULFATE ION'                    96.063    2  ? ?     ?                     ? 
4 water       nat water                            18.015    21 ? ?     ?                     ? 
# 
_entity_name_com.entity_id   1 
_entity_name_com.name        'YCEI periplasmic protein, Protein yceI, periplasmic protein' 
# 
_entity_poly.entity_id                      1 
_entity_poly.type                           'polypeptide(L)' 
_entity_poly.nstd_linkage                   no 
_entity_poly.nstd_monomer                   no 
_entity_poly.pdbx_seq_one_letter_code       
;MKEYTLDKAHTDVGFKIKHLQISNVKGNFKDYSAVIDFDPASAEFKKLDVTIKIASVNTENQTRDNHLQQDDFFKAKKYP
DMTFTMKKYEKIDNEKGKMTGTLTIAGVSKDIVLDAEIGGVAKGKDGKEKIGFSLNGKIKRSDFKFATSTSTITLSDDIN
LCIEVEANEKEGGSHHHHHH
;
_entity_poly.pdbx_seq_one_letter_code_can   
;MKEYTLDKAHTDVGFKIKHLQISNVKGNFKDYSAVIDFDPASAEFKKLDVTIKIASVNTENQTRDNHLQQDDFFKAKKYP
DMTFTMKKYEKIDNEKGKMTGTLTIAGVSKDIVLDAEIGGVAKGKDGKEKIGFSLNGKIKRSDFKFATSTSTITLSDDIN
LCIEVEANEKEGGSHHHHHH
;
_entity_poly.pdbx_strand_id                 A 
_entity_poly.pdbx_target_identifier         ? 
# 
loop_
_entity_poly_seq.entity_id 
_entity_poly_seq.num 
_entity_poly_seq.mon_id 
_entity_poly_seq.hetero 
1 1   MET n 
1 2   LYS n 
1 3   GLU n 
1 4   TYR n 
1 5   THR n 
1 6   LEU n 
1 7   ASP n 
1 8   LYS n 
1 9   ALA n 
1 10  HIS n 
1 11  THR n 
1 12  ASP n 
1 13  VAL n 
1 14  GLY n 
1 15  PHE n 
1 16  LYS n 
1 17  ILE n 
1 18  LYS n 
1 19  HIS n 
1 20  LEU n 
1 21  GLN n 
1 22  ILE n 
1 23  SER n 
1 24  ASN n 
1 25  VAL n 
1 26  LYS n 
1 27  GLY n 
1 28  ASN n 
1 29  PHE n 
1 30  LYS n 
1 31  ASP n 
1 32  TYR n 
1 33  SER n 
1 34  ALA n 
1 35  VAL n 
1 36  ILE n 
1 37  ASP n 
1 38  PHE n 
1 39  ASP n 
1 40  PRO n 
1 41  ALA n 
1 42  SER n 
1 43  ALA n 
1 44  GLU n 
1 45  PHE n 
1 46  LYS n 
1 47  LYS n 
1 48  LEU n 
1 49  ASP n 
1 50  VAL n 
1 51  THR n 
1 52  ILE n 
1 53  LYS n 
1 54  ILE n 
1 55  ALA n 
1 56  SER n 
1 57  VAL n 
1 58  ASN n 
1 59  THR n 
1 60  GLU n 
1 61  ASN n 
1 62  GLN n 
1 63  THR n 
1 64  ARG n 
1 65  ASP n 
1 66  ASN n 
1 67  HIS n 
1 68  LEU n 
1 69  GLN n 
1 70  GLN n 
1 71  ASP n 
1 72  ASP n 
1 73  PHE n 
1 74  PHE n 
1 75  LYS n 
1 76  ALA n 
1 77  LYS n 
1 78  LYS n 
1 79  TYR n 
1 80  PRO n 
1 81  ASP n 
1 82  MET n 
1 83  THR n 
1 84  PHE n 
1 85  THR n 
1 86  MET n 
1 87  LYS n 
1 88  LYS n 
1 89  TYR n 
1 90  GLU n 
1 91  LYS n 
1 92  ILE n 
1 93  ASP n 
1 94  ASN n 
1 95  GLU n 
1 96  LYS n 
1 97  GLY n 
1 98  LYS n 
1 99  MET n 
1 100 THR n 
1 101 GLY n 
1 102 THR n 
1 103 LEU n 
1 104 THR n 
1 105 ILE n 
1 106 ALA n 
1 107 GLY n 
1 108 VAL n 
1 109 SER n 
1 110 LYS n 
1 111 ASP n 
1 112 ILE n 
1 113 VAL n 
1 114 LEU n 
1 115 ASP n 
1 116 ALA n 
1 117 GLU n 
1 118 ILE n 
1 119 GLY n 
1 120 GLY n 
1 121 VAL n 
1 122 ALA n 
1 123 LYS n 
1 124 GLY n 
1 125 LYS n 
1 126 ASP n 
1 127 GLY n 
1 128 LYS n 
1 129 GLU n 
1 130 LYS n 
1 131 ILE n 
1 132 GLY n 
1 133 PHE n 
1 134 SER n 
1 135 LEU n 
1 136 ASN n 
1 137 GLY n 
1 138 LYS n 
1 139 ILE n 
1 140 LYS n 
1 141 ARG n 
1 142 SER n 
1 143 ASP n 
1 144 PHE n 
1 145 LYS n 
1 146 PHE n 
1 147 ALA n 
1 148 THR n 
1 149 SER n 
1 150 THR n 
1 151 SER n 
1 152 THR n 
1 153 ILE n 
1 154 THR n 
1 155 LEU n 
1 156 SER n 
1 157 ASP n 
1 158 ASP n 
1 159 ILE n 
1 160 ASN n 
1 161 LEU n 
1 162 CYS n 
1 163 ILE n 
1 164 GLU n 
1 165 VAL n 
1 166 GLU n 
1 167 ALA n 
1 168 ASN n 
1 169 GLU n 
1 170 LYS n 
1 171 GLU n 
1 172 GLY n 
1 173 GLY n 
1 174 SER n 
1 175 HIS n 
1 176 HIS n 
1 177 HIS n 
1 178 HIS n 
1 179 HIS n 
1 180 HIS n 
# 
_entity_src_gen.entity_id                          1 
_entity_src_gen.pdbx_src_id                        1 
_entity_src_gen.pdbx_alt_source_flag               sample 
_entity_src_gen.pdbx_seq_type                      'Biological sequence' 
_entity_src_gen.pdbx_beg_seq_num                   1 
_entity_src_gen.pdbx_end_seq_num                   180 
_entity_src_gen.gene_src_common_name               ? 
_entity_src_gen.gene_src_genus                     ? 
_entity_src_gen.pdbx_gene_src_gene                 'A0L11_08945, A0M64_02260, A0M70_03345, AD53_02580' 
_entity_src_gen.gene_src_species                   ? 
_entity_src_gen.gene_src_strain                    ? 
_entity_src_gen.gene_src_tissue                    ? 
_entity_src_gen.gene_src_tissue_fraction           ? 
_entity_src_gen.gene_src_details                   ? 
_entity_src_gen.pdbx_gene_src_fragment             ? 
_entity_src_gen.pdbx_gene_src_scientific_name      'Campylobacter jejuni' 
_entity_src_gen.pdbx_gene_src_ncbi_taxonomy_id     197 
_entity_src_gen.pdbx_gene_src_variant              ? 
_entity_src_gen.pdbx_gene_src_cell_line            ? 
_entity_src_gen.pdbx_gene_src_atcc                 ? 
_entity_src_gen.pdbx_gene_src_organ                ? 
_entity_src_gen.pdbx_gene_src_organelle            ? 
_entity_src_gen.pdbx_gene_src_cell                 ? 
_entity_src_gen.pdbx_gene_src_cellular_location    ? 
_entity_src_gen.host_org_common_name               ? 
_entity_src_gen.pdbx_host_org_scientific_name      'Escherichia coli BL21(DE3)' 
_entity_src_gen.pdbx_host_org_ncbi_taxonomy_id     469008 
_entity_src_gen.host_org_genus                     ? 
_entity_src_gen.pdbx_host_org_gene                 ? 
_entity_src_gen.pdbx_host_org_organ                ? 
_entity_src_gen.host_org_species                   ? 
_entity_src_gen.pdbx_host_org_tissue               ? 
_entity_src_gen.pdbx_host_org_tissue_fraction      ? 
_entity_src_gen.pdbx_host_org_strain               'C41(DE3)' 
_entity_src_gen.pdbx_host_org_variant              ? 
_entity_src_gen.pdbx_host_org_cell_line            ? 
_entity_src_gen.pdbx_host_org_atcc                 ? 
_entity_src_gen.pdbx_host_org_culture_collection   ? 
_entity_src_gen.pdbx_host_org_cell                 ? 
_entity_src_gen.pdbx_host_org_organelle            ? 
_entity_src_gen.pdbx_host_org_cellular_location    ? 
_entity_src_gen.pdbx_host_org_vector_type          plasmid 
_entity_src_gen.pdbx_host_org_vector               ? 
_entity_src_gen.host_org_details                   ? 
_entity_src_gen.expression_system_id               ? 
_entity_src_gen.plasmid_name                       pSB3 
_entity_src_gen.plasmid_details                    ? 
_entity_src_gen.pdbx_description                   ? 
# 
_struct_ref.id                         1 
_struct_ref.db_name                    UNP 
_struct_ref.db_code                    Q79JB5_CAMJU 
_struct_ref.pdbx_db_accession          Q79JB5 
_struct_ref.pdbx_db_isoform            ? 
_struct_ref.entity_id                  1 
_struct_ref.pdbx_seq_one_letter_code   
;KEYTLDKAHTDVGFKIKHLQISNVKGNFKDYSAVIDFDPASAEFKKLDVTIKIASVNTENQTRDNHLQQDDFFKAKKYPD
MTFTMKKYEKIDNEKGKMTGTLTIAGVSKDIVLDAEIGGVAKGKDGKEKIGFSLNGKIKRSDFKFATSTSTITLSDDINL
NIEVEANEK
;
_struct_ref.pdbx_align_begin           22 
# 
_struct_ref_seq.align_id                      1 
_struct_ref_seq.ref_id                        1 
_struct_ref_seq.pdbx_PDB_id_code              5W37 
_struct_ref_seq.pdbx_strand_id                A 
_struct_ref_seq.seq_align_beg                 2 
_struct_ref_seq.pdbx_seq_align_beg_ins_code   ? 
_struct_ref_seq.seq_align_end                 170 
_struct_ref_seq.pdbx_seq_align_end_ins_code   ? 
_struct_ref_seq.pdbx_db_accession             Q79JB5 
_struct_ref_seq.db_align_beg                  22 
_struct_ref_seq.pdbx_db_align_beg_ins_code    ? 
_struct_ref_seq.db_align_end                  190 
_struct_ref_seq.pdbx_db_align_end_ins_code    ? 
_struct_ref_seq.pdbx_auth_seq_align_beg       22 
_struct_ref_seq.pdbx_auth_seq_align_end       190 
# 
loop_
_struct_ref_seq_dif.align_id 
_struct_ref_seq_dif.pdbx_pdb_id_code 
_struct_ref_seq_dif.mon_id 
_struct_ref_seq_dif.pdbx_pdb_strand_id 
_struct_ref_seq_dif.seq_num 
_struct_ref_seq_dif.pdbx_pdb_ins_code 
_struct_ref_seq_dif.pdbx_seq_db_name 
_struct_ref_seq_dif.pdbx_seq_db_accession_code 
_struct_ref_seq_dif.db_mon_id 
_struct_ref_seq_dif.pdbx_seq_db_seq_num 
_struct_ref_seq_dif.details 
_struct_ref_seq_dif.pdbx_auth_seq_num 
_struct_ref_seq_dif.pdbx_ordinal 
1 5W37 MET A 1   ? UNP Q79JB5 ?   ?   'initiating methionine' 21  1  
1 5W37 CYS A 162 ? UNP Q79JB5 ASN 182 'engineered mutation'   182 2  
1 5W37 GLU A 171 ? UNP Q79JB5 ?   ?   'expression tag'        191 3  
1 5W37 GLY A 172 ? UNP Q79JB5 ?   ?   'expression tag'        192 4  
1 5W37 GLY A 173 ? UNP Q79JB5 ?   ?   'expression tag'        193 5  
1 5W37 SER A 174 ? UNP Q79JB5 ?   ?   'expression tag'        194 6  
1 5W37 HIS A 175 ? UNP Q79JB5 ?   ?   'expression tag'        195 7  
1 5W37 HIS A 176 ? UNP Q79JB5 ?   ?   'expression tag'        196 8  
1 5W37 HIS A 177 ? UNP Q79JB5 ?   ?   'expression tag'        197 9  
1 5W37 HIS A 178 ? UNP Q79JB5 ?   ?   'expression tag'        198 10 
1 5W37 HIS A 179 ? UNP Q79JB5 ?   ?   'expression tag'        199 11 
1 5W37 HIS A 180 ? UNP Q79JB5 ?   ?   'expression tag'        200 12 
# 
loop_
_chem_comp.id 
_chem_comp.type 
_chem_comp.mon_nstd_flag 
_chem_comp.name 
_chem_comp.pdbx_synonyms 
_chem_comp.formula 
_chem_comp.formula_weight 
ALA 'L-peptide linking' y ALANINE         ?                'C3 H7 N O2'     89.093  
ARG 'L-peptide linking' y ARGININE        ?                'C6 H15 N4 O2 1' 175.209 
ASN 'L-peptide linking' y ASPARAGINE      ?                'C4 H8 N2 O3'    132.118 
ASP 'L-peptide linking' y 'ASPARTIC ACID' ?                'C4 H7 N O4'     133.103 
CYS 'L-peptide linking' y CYSTEINE        ?                'C3 H7 N O2 S'   121.158 
GLN 'L-peptide linking' y GLUTAMINE       ?                'C5 H10 N2 O3'   146.144 
GLU 'L-peptide linking' y 'GLUTAMIC ACID' ?                'C5 H9 N O4'     147.129 
GLY 'peptide linking'   y GLYCINE         ?                'C2 H5 N O2'     75.067  
HIS 'L-peptide linking' y HISTIDINE       ?                'C6 H10 N3 O2 1' 156.162 
HOH non-polymer         . WATER           ?                'H2 O'           18.015  
ILE 'L-peptide linking' y ISOLEUCINE      ?                'C6 H13 N O2'    131.173 
LEU 'L-peptide linking' y LEUCINE         ?                'C6 H13 N O2'    131.173 
LFA non-polymer         . EICOSANE        'LIPID FRAGMENT' 'C20 H42'        282.547 
LYS 'L-peptide linking' y LYSINE          ?                'C6 H15 N2 O2 1' 147.195 
MET 'L-peptide linking' y METHIONINE      ?                'C5 H11 N O2 S'  149.211 
PHE 'L-peptide linking' y PHENYLALANINE   ?                'C9 H11 N O2'    165.189 
PRO 'L-peptide linking' y PROLINE         ?                'C5 H9 N O2'     115.130 
SER 'L-peptide linking' y SERINE          ?                'C3 H7 N O3'     105.093 
SO4 non-polymer         . 'SULFATE ION'   ?                'O4 S -2'        96.063  
THR 'L-peptide linking' y THREONINE       ?                'C4 H9 N O3'     119.119 
TYR 'L-peptide linking' y TYROSINE        ?                'C9 H11 N O3'    181.189 
VAL 'L-peptide linking' y VALINE          ?                'C5 H11 N O2'    117.146 
# 
_exptl.absorpt_coefficient_mu     ? 
_exptl.absorpt_correction_T_max   ? 
_exptl.absorpt_correction_T_min   ? 
_exptl.absorpt_correction_type    ? 
_exptl.absorpt_process_details    ? 
_exptl.entry_id                   5W37 
_exptl.crystals_number            1 
_exptl.details                    ? 
_exptl.method                     'X-RAY DIFFRACTION' 
_exptl.method_details             ? 
# 
_exptl_crystal.colour                      ? 
_exptl_crystal.density_diffrn              ? 
_exptl_crystal.density_Matthews            5.76 
_exptl_crystal.density_method              ? 
_exptl_crystal.density_percent_sol         78.63 
_exptl_crystal.description                 ? 
_exptl_crystal.F_000                       ? 
_exptl_crystal.id                          1 
_exptl_crystal.preparation                 ? 
_exptl_crystal.size_max                    ? 
_exptl_crystal.size_mid                    ? 
_exptl_crystal.size_min                    ? 
_exptl_crystal.size_rad                    ? 
_exptl_crystal.colour_lustre               ? 
_exptl_crystal.colour_modifier             ? 
_exptl_crystal.colour_primary              ? 
_exptl_crystal.density_meas                ? 
_exptl_crystal.density_meas_esd            ? 
_exptl_crystal.density_meas_gt             ? 
_exptl_crystal.density_meas_lt             ? 
_exptl_crystal.density_meas_temp           ? 
_exptl_crystal.density_meas_temp_esd       ? 
_exptl_crystal.density_meas_temp_gt        ? 
_exptl_crystal.density_meas_temp_lt        ? 
_exptl_crystal.pdbx_crystal_image_url      ? 
_exptl_crystal.pdbx_crystal_image_format   ? 
_exptl_crystal.pdbx_mosaicity              0.100 
_exptl_crystal.pdbx_mosaicity_esd          ? 
# 
_exptl_crystal_grow.apparatus       ? 
_exptl_crystal_grow.atmosphere      ? 
_exptl_crystal_grow.crystal_id      1 
_exptl_crystal_grow.details         ? 
_exptl_crystal_grow.method          'VAPOR DIFFUSION, SITTING DROP' 
_exptl_crystal_grow.method_ref      ? 
_exptl_crystal_grow.pH              6.0 
_exptl_crystal_grow.pressure        ? 
_exptl_crystal_grow.pressure_esd    ? 
_exptl_crystal_grow.seeding         ? 
_exptl_crystal_grow.seeding_ref     ? 
_exptl_crystal_grow.temp            293 
_exptl_crystal_grow.temp_details    ? 
_exptl_crystal_grow.temp_esd        ? 
_exptl_crystal_grow.time            ? 
_exptl_crystal_grow.pdbx_details    '3.2 M ammonium aulfate, 0.1 M Bis-Tris' 
_exptl_crystal_grow.pdbx_pH_range   ? 
# 
_diffrn.ambient_environment    ? 
_diffrn.ambient_temp           100 
_diffrn.ambient_temp_details   ? 
_diffrn.ambient_temp_esd       ? 
_diffrn.crystal_id             1 
_diffrn.crystal_support        ? 
_diffrn.crystal_treatment      ? 
_diffrn.details                ? 
_diffrn.id                     1 
_diffrn.ambient_pressure       ? 
_diffrn.ambient_pressure_esd   ? 
_diffrn.ambient_pressure_gt    ? 
_diffrn.ambient_pressure_lt    ? 
_diffrn.ambient_temp_gt        ? 
_diffrn.ambient_temp_lt        ? 
# 
_diffrn_detector.details                      ? 
_diffrn_detector.detector                     CMOS 
_diffrn_detector.diffrn_id                    1 
_diffrn_detector.type                         'RDI CMOS_8M' 
_diffrn_detector.area_resol_mean              ? 
_diffrn_detector.dtime                        ? 
_diffrn_detector.pdbx_frames_total            ? 
_diffrn_detector.pdbx_collection_time_total   ? 
_diffrn_detector.pdbx_collection_date         2016-12-02 
# 
_diffrn_radiation.collimation                      ? 
_diffrn_radiation.diffrn_id                        1 
_diffrn_radiation.filter_edge                      ? 
_diffrn_radiation.inhomogeneity                    ? 
_diffrn_radiation.monochromator                    'Si (111) double crystal' 
_diffrn_radiation.polarisn_norm                    ? 
_diffrn_radiation.polarisn_ratio                   ? 
_diffrn_radiation.probe                            ? 
_diffrn_radiation.type                             ? 
_diffrn_radiation.xray_symbol                      ? 
_diffrn_radiation.wavelength_id                    1 
_diffrn_radiation.pdbx_monochromatic_or_laue_m_l   M 
_diffrn_radiation.pdbx_wavelength_list             ? 
_diffrn_radiation.pdbx_wavelength                  ? 
_diffrn_radiation.pdbx_diffrn_protocol             'SINGLE WAVELENGTH' 
_diffrn_radiation.pdbx_analyzer                    ? 
_diffrn_radiation.pdbx_scattering_type             x-ray 
# 
_diffrn_radiation_wavelength.id           1 
_diffrn_radiation_wavelength.wavelength   1.0 
_diffrn_radiation_wavelength.wt           1.0 
# 
_diffrn_source.current                     ? 
_diffrn_source.details                     ? 
_diffrn_source.diffrn_id                   1 
_diffrn_source.power                       ? 
_diffrn_source.size                        ? 
_diffrn_source.source                      SYNCHROTRON 
_diffrn_source.target                      ? 
_diffrn_source.type                        'ALS BEAMLINE 4.2.2' 
_diffrn_source.voltage                     ? 
_diffrn_source.take-off_angle              ? 
_diffrn_source.pdbx_wavelength_list        1.0 
_diffrn_source.pdbx_wavelength             ? 
_diffrn_source.pdbx_synchrotron_beamline   4.2.2 
_diffrn_source.pdbx_synchrotron_site       ALS 
# 
_reflns.B_iso_Wilson_estimate            ? 
_reflns.entry_id                         5W37 
_reflns.data_reduction_details           ? 
_reflns.data_reduction_method            ? 
_reflns.d_resolution_high                2.520 
_reflns.d_resolution_low                 38.236 
_reflns.details                          ? 
_reflns.limit_h_max                      ? 
_reflns.limit_h_min                      ? 
_reflns.limit_k_max                      ? 
_reflns.limit_k_min                      ? 
_reflns.limit_l_max                      ? 
_reflns.limit_l_min                      ? 
_reflns.number_all                       16542 
_reflns.number_obs                       16542 
_reflns.observed_criterion               ? 
_reflns.observed_criterion_F_max         ? 
_reflns.observed_criterion_F_min         ? 
_reflns.observed_criterion_I_max         ? 
_reflns.observed_criterion_I_min         ? 
_reflns.observed_criterion_sigma_F       ? 
_reflns.observed_criterion_sigma_I       ? 
_reflns.percent_possible_obs             99.900 
_reflns.R_free_details                   ? 
_reflns.Rmerge_F_all                     ? 
_reflns.Rmerge_F_obs                     ? 
_reflns.Friedel_coverage                 ? 
_reflns.number_gt                        ? 
_reflns.threshold_expression             ? 
_reflns.pdbx_redundancy                  20.300 
_reflns.pdbx_Rmerge_I_obs                ? 
_reflns.pdbx_Rmerge_I_all                ? 
_reflns.pdbx_Rsym_value                  0.138 
_reflns.pdbx_netI_over_av_sigmaI         5.100 
_reflns.pdbx_netI_over_sigmaI            22.800 
_reflns.pdbx_res_netI_over_av_sigmaI_2   ? 
_reflns.pdbx_res_netI_over_sigmaI_2      ? 
_reflns.pdbx_chi_squared                 ? 
_reflns.pdbx_scaling_rejects             ? 
_reflns.pdbx_d_res_high_opt              ? 
_reflns.pdbx_d_res_low_opt               ? 
_reflns.pdbx_d_res_opt_method            ? 
_reflns.phase_calculation_details        ? 
_reflns.pdbx_Rrim_I_all                  0.141 
_reflns.pdbx_Rpim_I_all                  0.031 
_reflns.pdbx_d_opt                       ? 
_reflns.pdbx_number_measured_all         336425 
_reflns.pdbx_diffrn_id                   1 
_reflns.pdbx_ordinal                     1 
_reflns.pdbx_CC_half                     ? 
_reflns.pdbx_R_split                     ? 
# 
loop_
_reflns_shell.d_res_high 
_reflns_shell.d_res_low 
_reflns_shell.meanI_over_sigI_all 
_reflns_shell.meanI_over_sigI_obs 
_reflns_shell.number_measured_all 
_reflns_shell.number_measured_obs 
_reflns_shell.number_possible 
_reflns_shell.number_unique_all 
_reflns_shell.number_unique_obs 
_reflns_shell.percent_possible_all 
_reflns_shell.percent_possible_obs 
_reflns_shell.Rmerge_F_all 
_reflns_shell.Rmerge_F_obs 
_reflns_shell.Rmerge_I_all 
_reflns_shell.Rmerge_I_obs 
_reflns_shell.meanI_over_sigI_gt 
_reflns_shell.meanI_over_uI_all 
_reflns_shell.meanI_over_uI_gt 
_reflns_shell.number_measured_gt 
_reflns_shell.number_unique_gt 
_reflns_shell.percent_possible_gt 
_reflns_shell.Rmerge_F_gt 
_reflns_shell.Rmerge_I_gt 
_reflns_shell.pdbx_redundancy 
_reflns_shell.pdbx_Rsym_value 
_reflns_shell.pdbx_chi_squared 
_reflns_shell.pdbx_netI_over_sigmaI_all 
_reflns_shell.pdbx_netI_over_sigmaI_obs 
_reflns_shell.pdbx_Rrim_I_all 
_reflns_shell.pdbx_Rpim_I_all 
_reflns_shell.pdbx_rejects 
_reflns_shell.pdbx_ordinal 
_reflns_shell.pdbx_diffrn_id 
_reflns_shell.pdbx_CC_half 
_reflns_shell.pdbx_R_split 
2.520 2.660  ? 0.300  ? ? ? ? ? 99.500  ? ? ? ? 3.000 ? ? ? ? ? ? ? ? 17.400 3.000 ? ? ? 3.090 0.733 ? 1  1 ? ? 
2.660 2.820  ? 0.400  ? ? ? ? ? 100.000 ? ? ? ? 1.722 ? ? ? ? ? ? ? ? 21.100 1.722 ? ? ? 1.765 0.382 ? 2  1 ? ? 
2.820 3.010  ? 0.700  ? ? ? ? ? 99.900  ? ? ? ? 1.003 ? ? ? ? ? ? ? ? 20.700 1.003 ? ? ? 1.029 0.225 ? 3  1 ? ? 
3.010 3.250  ? 1.500  ? ? ? ? ? 100.000 ? ? ? ? 0.466 ? ? ? ? ? ? ? ? 19.800 0.466 ? ? ? 0.478 0.107 ? 4  1 ? ? 
3.250 3.560  ? 2.800  ? ? ? ? ? 100.000 ? ? ? ? 0.241 ? ? ? ? ? ? ? ? 21.000 0.241 ? ? ? 0.247 0.053 ? 5  1 ? ? 
3.560 3.980  ? 6.100  ? ? ? ? ? 100.000 ? ? ? ? 0.123 ? ? ? ? ? ? ? ? 21.600 0.123 ? ? ? 0.126 0.027 ? 6  1 ? ? 
3.980 4.600  ? 12.100 ? ? ? ? ? 100.000 ? ? ? ? 0.060 ? ? ? ? ? ? ? ? 21.600 0.060 ? ? ? 0.062 0.013 ? 7  1 ? ? 
4.600 5.630  ? 14.600 ? ? ? ? ? 100.000 ? ? ? ? 0.047 ? ? ? ? ? ? ? ? 21.200 0.047 ? ? ? 0.048 0.010 ? 8  1 ? ? 
5.630 7.970  ? 15.500 ? ? ? ? ? 100.000 ? ? ? ? 0.042 ? ? ? ? ? ? ? ? 20.600 0.042 ? ? ? 0.043 0.009 ? 9  1 ? ? 
7.970 38.236 ? 20.000 ? ? ? ? ? 99.100  ? ? ? ? 0.024 ? ? ? ? ? ? ? ? 18.500 0.024 ? ? ? 0.024 0.006 ? 10 1 ? ? 
# 
_refine.aniso_B[1][1]                            3.0300 
_refine.aniso_B[1][2]                            1.5200 
_refine.aniso_B[1][3]                            0.0000 
_refine.aniso_B[2][2]                            3.0300 
_refine.aniso_B[2][3]                            0.0000 
_refine.aniso_B[3][3]                            -9.8400 
_refine.B_iso_max                                175.810 
_refine.B_iso_mean                               78.8220 
_refine.B_iso_min                                44.160 
_refine.correlation_coeff_Fo_to_Fc               0.9590 
_refine.correlation_coeff_Fo_to_Fc_free          0.9160 
_refine.details                                  'U VALUES      : REFINED INDIVIDUALLY' 
_refine.diff_density_max                         ? 
_refine.diff_density_max_esd                     ? 
_refine.diff_density_min                         ? 
_refine.diff_density_min_esd                     ? 
_refine.diff_density_rms                         ? 
_refine.diff_density_rms_esd                     ? 
_refine.entry_id                                 5W37 
_refine.pdbx_refine_id                           'X-RAY DIFFRACTION' 
_refine.ls_abs_structure_details                 ? 
_refine.ls_abs_structure_Flack                   ? 
_refine.ls_abs_structure_Flack_esd               ? 
_refine.ls_abs_structure_Rogers                  ? 
_refine.ls_abs_structure_Rogers_esd              ? 
_refine.ls_d_res_high                            2.5200 
_refine.ls_d_res_low                             36.1200 
_refine.ls_extinction_coef                       ? 
_refine.ls_extinction_coef_esd                   ? 
_refine.ls_extinction_expression                 ? 
_refine.ls_extinction_method                     ? 
_refine.ls_goodness_of_fit_all                   ? 
_refine.ls_goodness_of_fit_all_esd               ? 
_refine.ls_goodness_of_fit_obs                   ? 
_refine.ls_goodness_of_fit_obs_esd               ? 
_refine.ls_hydrogen_treatment                    ? 
_refine.ls_matrix_type                           ? 
_refine.ls_number_constraints                    ? 
_refine.ls_number_parameters                     ? 
_refine.ls_number_reflns_all                     ? 
_refine.ls_number_reflns_obs                     15673 
_refine.ls_number_reflns_R_free                  861 
_refine.ls_number_reflns_R_work                  ? 
_refine.ls_number_restraints                     ? 
_refine.ls_percent_reflns_obs                    99.7700 
_refine.ls_percent_reflns_R_free                 5.2000 
_refine.ls_R_factor_all                          ? 
_refine.ls_R_factor_obs                          0.2172 
_refine.ls_R_factor_R_free                       0.2578 
_refine.ls_R_factor_R_free_error                 ? 
_refine.ls_R_factor_R_free_error_details         ? 
_refine.ls_R_factor_R_work                       0.2149 
_refine.ls_R_Fsqd_factor_obs                     ? 
_refine.ls_R_I_factor_obs                        ? 
_refine.ls_redundancy_reflns_all                 ? 
_refine.ls_redundancy_reflns_obs                 ? 
_refine.ls_restrained_S_all                      ? 
_refine.ls_restrained_S_obs                      ? 
_refine.ls_shift_over_esd_max                    ? 
_refine.ls_shift_over_esd_mean                   ? 
_refine.ls_structure_factor_coef                 ? 
_refine.ls_weighting_details                     ? 
_refine.ls_weighting_scheme                      ? 
_refine.ls_wR_factor_all                         ? 
_refine.ls_wR_factor_obs                         ? 
_refine.ls_wR_factor_R_free                      ? 
_refine.ls_wR_factor_R_work                      ? 
_refine.occupancy_max                            ? 
_refine.occupancy_min                            ? 
_refine.solvent_model_details                    ? 
_refine.solvent_model_param_bsol                 ? 
_refine.solvent_model_param_ksol                 ? 
_refine.ls_R_factor_gt                           ? 
_refine.ls_goodness_of_fit_gt                    ? 
_refine.ls_goodness_of_fit_ref                   ? 
_refine.ls_shift_over_su_max                     ? 
_refine.ls_shift_over_su_max_lt                  ? 
_refine.ls_shift_over_su_mean                    ? 
_refine.ls_shift_over_su_mean_lt                 ? 
_refine.pdbx_ls_sigma_I                          ? 
_refine.pdbx_ls_sigma_F                          0.000 
_refine.pdbx_ls_sigma_Fsqd                       ? 
_refine.pdbx_data_cutoff_high_absF               ? 
_refine.pdbx_data_cutoff_high_rms_absF           ? 
_refine.pdbx_data_cutoff_low_absF                ? 
_refine.pdbx_isotropic_thermal_model             ? 
_refine.pdbx_ls_cross_valid_method               THROUGHOUT 
_refine.pdbx_method_to_determine_struct          'MOLECULAR REPLACEMENT' 
_refine.pdbx_starting_model                      'PDB entry 5W17' 
_refine.pdbx_stereochemistry_target_values       ? 
_refine.pdbx_R_Free_selection_details            RANDOM 
_refine.pdbx_stereochem_target_val_spec_case     ? 
_refine.pdbx_overall_ESU_R                       0.2020 
_refine.pdbx_overall_ESU_R_Free                  0.1950 
_refine.pdbx_solvent_vdw_probe_radii             1.2000 
_refine.pdbx_solvent_ion_probe_radii             0.8000 
_refine.pdbx_solvent_shrinkage_radii             0.8000 
_refine.pdbx_real_space_R                        ? 
_refine.pdbx_density_correlation                 ? 
_refine.pdbx_pd_number_of_powder_patterns        ? 
_refine.pdbx_pd_number_of_points                 ? 
_refine.pdbx_pd_meas_number_of_points            ? 
_refine.pdbx_pd_proc_ls_prof_R_factor            ? 
_refine.pdbx_pd_proc_ls_prof_wR_factor           ? 
_refine.pdbx_pd_Marquardt_correlation_coeff      ? 
_refine.pdbx_pd_Fsqrd_R_factor                   ? 
_refine.pdbx_pd_ls_matrix_band_width             ? 
_refine.pdbx_overall_phase_error                 ? 
_refine.pdbx_overall_SU_R_free_Cruickshank_DPI   ? 
_refine.pdbx_overall_SU_R_free_Blow_DPI          ? 
_refine.pdbx_overall_SU_R_Blow_DPI               ? 
_refine.pdbx_TLS_residual_ADP_flag               ? 
_refine.pdbx_diffrn_id                           1 
_refine.overall_SU_B                             10.5190 
_refine.overall_SU_ML                            0.1920 
_refine.overall_SU_R_Cruickshank_DPI             ? 
_refine.overall_SU_R_free                        ? 
_refine.overall_FOM_free_R_set                   ? 
_refine.overall_FOM_work_R_set                   ? 
_refine.pdbx_average_fsc_overall                 ? 
_refine.pdbx_average_fsc_work                    ? 
_refine.pdbx_average_fsc_free                    ? 
# 
_refine_hist.cycle_id                         final 
_refine_hist.pdbx_refine_id                   'X-RAY DIFFRACTION' 
_refine_hist.d_res_high                       2.5200 
_refine_hist.d_res_low                        36.1200 
_refine_hist.pdbx_number_atoms_ligand         27 
_refine_hist.number_atoms_solvent             21 
_refine_hist.number_atoms_total               1367 
_refine_hist.pdbx_number_residues_total       171 
_refine_hist.pdbx_B_iso_mean_ligand           83.49 
_refine_hist.pdbx_B_iso_mean_solvent          72.66 
_refine_hist.pdbx_number_atoms_protein        1319 
_refine_hist.pdbx_number_atoms_nucleic_acid   0 
# 
loop_
_refine_ls_restr.pdbx_refine_id 
_refine_ls_restr.criterion 
_refine_ls_restr.dev_ideal 
_refine_ls_restr.dev_ideal_target 
_refine_ls_restr.number 
_refine_ls_restr.rejects 
_refine_ls_restr.type 
_refine_ls_restr.weight 
_refine_ls_restr.pdbx_restraint_function 
'X-RAY DIFFRACTION' ? 0.014  0.019  1361 ? r_bond_refined_d       ? ? 
'X-RAY DIFFRACTION' ? 1.935  1.972  1822 ? r_angle_refined_deg    ? ? 
'X-RAY DIFFRACTION' ? 7.868  5.000  170  ? r_dihedral_angle_1_deg ? ? 
'X-RAY DIFFRACTION' ? 37.177 26.379 58   ? r_dihedral_angle_2_deg ? ? 
'X-RAY DIFFRACTION' ? 19.939 15.000 255  ? r_dihedral_angle_3_deg ? ? 
'X-RAY DIFFRACTION' ? 21.361 15.000 2    ? r_dihedral_angle_4_deg ? ? 
'X-RAY DIFFRACTION' ? 0.117  0.200  208  ? r_chiral_restr         ? ? 
'X-RAY DIFFRACTION' ? 0.007  0.020  974  ? r_gen_planes_refined   ? ? 
# 
_refine_ls_shell.pdbx_refine_id                   'X-RAY DIFFRACTION' 
_refine_ls_shell.d_res_high                       2.5200 
_refine_ls_shell.d_res_low                        2.5850 
_refine_ls_shell.number_reflns_all                1164 
_refine_ls_shell.number_reflns_obs                ? 
_refine_ls_shell.number_reflns_R_free             75 
_refine_ls_shell.number_reflns_R_work             1089 
_refine_ls_shell.percent_reflns_obs               98.8100 
_refine_ls_shell.percent_reflns_R_free            ? 
_refine_ls_shell.R_factor_all                     ? 
_refine_ls_shell.R_factor_obs                     ? 
_refine_ls_shell.R_factor_R_free                  0.4390 
_refine_ls_shell.R_factor_R_free_error            0.0000 
_refine_ls_shell.R_factor_R_work                  0.3950 
_refine_ls_shell.redundancy_reflns_all            ? 
_refine_ls_shell.redundancy_reflns_obs            ? 
_refine_ls_shell.wR_factor_all                    ? 
_refine_ls_shell.wR_factor_obs                    ? 
_refine_ls_shell.wR_factor_R_free                 ? 
_refine_ls_shell.wR_factor_R_work                 ? 
_refine_ls_shell.pdbx_total_number_of_bins_used   20 
_refine_ls_shell.pdbx_phase_error                 ? 
_refine_ls_shell.pdbx_fsc_work                    ? 
_refine_ls_shell.pdbx_fsc_free                    ? 
# 
_struct.entry_id                     5W37 
_struct.title                        'Crystal structure of mutant CJ YCEI protein (CJ-N182C) for nanotechnology applications' 
_struct.pdbx_model_details           ? 
_struct.pdbx_formula_weight          ? 
_struct.pdbx_formula_weight_method   ? 
_struct.pdbx_model_type_details      ? 
_struct.pdbx_CASP_flag               N 
# 
_struct_keywords.entry_id        5W37 
_struct_keywords.text            'nanotechnology, nanoporous, UNKNOWN FUNCTION' 
_struct_keywords.pdbx_keywords   'UNKNOWN FUNCTION' 
# 
loop_
_struct_asym.id 
_struct_asym.pdbx_blank_PDB_chainid_flag 
_struct_asym.pdbx_modified 
_struct_asym.entity_id 
_struct_asym.details 
A N N 1 ? 
B N N 2 ? 
C N N 3 ? 
D N N 3 ? 
E N N 4 ? 
# 
loop_
_struct_conf.conf_type_id 
_struct_conf.id 
_struct_conf.pdbx_PDB_helix_id 
_struct_conf.beg_label_comp_id 
_struct_conf.beg_label_asym_id 
_struct_conf.beg_label_seq_id 
_struct_conf.pdbx_beg_PDB_ins_code 
_struct_conf.end_label_comp_id 
_struct_conf.end_label_asym_id 
_struct_conf.end_label_seq_id 
_struct_conf.pdbx_end_PDB_ins_code 
_struct_conf.beg_auth_comp_id 
_struct_conf.beg_auth_asym_id 
_struct_conf.beg_auth_seq_id 
_struct_conf.end_auth_comp_id 
_struct_conf.end_auth_asym_id 
_struct_conf.end_auth_seq_id 
_struct_conf.pdbx_PDB_helix_class 
_struct_conf.details 
_struct_conf.pdbx_PDB_helix_length 
HELX_P HELX_P1 AA1 ASP A 7   ? THR A 11  ? ASP A 27  THR A 31  5 ? 5  
HELX_P HELX_P2 AA2 ASN A 61  ? GLN A 70  ? ASN A 81  GLN A 90  1 ? 10 
HELX_P HELX_P3 AA3 SER A 142 ? LYS A 145 ? SER A 162 LYS A 165 5 ? 4  
# 
_struct_conf_type.id          HELX_P 
_struct_conf_type.criteria    ? 
_struct_conf_type.reference   ? 
# 
loop_
_struct_sheet.id 
_struct_sheet.type 
_struct_sheet.number_strands 
_struct_sheet.details 
AA1 ? 2 ? 
AA2 ? 7 ? 
# 
loop_
_struct_sheet_order.sheet_id 
_struct_sheet_order.range_id_1 
_struct_sheet_order.range_id_2 
_struct_sheet_order.offset 
_struct_sheet_order.sense 
AA1 1 2 ? anti-parallel 
AA2 1 2 ? anti-parallel 
AA2 2 3 ? anti-parallel 
AA2 3 4 ? anti-parallel 
AA2 4 5 ? anti-parallel 
AA2 5 6 ? anti-parallel 
AA2 6 7 ? anti-parallel 
# 
loop_
_struct_sheet_range.sheet_id 
_struct_sheet_range.id 
_struct_sheet_range.beg_label_comp_id 
_struct_sheet_range.beg_label_asym_id 
_struct_sheet_range.beg_label_seq_id 
_struct_sheet_range.pdbx_beg_PDB_ins_code 
_struct_sheet_range.end_label_comp_id 
_struct_sheet_range.end_label_asym_id 
_struct_sheet_range.end_label_seq_id 
_struct_sheet_range.pdbx_end_PDB_ins_code 
_struct_sheet_range.beg_auth_comp_id 
_struct_sheet_range.beg_auth_asym_id 
_struct_sheet_range.beg_auth_seq_id 
_struct_sheet_range.end_auth_comp_id 
_struct_sheet_range.end_auth_asym_id 
_struct_sheet_range.end_auth_seq_id 
AA1 1 ASN A 28  ? PHE A 29  ? ASN A 48  PHE A 49  
AA1 2 VAL A 57  ? ASN A 58  ? VAL A 77  ASN A 78  
AA2 1 TYR A 32  ? PHE A 38  ? TYR A 52  PHE A 58  
AA2 2 PHE A 45  ? LYS A 53  ? PHE A 65  LYS A 73  
AA2 3 ASP A 81  ? LYS A 91  ? ASP A 101 LYS A 111 
AA2 4 LYS A 96  ? ILE A 105 ? LYS A 116 ILE A 125 
AA2 5 VAL A 108 ? LYS A 123 ? VAL A 128 LYS A 143 
AA2 6 GLU A 129 ? LYS A 140 ? GLU A 149 LYS A 160 
AA2 7 ASP A 158 ? ASN A 168 ? ASP A 178 ASN A 188 
# 
loop_
_pdbx_struct_sheet_hbond.sheet_id 
_pdbx_struct_sheet_hbond.range_id_1 
_pdbx_struct_sheet_hbond.range_id_2 
_pdbx_struct_sheet_hbond.range_1_label_atom_id 
_pdbx_struct_sheet_hbond.range_1_label_comp_id 
_pdbx_struct_sheet_hbond.range_1_label_asym_id 
_pdbx_struct_sheet_hbond.range_1_label_seq_id 
_pdbx_struct_sheet_hbond.range_1_PDB_ins_code 
_pdbx_struct_sheet_hbond.range_1_auth_atom_id 
_pdbx_struct_sheet_hbond.range_1_auth_comp_id 
_pdbx_struct_sheet_hbond.range_1_auth_asym_id 
_pdbx_struct_sheet_hbond.range_1_auth_seq_id 
_pdbx_struct_sheet_hbond.range_2_label_atom_id 
_pdbx_struct_sheet_hbond.range_2_label_comp_id 
_pdbx_struct_sheet_hbond.range_2_label_asym_id 
_pdbx_struct_sheet_hbond.range_2_label_seq_id 
_pdbx_struct_sheet_hbond.range_2_PDB_ins_code 
_pdbx_struct_sheet_hbond.range_2_auth_atom_id 
_pdbx_struct_sheet_hbond.range_2_auth_comp_id 
_pdbx_struct_sheet_hbond.range_2_auth_asym_id 
_pdbx_struct_sheet_hbond.range_2_auth_seq_id 
AA1 1 2 N ASN A 28  ? N ASN A 48  O ASN A 58  ? O ASN A 78  
AA2 1 2 N ASP A 37  ? N ASP A 57  O LYS A 46  ? O LYS A 66  
AA2 2 3 N LEU A 48  ? N LEU A 68  O MET A 86  ? O MET A 106 
AA2 3 4 N LYS A 87  ? N LYS A 107 O THR A 100 ? O THR A 120 
AA2 4 5 N LEU A 103 ? N LEU A 123 O LYS A 110 ? O LYS A 130 
AA2 5 6 N ASP A 115 ? N ASP A 135 O ASN A 136 ? O ASN A 156 
AA2 6 7 N GLY A 137 ? N GLY A 157 O LEU A 161 ? O LEU A 181 
# 
loop_
_struct_site.id 
_struct_site.pdbx_evidence_code 
_struct_site.pdbx_auth_asym_id 
_struct_site.pdbx_auth_comp_id 
_struct_site.pdbx_auth_seq_id 
_struct_site.pdbx_auth_ins_code 
_struct_site.pdbx_num_residues 
_struct_site.details 
AC1 Software A LFA 301 ? 4 'binding site for residue LFA A 301' 
AC2 Software A SO4 302 ? 2 'binding site for residue SO4 A 302' 
AC3 Software A SO4 303 ? 7 'binding site for residue SO4 A 303' 
# 
loop_
_struct_site_gen.id 
_struct_site_gen.site_id 
_struct_site_gen.pdbx_num_res 
_struct_site_gen.label_comp_id 
_struct_site_gen.label_asym_id 
_struct_site_gen.label_seq_id 
_struct_site_gen.pdbx_auth_ins_code 
_struct_site_gen.auth_comp_id 
_struct_site_gen.auth_asym_id 
_struct_site_gen.auth_seq_id 
_struct_site_gen.label_atom_id 
_struct_site_gen.label_alt_id 
_struct_site_gen.symmetry 
_struct_site_gen.details 
1  AC1 4 PHE A 15  ? PHE A 35  . ? 9_556 ? 
2  AC1 4 ARG A 64  ? ARG A 84  . ? 1_555 ? 
3  AC1 4 LEU A 68  ? LEU A 88  . ? 1_555 ? 
4  AC1 4 MET A 82  ? MET A 102 . ? 1_555 ? 
5  AC2 2 LYS A 110 ? LYS A 130 . ? 1_555 ? 
6  AC2 2 ASP A 111 ? ASP A 131 . ? 1_555 ? 
7  AC3 7 SER A 149 ? SER A 169 . ? 4_545 ? 
8  AC3 7 THR A 150 ? THR A 170 . ? 4_545 ? 
9  AC3 7 THR A 150 ? THR A 170 . ? 1_555 ? 
10 AC3 7 SER A 151 ? SER A 171 . ? 1_555 ? 
11 AC3 7 SER A 151 ? SER A 171 . ? 4_545 ? 
12 AC3 7 THR A 154 ? THR A 174 . ? 4_545 ? 
13 AC3 7 THR A 154 ? THR A 174 . ? 1_555 ? 
# 
_atom_sites.entry_id                    5W37 
_atom_sites.fract_transf_matrix[1][1]   -0.00624634 
_atom_sites.fract_transf_matrix[1][2]   -0.00059815 
_atom_sites.fract_transf_matrix[1][3]   -0.00158177 
_atom_sites.fract_transf_matrix[2][1]   -0.00392982 
_atom_sites.fract_transf_matrix[2][2]   -0.00362095 
_atom_sites.fract_transf_matrix[2][3]   0.00364953 
_atom_sites.fract_transf_matrix[3][1]   -0.00431239 
_atom_sites.fract_transf_matrix[3][2]   0.01581600 
_atom_sites.fract_transf_matrix[3][3]   0.01104857 
_atom_sites.fract_transf_vector[1]      -0.118369 
_atom_sites.fract_transf_vector[2]      -0.500597 
_atom_sites.fract_transf_vector[3]      0.321940 
# 
loop_
_atom_type.symbol 
C 
N 
O 
S 
# 
loop_
_atom_site.group_PDB 
_atom_site.id 
_atom_site.type_symbol 
_atom_site.label_atom_id 
_atom_site.label_alt_id 
_atom_site.label_comp_id 
_atom_site.label_asym_id 
_atom_site.label_entity_id 
_atom_site.label_seq_id 
_atom_site.pdbx_PDB_ins_code 
_atom_site.Cartn_x 
_atom_site.Cartn_y 
_atom_site.Cartn_z 
_atom_site.occupancy 
_atom_site.B_iso_or_equiv 
_atom_site.pdbx_formal_charge 
_atom_site.auth_seq_id 
_atom_site.auth_comp_id 
_atom_site.auth_asym_id 
_atom_site.auth_atom_id 
_atom_site.pdbx_PDB_model_num 
ATOM   1    N N   . MET A 1 1   ? -68.152 11.032  -1.864  1.00 84.77  ? 21  MET A N   1 
ATOM   2    C CA  . MET A 1 1   ? -66.861 10.605  -1.268  1.00 90.23  ? 21  MET A CA  1 
ATOM   3    C C   . MET A 1 1   ? -67.004 10.039  0.155   1.00 80.09  ? 21  MET A C   1 
ATOM   4    O O   . MET A 1 1   ? -68.057 9.610   0.554   1.00 79.65  ? 21  MET A O   1 
ATOM   5    C CB  . MET A 1 1   ? -65.787 11.715  -1.379  1.00 100.56 ? 21  MET A CB  1 
ATOM   6    C CG  . MET A 1 1   ? -66.204 13.094  -0.888  1.00 110.91 ? 21  MET A CG  1 
ATOM   7    S SD  . MET A 1 1   ? -66.173 13.293  0.914   1.00 146.39 ? 21  MET A SD  1 
ATOM   8    C CE  . MET A 1 1   ? -67.370 14.627  1.151   1.00 125.33 ? 21  MET A CE  1 
ATOM   9    N N   . LYS A 1 2   ? -65.910 10.025  0.891   1.00 81.06  ? 22  LYS A N   1 
ATOM   10   C CA  . LYS A 1 2   ? -65.807 9.388   2.186   1.00 84.44  ? 22  LYS A CA  1 
ATOM   11   C C   . LYS A 1 2   ? -64.472 9.853   2.749   1.00 90.38  ? 22  LYS A C   1 
ATOM   12   O O   . LYS A 1 2   ? -63.499 10.045  2.014   1.00 108.08 ? 22  LYS A O   1 
ATOM   13   C CB  . LYS A 1 2   ? -65.845 7.865   2.072   1.00 81.28  ? 22  LYS A CB  1 
ATOM   14   C CG  . LYS A 1 2   ? -67.054 7.230   2.708   1.00 91.91  ? 22  LYS A CG  1 
ATOM   15   C CD  . LYS A 1 2   ? -67.496 6.014   1.906   1.00 109.86 ? 22  LYS A CD  1 
ATOM   16   C CE  . LYS A 1 2   ? -68.211 4.944   2.738   1.00 113.23 ? 22  LYS A CE  1 
ATOM   17   N NZ  . LYS A 1 2   ? -69.407 5.420   3.498   1.00 105.06 ? 22  LYS A NZ  1 
ATOM   18   N N   . GLU A 1 3   ? -64.431 10.033  4.058   1.00 85.58  ? 23  GLU A N   1 
ATOM   19   C CA  . GLU A 1 3   ? -63.312 10.676  4.700   1.00 83.98  ? 23  GLU A CA  1 
ATOM   20   C C   . GLU A 1 3   ? -62.550 9.611   5.441   1.00 80.02  ? 23  GLU A C   1 
ATOM   21   O O   . GLU A 1 3   ? -63.149 8.701   6.030   1.00 82.26  ? 23  GLU A O   1 
ATOM   22   C CB  . GLU A 1 3   ? -63.795 11.793  5.628   1.00 90.66  ? 23  GLU A CB  1 
ATOM   23   C CG  . GLU A 1 3   ? -64.604 12.871  4.903   1.00 97.85  ? 23  GLU A CG  1 
ATOM   24   C CD  . GLU A 1 3   ? -65.076 13.995  5.809   1.00 104.97 ? 23  GLU A CD  1 
ATOM   25   O OE1 . GLU A 1 3   ? -66.044 14.703  5.422   1.00 101.41 ? 23  GLU A OE1 1 
ATOM   26   O OE2 . GLU A 1 3   ? -64.474 14.174  6.896   1.00 108.84 ? 23  GLU A OE2 1 
ATOM   27   N N   . TYR A 1 4   ? -61.225 9.689   5.362   1.00 70.95  ? 24  TYR A N   1 
ATOM   28   C CA  . TYR A 1 4   ? -60.398 8.683   6.011   1.00 75.93  ? 24  TYR A CA  1 
ATOM   29   C C   . TYR A 1 4   ? -59.435 9.359   6.970   1.00 74.13  ? 24  TYR A C   1 
ATOM   30   O O   . TYR A 1 4   ? -59.338 10.586  6.977   1.00 71.54  ? 24  TYR A O   1 
ATOM   31   C CB  . TYR A 1 4   ? -59.667 7.818   4.982   1.00 74.89  ? 24  TYR A CB  1 
ATOM   32   C CG  . TYR A 1 4   ? -60.579 7.044   4.036   1.00 73.59  ? 24  TYR A CG  1 
ATOM   33   C CD1 . TYR A 1 4   ? -61.431 7.711   3.087   1.00 67.60  ? 24  TYR A CD1 1 
ATOM   34   C CD2 . TYR A 1 4   ? -60.560 5.646   4.038   1.00 71.61  ? 24  TYR A CD2 1 
ATOM   35   C CE1 . TYR A 1 4   ? -62.248 6.997   2.204   1.00 63.32  ? 24  TYR A CE1 1 
ATOM   36   C CE2 . TYR A 1 4   ? -61.367 4.919   3.152   1.00 79.47  ? 24  TYR A CE2 1 
ATOM   37   C CZ  . TYR A 1 4   ? -62.210 5.588   2.244   1.00 73.78  ? 24  TYR A CZ  1 
ATOM   38   O OH  . TYR A 1 4   ? -62.984 4.812   1.395   1.00 71.78  ? 24  TYR A OH  1 
ATOM   39   N N   . THR A 1 5   ? -58.759 8.553   7.780   1.00 64.98  ? 25  THR A N   1 
ATOM   40   C CA  . THR A 1 5   ? -57.853 9.024   8.799   1.00 76.28  ? 25  THR A CA  1 
ATOM   41   C C   . THR A 1 5   ? -56.716 8.067   8.676   1.00 75.49  ? 25  THR A C   1 
ATOM   42   O O   . THR A 1 5   ? -56.925 6.853   8.754   1.00 82.64  ? 25  THR A O   1 
ATOM   43   C CB  . THR A 1 5   ? -58.488 8.901   10.227  1.00 83.39  ? 25  THR A CB  1 
ATOM   44   O OG1 . THR A 1 5   ? -59.568 9.834   10.360  1.00 93.34  ? 25  THR A OG1 1 
ATOM   45   C CG2 . THR A 1 5   ? -57.472 9.160   11.370  1.00 78.17  ? 25  THR A CG2 1 
ATOM   46   N N   . LEU A 1 6   ? -55.509 8.586   8.507   1.00 76.55  ? 26  LEU A N   1 
ATOM   47   C CA  . LEU A 1 6   ? -54.325 7.710   8.452   1.00 84.12  ? 26  LEU A CA  1 
ATOM   48   C C   . LEU A 1 6   ? -54.301 6.750   9.640   1.00 81.58  ? 26  LEU A C   1 
ATOM   49   O O   . LEU A 1 6   ? -54.876 7.035   10.677  1.00 98.36  ? 26  LEU A O   1 
ATOM   50   C CB  . LEU A 1 6   ? -53.036 8.526   8.427   1.00 77.08  ? 26  LEU A CB  1 
ATOM   51   C CG  . LEU A 1 6   ? -52.921 9.584   7.347   1.00 81.39  ? 26  LEU A CG  1 
ATOM   52   C CD1 . LEU A 1 6   ? -53.637 10.874  7.745   1.00 94.17  ? 26  LEU A CD1 1 
ATOM   53   C CD2 . LEU A 1 6   ? -51.447 9.822   7.178   1.00 81.90  ? 26  LEU A CD2 1 
ATOM   54   N N   . ASP A 1 7   ? -53.703 5.589   9.465   1.00 81.87  ? 27  ASP A N   1 
ATOM   55   C CA  . ASP A 1 7   ? -53.340 4.770   10.593  1.00 84.16  ? 27  ASP A CA  1 
ATOM   56   C C   . ASP A 1 7   ? -51.838 4.954   10.602  1.00 84.58  ? 27  ASP A C   1 
ATOM   57   O O   . ASP A 1 7   ? -51.106 4.264   9.884   1.00 89.58  ? 27  ASP A O   1 
ATOM   58   C CB  . ASP A 1 7   ? -53.801 3.305   10.412  1.00 92.88  ? 27  ASP A CB  1 
ATOM   59   C CG  . ASP A 1 7   ? -53.065 2.293   11.342  1.00 103.67 ? 27  ASP A CG  1 
ATOM   60   O OD1 . ASP A 1 7   ? -52.349 2.700   12.302  1.00 101.51 ? 27  ASP A OD1 1 
ATOM   61   O OD2 . ASP A 1 7   ? -53.214 1.063   11.098  1.00 103.66 ? 27  ASP A OD2 1 
ATOM   62   N N   . LYS A 1 8   ? -51.390 5.918   11.405  1.00 86.72  ? 28  LYS A N   1 
ATOM   63   C CA  . LYS A 1 8   ? -49.969 6.229   11.557  1.00 84.25  ? 28  LYS A CA  1 
ATOM   64   C C   . LYS A 1 8   ? -49.061 4.981   11.746  1.00 87.30  ? 28  LYS A C   1 
ATOM   65   O O   . LYS A 1 8   ? -47.878 5.002   11.358  1.00 90.64  ? 28  LYS A O   1 
ATOM   66   C CB  . LYS A 1 8   ? -49.753 7.263   12.677  1.00 87.77  ? 28  LYS A CB  1 
ATOM   67   C CG  . LYS A 1 8   ? -50.006 8.736   12.323  1.00 87.37  ? 28  LYS A CG  1 
ATOM   68   C CD  . LYS A 1 8   ? -48.869 9.609   12.899  1.00 111.83 ? 28  LYS A CD  1 
ATOM   69   C CE  . LYS A 1 8   ? -49.284 10.955  13.504  1.00 106.95 ? 28  LYS A CE  1 
ATOM   70   N NZ  . LYS A 1 8   ? -50.279 11.680  12.662  1.00 91.94  ? 28  LYS A NZ  1 
ATOM   71   N N   . ALA A 1 9   ? -49.627 3.901   12.296  1.00 82.87  ? 29  ALA A N   1 
ATOM   72   C CA  . ALA A 1 9   ? -48.881 2.672   12.578  1.00 83.33  ? 29  ALA A CA  1 
ATOM   73   C C   . ALA A 1 9   ? -48.472 1.870   11.326  1.00 89.54  ? 29  ALA A C   1 
ATOM   74   O O   . ALA A 1 9   ? -47.400 1.274   11.303  1.00 87.92  ? 29  ALA A O   1 
ATOM   75   C CB  . ALA A 1 9   ? -49.669 1.805   13.538  1.00 83.98  ? 29  ALA A CB  1 
ATOM   76   N N   . HIS A 1 10  ? -49.321 1.844   10.297  1.00 96.58  ? 30  HIS A N   1 
ATOM   77   C CA  . HIS A 1 10  ? -48.966 1.212   9.004   1.00 104.99 ? 30  HIS A CA  1 
ATOM   78   C C   . HIS A 1 10  ? -48.960 2.230   7.849   1.00 100.99 ? 30  HIS A C   1 
ATOM   79   O O   . HIS A 1 10  ? -49.479 1.959   6.754   1.00 94.25  ? 30  HIS A O   1 
ATOM   80   C CB  . HIS A 1 10  ? -49.910 0.054   8.678   1.00 112.49 ? 30  HIS A CB  1 
ATOM   81   C CG  . HIS A 1 10  ? -50.052 -0.931  9.785   1.00 122.96 ? 30  HIS A CG  1 
ATOM   82   N ND1 . HIS A 1 10  ? -51.040 -0.831  10.744  1.00 122.99 ? 30  HIS A ND1 1 
ATOM   83   C CD2 . HIS A 1 10  ? -49.334 -2.037  10.091  1.00 126.18 ? 30  HIS A CD2 1 
ATOM   84   C CE1 . HIS A 1 10  ? -50.928 -1.838  11.593  1.00 130.09 ? 30  HIS A CE1 1 
ATOM   85   N NE2 . HIS A 1 10  ? -49.902 -2.584  11.218  1.00 141.49 ? 30  HIS A NE2 1 
ATOM   86   N N   . THR A 1 11  ? -48.406 3.411   8.135   1.00 91.74  ? 31  THR A N   1 
ATOM   87   C CA  . THR A 1 11  ? -48.172 4.481   7.161   1.00 75.95  ? 31  THR A CA  1 
ATOM   88   C C   . THR A 1 11  ? -46.709 4.909   7.267   1.00 77.05  ? 31  THR A C   1 
ATOM   89   O O   . THR A 1 11  ? -46.111 4.884   8.346   1.00 87.55  ? 31  THR A O   1 
ATOM   90   C CB  . THR A 1 11  ? -49.172 5.653   7.323   1.00 67.66  ? 31  THR A CB  1 
ATOM   91   O OG1 . THR A 1 11  ? -50.477 5.221   6.915   1.00 70.93  ? 31  THR A OG1 1 
ATOM   92   C CG2 . THR A 1 11  ? -48.812 6.830   6.469   1.00 66.07  ? 31  THR A CG2 1 
ATOM   93   N N   . ASP A 1 12  ? -46.129 5.234   6.121   1.00 76.35  ? 32  ASP A N   1 
ATOM   94   C CA  . ASP A 1 12  ? -44.746 5.631   6.028   1.00 76.89  ? 32  ASP A CA  1 
ATOM   95   C C   . ASP A 1 12  ? -44.687 6.782   5.025   1.00 78.37  ? 32  ASP A C   1 
ATOM   96   O O   . ASP A 1 12  ? -44.995 6.595   3.839   1.00 82.50  ? 32  ASP A O   1 
ATOM   97   C CB  . ASP A 1 12  ? -43.870 4.439   5.598   1.00 74.85  ? 32  ASP A CB  1 
ATOM   98   C CG  . ASP A 1 12  ? -42.369 4.767   5.623   1.00 88.64  ? 32  ASP A CG  1 
ATOM   99   O OD1 . ASP A 1 12  ? -41.819 4.794   6.741   1.00 96.97  ? 32  ASP A OD1 1 
ATOM   100  O OD2 . ASP A 1 12  ? -41.736 5.004   4.549   1.00 90.68  ? 32  ASP A OD2 1 
ATOM   101  N N   . VAL A 1 13  ? -44.342 7.977   5.512   1.00 74.26  ? 33  VAL A N   1 
ATOM   102  C CA  . VAL A 1 13  ? -44.177 9.138   4.644   1.00 67.64  ? 33  VAL A CA  1 
ATOM   103  C C   . VAL A 1 13  ? -42.696 9.175   4.302   1.00 73.82  ? 33  VAL A C   1 
ATOM   104  O O   . VAL A 1 13  ? -41.923 9.851   4.974   1.00 88.05  ? 33  VAL A O   1 
ATOM   105  C CB  . VAL A 1 13  ? -44.689 10.427  5.322   1.00 63.49  ? 33  VAL A CB  1 
ATOM   106  C CG1 . VAL A 1 13  ? -44.485 11.644  4.443   1.00 57.32  ? 33  VAL A CG1 1 
ATOM   107  C CG2 . VAL A 1 13  ? -46.161 10.286  5.681   1.00 62.24  ? 33  VAL A CG2 1 
ATOM   108  N N   . GLY A 1 14  ? -42.312 8.412   3.272   1.00 75.94  ? 34  GLY A N   1 
ATOM   109  C CA  . GLY A 1 14  ? -40.904 8.078   2.986   1.00 73.31  ? 34  GLY A CA  1 
ATOM   110  C C   . GLY A 1 14  ? -40.272 8.772   1.789   1.00 73.87  ? 34  GLY A C   1 
ATOM   111  O O   . GLY A 1 14  ? -40.971 9.298   0.921   1.00 75.30  ? 34  GLY A O   1 
ATOM   112  N N   . PHE A 1 15  ? -38.935 8.762   1.757   1.00 72.18  ? 35  PHE A N   1 
ATOM   113  C CA  . PHE A 1 15  ? -38.121 9.345   0.676   1.00 68.58  ? 35  PHE A CA  1 
ATOM   114  C C   . PHE A 1 15  ? -36.759 8.638   0.560   1.00 71.58  ? 35  PHE A C   1 
ATOM   115  O O   . PHE A 1 15  ? -36.268 8.077   1.539   1.00 70.78  ? 35  PHE A O   1 
ATOM   116  C CB  . PHE A 1 15  ? -37.910 10.838  0.913   1.00 69.73  ? 35  PHE A CB  1 
ATOM   117  C CG  . PHE A 1 15  ? -37.090 11.153  2.142   1.00 74.79  ? 35  PHE A CG  1 
ATOM   118  C CD1 . PHE A 1 15  ? -37.698 11.329  3.378   1.00 79.14  ? 35  PHE A CD1 1 
ATOM   119  C CD2 . PHE A 1 15  ? -35.710 11.286  2.063   1.00 77.21  ? 35  PHE A CD2 1 
ATOM   120  C CE1 . PHE A 1 15  ? -36.953 11.616  4.512   1.00 78.74  ? 35  PHE A CE1 1 
ATOM   121  C CE2 . PHE A 1 15  ? -34.963 11.572  3.192   1.00 81.05  ? 35  PHE A CE2 1 
ATOM   122  C CZ  . PHE A 1 15  ? -35.587 11.735  4.417   1.00 78.85  ? 35  PHE A CZ  1 
ATOM   123  N N   . LYS A 1 16  ? -36.154 8.681   -0.630  1.00 71.39  ? 36  LYS A N   1 
ATOM   124  C CA  . LYS A 1 16  ? -34.854 8.060   -0.904  1.00 66.30  ? 36  LYS A CA  1 
ATOM   125  C C   . LYS A 1 16  ? -34.106 9.069   -1.708  1.00 66.08  ? 36  LYS A C   1 
ATOM   126  O O   . LYS A 1 16  ? -34.670 9.650   -2.663  1.00 60.95  ? 36  LYS A O   1 
ATOM   127  C CB  . LYS A 1 16  ? -34.974 6.803   -1.763  1.00 74.32  ? 36  LYS A CB  1 
ATOM   128  C CG  . LYS A 1 16  ? -35.118 5.499   -1.011  1.00 89.32  ? 36  LYS A CG  1 
ATOM   129  C CD  . LYS A 1 16  ? -35.146 4.323   -1.994  1.00 111.48 ? 36  LYS A CD  1 
ATOM   130  C CE  . LYS A 1 16  ? -35.925 3.113   -1.454  1.00 123.77 ? 36  LYS A CE  1 
ATOM   131  N NZ  . LYS A 1 16  ? -35.946 1.933   -2.378  1.00 117.35 ? 36  LYS A NZ  1 
ATOM   132  N N   . ILE A 1 17  ? -32.845 9.288   -1.332  1.00 57.40  ? 37  ILE A N   1 
ATOM   133  C CA  . ILE A 1 17  ? -31.977 10.158  -2.123  1.00 58.88  ? 37  ILE A CA  1 
ATOM   134  C C   . ILE A 1 17  ? -30.553 9.613   -2.154  1.00 66.50  ? 37  ILE A C   1 
ATOM   135  O O   . ILE A 1 17  ? -30.016 9.127   -1.129  1.00 67.65  ? 37  ILE A O   1 
ATOM   136  C CB  . ILE A 1 17  ? -32.043 11.645  -1.669  1.00 57.50  ? 37  ILE A CB  1 
ATOM   137  C CG1 . ILE A 1 17  ? -31.272 12.536  -2.636  1.00 55.97  ? 37  ILE A CG1 1 
ATOM   138  C CG2 . ILE A 1 17  ? -31.617 11.842  -0.204  1.00 53.87  ? 37  ILE A CG2 1 
ATOM   139  C CD1 . ILE A 1 17  ? -31.404 13.993  -2.308  1.00 54.73  ? 37  ILE A CD1 1 
ATOM   140  N N   . LYS A 1 18  ? -29.961 9.697   -3.339  1.00 66.74  ? 38  LYS A N   1 
ATOM   141  C CA  . LYS A 1 18  ? -28.665 9.107   -3.583  1.00 74.51  ? 38  LYS A CA  1 
ATOM   142  C C   . LYS A 1 18  ? -27.569 10.106  -3.183  1.00 80.91  ? 38  LYS A C   1 
ATOM   143  O O   . LYS A 1 18  ? -27.602 11.280  -3.614  1.00 76.87  ? 38  LYS A O   1 
ATOM   144  C CB  . LYS A 1 18  ? -28.553 8.722   -5.072  1.00 82.32  ? 38  LYS A CB  1 
ATOM   145  C CG  . LYS A 1 18  ? -28.994 7.301   -5.426  1.00 83.36  ? 38  LYS A CG  1 
ATOM   146  C CD  . LYS A 1 18  ? -29.245 7.171   -6.932  1.00 100.25 ? 38  LYS A CD  1 
ATOM   147  C CE  . LYS A 1 18  ? -29.498 5.722   -7.380  1.00 116.01 ? 38  LYS A CE  1 
ATOM   148  N NZ  . LYS A 1 18  ? -30.923 5.256   -7.288  1.00 116.41 ? 38  LYS A NZ  1 
ATOM   149  N N   . HIS A 1 19  ? -26.617 9.662   -2.353  1.00 73.69  ? 39  HIS A N   1 
ATOM   150  C CA  . HIS A 1 19  ? -25.364 10.419  -2.199  1.00 77.89  ? 39  HIS A CA  1 
ATOM   151  C C   . HIS A 1 19  ? -24.051 9.630   -2.306  1.00 82.05  ? 39  HIS A C   1 
ATOM   152  O O   . HIS A 1 19  ? -24.004 8.410   -2.091  1.00 82.00  ? 39  HIS A O   1 
ATOM   153  C CB  . HIS A 1 19  ? -25.379 11.316  -0.944  1.00 79.38  ? 39  HIS A CB  1 
ATOM   154  C CG  . HIS A 1 19  ? -25.072 10.605  0.337   1.00 79.87  ? 39  HIS A CG  1 
ATOM   155  N ND1 . HIS A 1 19  ? -25.484 9.311   0.601   1.00 80.51  ? 39  HIS A ND1 1 
ATOM   156  C CD2 . HIS A 1 19  ? -24.415 11.026  1.447   1.00 85.16  ? 39  HIS A CD2 1 
ATOM   157  C CE1 . HIS A 1 19  ? -25.074 8.954   1.805   1.00 80.04  ? 39  HIS A CE1 1 
ATOM   158  N NE2 . HIS A 1 19  ? -24.427 9.978   2.341   1.00 96.24  ? 39  HIS A NE2 1 
ATOM   159  N N   . LEU A 1 20  ? -22.995 10.373  -2.628  1.00 77.87  ? 40  LEU A N   1 
ATOM   160  C CA  . LEU A 1 20  ? -21.634 9.886   -2.649  1.00 73.46  ? 40  LEU A CA  1 
ATOM   161  C C   . LEU A 1 20  ? -20.970 9.996   -1.290  1.00 75.86  ? 40  LEU A C   1 
ATOM   162  O O   . LEU A 1 20  ? -21.279 10.893  -0.528  1.00 97.16  ? 40  LEU A O   1 
ATOM   163  C CB  . LEU A 1 20  ? -20.863 10.691  -3.666  1.00 67.93  ? 40  LEU A CB  1 
ATOM   164  C CG  . LEU A 1 20  ? -21.369 10.493  -5.099  1.00 73.48  ? 40  LEU A CG  1 
ATOM   165  C CD1 . LEU A 1 20  ? -20.426 11.186  -6.073  1.00 69.24  ? 40  LEU A CD1 1 
ATOM   166  C CD2 . LEU A 1 20  ? -21.512 9.015   -5.454  1.00 72.17  ? 40  LEU A CD2 1 
ATOM   167  N N   . GLN A 1 21  ? -20.088 9.051   -0.981  1.00 85.73  ? 41  GLN A N   1 
ATOM   168  C CA  . GLN A 1 21  ? -19.212 9.096   0.203   1.00 83.43  ? 41  GLN A CA  1 
ATOM   169  C C   . GLN A 1 21  ? -17.811 8.642   -0.170  1.00 85.93  ? 41  GLN A C   1 
ATOM   170  O O   . GLN A 1 21  ? -17.621 7.558   -0.737  1.00 92.85  ? 41  GLN A O   1 
ATOM   171  C CB  . GLN A 1 21  ? -19.727 8.209   1.317   1.00 76.93  ? 41  GLN A CB  1 
ATOM   172  C CG  . GLN A 1 21  ? -21.078 8.625   1.833   1.00 91.17  ? 41  GLN A CG  1 
ATOM   173  C CD  . GLN A 1 21  ? -21.412 7.955   3.140   1.00 100.98 ? 41  GLN A CD  1 
ATOM   174  O OE1 . GLN A 1 21  ? -21.840 6.801   3.167   1.00 97.51  ? 41  GLN A OE1 1 
ATOM   175  N NE2 . GLN A 1 21  ? -21.227 8.681   4.240   1.00 112.59 ? 41  GLN A NE2 1 
ATOM   176  N N   . ILE A 1 22  ? -16.837 9.486   0.140   1.00 87.28  ? 42  ILE A N   1 
ATOM   177  C CA  . ILE A 1 22  ? -15.426 9.169   -0.055  1.00 82.18  ? 42  ILE A CA  1 
ATOM   178  C C   . ILE A 1 22  ? -14.965 8.337   1.145   1.00 80.35  ? 42  ILE A C   1 
ATOM   179  O O   . ILE A 1 22  ? -15.371 8.603   2.270   1.00 86.89  ? 42  ILE A O   1 
ATOM   180  C CB  . ILE A 1 22  ? -14.617 10.467  -0.269  1.00 81.57  ? 42  ILE A CB  1 
ATOM   181  C CG1 . ILE A 1 22  ? -13.225 10.176  -0.852  1.00 86.23  ? 42  ILE A CG1 1 
ATOM   182  C CG2 . ILE A 1 22  ? -14.609 11.327  0.997   1.00 88.55  ? 42  ILE A CG2 1 
ATOM   183  C CD1 . ILE A 1 22  ? -12.646 11.290  -1.722  1.00 79.65  ? 42  ILE A CD1 1 
ATOM   184  N N   . SER A 1 23  ? -14.210 7.271   0.888   1.00 91.03  ? 43  SER A N   1 
ATOM   185  C CA  . SER A 1 23  ? -13.568 6.471   1.950   1.00 92.92  ? 43  SER A CA  1 
ATOM   186  C C   . SER A 1 23  ? -12.215 5.908   1.465   1.00 98.14  ? 43  SER A C   1 
ATOM   187  O O   . SER A 1 23  ? -12.029 5.642   0.264   1.00 98.48  ? 43  SER A O   1 
ATOM   188  C CB  . SER A 1 23  ? -14.503 5.379   2.511   1.00 77.55  ? 43  SER A CB  1 
ATOM   189  O OG  . SER A 1 23  ? -14.590 4.268   1.644   1.00 87.29  ? 43  SER A OG  1 
ATOM   190  N N   . ASN A 1 24  ? -11.270 5.780   2.401   1.00 102.42 ? 44  ASN A N   1 
ATOM   191  C CA  . ASN A 1 24  ? -9.958  5.177   2.151   1.00 95.44  ? 44  ASN A CA  1 
ATOM   192  C C   . ASN A 1 24  ? -10.073 3.675   2.200   1.00 87.14  ? 44  ASN A C   1 
ATOM   193  O O   . ASN A 1 24  ? -10.555 3.143   3.203   1.00 92.86  ? 44  ASN A O   1 
ATOM   194  C CB  . ASN A 1 24  ? -8.962  5.580   3.250   1.00 106.62 ? 44  ASN A CB  1 
ATOM   195  C CG  . ASN A 1 24  ? -8.207  6.857   2.936   1.00 121.74 ? 44  ASN A CG  1 
ATOM   196  O OD1 . ASN A 1 24  ? -8.088  7.266   1.779   1.00 126.24 ? 44  ASN A OD1 1 
ATOM   197  N ND2 . ASN A 1 24  ? -7.678  7.492   3.982   1.00 137.16 ? 44  ASN A ND2 1 
ATOM   198  N N   . VAL A 1 25  ? -9.630  2.982   1.151   1.00 79.49  ? 45  VAL A N   1 
ATOM   199  C CA  . VAL A 1 25  ? -9.280  1.567   1.323   1.00 80.48  ? 45  VAL A CA  1 
ATOM   200  C C   . VAL A 1 25  ? -7.854  1.489   1.872   1.00 84.42  ? 45  VAL A C   1 
ATOM   201  O O   . VAL A 1 25  ? -6.919  2.015   1.230   1.00 82.95  ? 45  VAL A O   1 
ATOM   202  C CB  . VAL A 1 25  ? -9.354  0.760   0.029   1.00 78.73  ? 45  VAL A CB  1 
ATOM   203  C CG1 . VAL A 1 25  ? -9.369  -0.725  0.368   1.00 73.46  ? 45  VAL A CG1 1 
ATOM   204  C CG2 . VAL A 1 25  ? -10.596 1.133   -0.742  1.00 72.34  ? 45  VAL A CG2 1 
ATOM   205  N N   . LYS A 1 26  ? -7.723  0.902   3.074   1.00 77.63  ? 46  LYS A N   1 
ATOM   206  C CA  . LYS A 1 26  ? -6.430  0.502   3.678   1.00 78.48  ? 46  LYS A CA  1 
ATOM   207  C C   . LYS A 1 26  ? -6.221  -0.998  3.406   1.00 84.86  ? 46  LYS A C   1 
ATOM   208  O O   . LYS A 1 26  ? -7.178  -1.714  3.104   1.00 95.19  ? 46  LYS A O   1 
ATOM   209  C CB  . LYS A 1 26  ? -6.352  0.819   5.186   1.00 64.92  ? 46  LYS A CB  1 
ATOM   210  N N   . GLY A 1 27  ? -4.978  -1.467  3.475   1.00 89.66  ? 47  GLY A N   1 
ATOM   211  C CA  . GLY A 1 27  ? -4.644  -2.817  3.047   1.00 79.52  ? 47  GLY A CA  1 
ATOM   212  C C   . GLY A 1 27  ? -3.166  -3.029  3.136   1.00 83.45  ? 47  GLY A C   1 
ATOM   213  O O   . GLY A 1 27  ? -2.398  -2.088  2.942   1.00 85.67  ? 47  GLY A O   1 
ATOM   214  N N   . ASN A 1 28  ? -2.777  -4.257  3.480   1.00 85.73  ? 48  ASN A N   1 
ATOM   215  C CA  . ASN A 1 28  ? -1.375  -4.707  3.435   1.00 82.03  ? 48  ASN A CA  1 
ATOM   216  C C   . ASN A 1 28  ? -1.238  -5.956  2.553   1.00 83.78  ? 48  ASN A C   1 
ATOM   217  O O   . ASN A 1 28  ? -2.147  -6.293  1.767   1.00 83.01  ? 48  ASN A O   1 
ATOM   218  C CB  . ASN A 1 28  ? -0.849  -4.996  4.841   1.00 76.68  ? 48  ASN A CB  1 
ATOM   219  C CG  . ASN A 1 28  ? -1.752  -5.925  5.616   1.00 82.94  ? 48  ASN A CG  1 
ATOM   220  O OD1 . ASN A 1 28  ? -2.619  -6.588  5.047   1.00 86.21  ? 48  ASN A OD1 1 
ATOM   221  N ND2 . ASN A 1 28  ? -1.563  -5.976  6.930   1.00 91.57  ? 48  ASN A ND2 1 
ATOM   222  N N   . PHE A 1 29  ? -0.102  -6.633  2.682   1.00 74.78  ? 49  PHE A N   1 
ATOM   223  C CA  . PHE A 1 29  ? 0.076   -7.926  2.055   1.00 74.79  ? 49  PHE A CA  1 
ATOM   224  C C   . PHE A 1 29  ? 0.634   -8.867  3.115   1.00 84.93  ? 49  PHE A C   1 
ATOM   225  O O   . PHE A 1 29  ? 1.651   -8.536  3.753   1.00 84.18  ? 49  PHE A O   1 
ATOM   226  C CB  . PHE A 1 29  ? 1.027   -7.811  0.871   1.00 70.26  ? 49  PHE A CB  1 
ATOM   227  C CG  . PHE A 1 29  ? 0.504   -6.970  -0.259  1.00 71.88  ? 49  PHE A CG  1 
ATOM   228  C CD1 . PHE A 1 29  ? 0.724   -5.595  -0.292  1.00 73.93  ? 49  PHE A CD1 1 
ATOM   229  C CD2 . PHE A 1 29  ? -0.190  -7.548  -1.315  1.00 70.01  ? 49  PHE A CD2 1 
ATOM   230  C CE1 . PHE A 1 29  ? 0.247   -4.814  -1.349  1.00 70.73  ? 49  PHE A CE1 1 
ATOM   231  C CE2 . PHE A 1 29  ? -0.665  -6.764  -2.372  1.00 69.02  ? 49  PHE A CE2 1 
ATOM   232  C CZ  . PHE A 1 29  ? -0.447  -5.400  -2.391  1.00 67.20  ? 49  PHE A CZ  1 
ATOM   233  N N   . LYS A 1 30  ? -0.044  -10.010 3.323   1.00 87.48  ? 50  LYS A N   1 
ATOM   234  C CA  . LYS A 1 30  ? 0.364   -11.014 4.326   1.00 89.49  ? 50  LYS A CA  1 
ATOM   235  C C   . LYS A 1 30  ? 1.716   -11.670 3.951   1.00 92.47  ? 50  LYS A C   1 
ATOM   236  O O   . LYS A 1 30  ? 2.531   -11.984 4.835   1.00 90.04  ? 50  LYS A O   1 
ATOM   237  C CB  . LYS A 1 30  ? -0.747  -12.050 4.592   1.00 85.71  ? 50  LYS A CB  1 
ATOM   238  N N   . ASP A 1 31  ? 1.988   -11.793 2.648   1.00 87.05  ? 51  ASP A N   1 
ATOM   239  C CA  . ASP A 1 31  ? 3.187   -12.491 2.182   1.00 94.39  ? 51  ASP A CA  1 
ATOM   240  C C   . ASP A 1 31  ? 4.120   -11.757 1.190   1.00 85.28  ? 51  ASP A C   1 
ATOM   241  O O   . ASP A 1 31  ? 3.724   -11.391 0.067   1.00 87.44  ? 51  ASP A O   1 
ATOM   242  C CB  . ASP A 1 31  ? 2.800   -13.868 1.634   1.00 114.83 ? 51  ASP A CB  1 
ATOM   243  C CG  . ASP A 1 31  ? 3.954   -14.816 1.636   1.00 130.78 ? 51  ASP A CG  1 
ATOM   244  O OD1 . ASP A 1 31  ? 4.650   -14.921 2.689   1.00 140.34 ? 51  ASP A OD1 1 
ATOM   245  O OD2 . ASP A 1 31  ? 4.168   -15.432 0.571   1.00 140.69 ? 51  ASP A OD2 1 
ATOM   246  N N   . TYR A 1 32  ? 5.373   -11.599 1.610   1.00 67.96  ? 52  TYR A N   1 
ATOM   247  C CA  . TYR A 1 32  ? 6.361   -10.774 0.899   1.00 69.96  ? 52  TYR A CA  1 
ATOM   248  C C   . TYR A 1 32  ? 7.726   -11.162 1.425   1.00 68.57  ? 52  TYR A C   1 
ATOM   249  O O   . TYR A 1 32  ? 7.842   -11.683 2.537   1.00 69.89  ? 52  TYR A O   1 
ATOM   250  C CB  . TYR A 1 32  ? 6.139   -9.267  1.198   1.00 70.54  ? 52  TYR A CB  1 
ATOM   251  C CG  . TYR A 1 32  ? 6.070   -8.949  2.703   1.00 68.46  ? 52  TYR A CG  1 
ATOM   252  C CD1 . TYR A 1 32  ? 4.856   -9.080  3.406   1.00 73.48  ? 52  TYR A CD1 1 
ATOM   253  C CD2 . TYR A 1 32  ? 7.209   -8.549  3.431   1.00 60.83  ? 52  TYR A CD2 1 
ATOM   254  C CE1 . TYR A 1 32  ? 4.769   -8.829  4.776   1.00 74.16  ? 52  TYR A CE1 1 
ATOM   255  C CE2 . TYR A 1 32  ? 7.123   -8.307  4.807   1.00 63.65  ? 52  TYR A CE2 1 
ATOM   256  C CZ  . TYR A 1 32  ? 5.900   -8.446  5.466   1.00 68.51  ? 52  TYR A CZ  1 
ATOM   257  O OH  . TYR A 1 32  ? 5.766   -8.215  6.814   1.00 80.00  ? 52  TYR A OH  1 
ATOM   258  N N   . SER A 1 33  ? 8.767   -10.887 0.664   1.00 66.70  ? 53  SER A N   1 
ATOM   259  C CA  . SER A 1 33  ? 10.117  -11.032 1.200   1.00 82.13  ? 53  SER A CA  1 
ATOM   260  C C   . SER A 1 33  ? 10.930  -9.765  0.934   1.00 89.01  ? 53  SER A C   1 
ATOM   261  O O   . SER A 1 33  ? 10.601  -8.988  0.024   1.00 95.68  ? 53  SER A O   1 
ATOM   262  C CB  . SER A 1 33  ? 10.822  -12.242 0.573   1.00 84.96  ? 53  SER A CB  1 
ATOM   263  O OG  . SER A 1 33  ? 11.612  -11.856 -0.552  1.00 87.22  ? 53  SER A OG  1 
ATOM   264  N N   . ALA A 1 34  ? 11.998  -9.575  1.708   1.00 83.94  ? 54  ALA A N   1 
ATOM   265  C CA  . ALA A 1 34  ? 12.925  -8.482  1.454   1.00 77.79  ? 54  ALA A CA  1 
ATOM   266  C C   . ALA A 1 34  ? 14.333  -8.841  1.836   1.00 72.58  ? 54  ALA A C   1 
ATOM   267  O O   . ALA A 1 34  ? 14.551  -9.633  2.758   1.00 75.96  ? 54  ALA A O   1 
ATOM   268  C CB  . ALA A 1 34  ? 12.495  -7.211  2.197   1.00 77.96  ? 54  ALA A CB  1 
ATOM   269  N N   . VAL A 1 35  ? 15.260  -8.205  1.123   1.00 70.02  ? 55  VAL A N   1 
ATOM   270  C CA  . VAL A 1 35  ? 16.692  -8.129  1.425   1.00 70.46  ? 55  VAL A CA  1 
ATOM   271  C C   . VAL A 1 35  ? 17.052  -6.689  1.856   1.00 71.06  ? 55  VAL A C   1 
ATOM   272  O O   . VAL A 1 35  ? 16.934  -5.744  1.076   1.00 77.47  ? 55  VAL A O   1 
ATOM   273  C CB  . VAL A 1 35  ? 17.496  -8.547  0.169   1.00 76.68  ? 55  VAL A CB  1 
ATOM   274  C CG1 . VAL A 1 35  ? 18.998  -8.275  0.287   1.00 65.44  ? 55  VAL A CG1 1 
ATOM   275  C CG2 . VAL A 1 35  ? 17.215  -10.008 -0.148  1.00 82.07  ? 55  VAL A CG2 1 
ATOM   276  N N   . ILE A 1 36  ? 17.478  -6.531  3.105   1.00 72.65  ? 56  ILE A N   1 
ATOM   277  C CA  . ILE A 1 36  ? 17.838  -5.223  3.678   1.00 67.36  ? 56  ILE A CA  1 
ATOM   278  C C   . ILE A 1 36  ? 19.327  -5.080  4.138   1.00 71.98  ? 56  ILE A C   1 
ATOM   279  O O   . ILE A 1 36  ? 19.766  -5.723  5.109   1.00 76.19  ? 56  ILE A O   1 
ATOM   280  C CB  . ILE A 1 36  ? 16.892  -4.890  4.835   1.00 65.96  ? 56  ILE A CB  1 
ATOM   281  C CG1 . ILE A 1 36  ? 15.450  -5.257  4.467   1.00 62.80  ? 56  ILE A CG1 1 
ATOM   282  C CG2 . ILE A 1 36  ? 17.047  -3.422  5.200   1.00 68.34  ? 56  ILE A CG2 1 
ATOM   283  C CD1 . ILE A 1 36  ? 14.461  -5.219  5.621   1.00 63.58  ? 56  ILE A CD1 1 
ATOM   284  N N   . ASP A 1 37  ? 20.080  -4.243  3.424   1.00 69.12  ? 57  ASP A N   1 
ATOM   285  C CA  . ASP A 1 37  ? 21.448  -3.863  3.787   1.00 74.15  ? 57  ASP A CA  1 
ATOM   286  C C   . ASP A 1 37  ? 21.495  -2.428  4.263   1.00 80.24  ? 57  ASP A C   1 
ATOM   287  O O   . ASP A 1 37  ? 21.288  -1.495  3.468   1.00 82.84  ? 57  ASP A O   1 
ATOM   288  C CB  . ASP A 1 37  ? 22.398  -3.945  2.595   1.00 73.60  ? 57  ASP A CB  1 
ATOM   289  C CG  . ASP A 1 37  ? 22.712  -5.375  2.174   1.00 85.28  ? 57  ASP A CG  1 
ATOM   290  O OD1 . ASP A 1 37  ? 22.165  -6.345  2.792   1.00 74.92  ? 57  ASP A OD1 1 
ATOM   291  O OD2 . ASP A 1 37  ? 23.522  -5.498  1.203   1.00 77.18  ? 57  ASP A OD2 1 
ATOM   292  N N   . PHE A 1 38  ? 21.829  -2.265  5.540   1.00 75.74  ? 58  PHE A N   1 
ATOM   293  C CA  . PHE A 1 38  ? 21.830  -0.972  6.204   1.00 79.13  ? 58  PHE A CA  1 
ATOM   294  C C   . PHE A 1 38  ? 23.050  -0.797  7.100   1.00 80.32  ? 58  PHE A C   1 
ATOM   295  O O   . PHE A 1 38  ? 23.388  -1.694  7.873   1.00 88.58  ? 58  PHE A O   1 
ATOM   296  C CB  . PHE A 1 38  ? 20.547  -0.845  7.039   1.00 78.74  ? 58  PHE A CB  1 
ATOM   297  C CG  . PHE A 1 38  ? 20.376  0.483   7.689   1.00 78.03  ? 58  PHE A CG  1 
ATOM   298  C CD1 . PHE A 1 38  ? 20.046  1.610   6.929   1.00 72.18  ? 58  PHE A CD1 1 
ATOM   299  C CD2 . PHE A 1 38  ? 20.547  0.613   9.066   1.00 79.94  ? 58  PHE A CD2 1 
ATOM   300  C CE1 . PHE A 1 38  ? 19.886  2.836   7.543   1.00 77.11  ? 58  PHE A CE1 1 
ATOM   301  C CE2 . PHE A 1 38  ? 20.388  1.843   9.681   1.00 78.70  ? 58  PHE A CE2 1 
ATOM   302  C CZ  . PHE A 1 38  ? 20.060  2.956   8.918   1.00 74.41  ? 58  PHE A CZ  1 
ATOM   303  N N   . ASP A 1 39  ? 23.665  0.381   7.022   1.00 79.22  ? 59  ASP A N   1 
ATOM   304  C CA  . ASP A 1 39  ? 24.870  0.733   7.792   1.00 73.40  ? 59  ASP A CA  1 
ATOM   305  C C   . ASP A 1 39  ? 24.573  1.664   8.953   1.00 78.52  ? 59  ASP A C   1 
ATOM   306  O O   . ASP A 1 39  ? 24.543  2.893   8.762   1.00 84.71  ? 59  ASP A O   1 
ATOM   307  C CB  . ASP A 1 39  ? 25.913  1.405   6.893   1.00 70.95  ? 59  ASP A CB  1 
ATOM   308  C CG  . ASP A 1 39  ? 27.239  1.626   7.587   1.00 71.88  ? 59  ASP A CG  1 
ATOM   309  O OD1 . ASP A 1 39  ? 27.511  1.035   8.673   1.00 72.97  ? 59  ASP A OD1 1 
ATOM   310  O OD2 . ASP A 1 39  ? 28.020  2.398   7.015   1.00 70.62  ? 59  ASP A OD2 1 
ATOM   311  N N   . PRO A 1 40  ? 24.435  1.108   10.171  1.00 75.62  ? 60  PRO A N   1 
ATOM   312  C CA  . PRO A 1 40  ? 24.089  1.972   11.299  1.00 74.03  ? 60  PRO A CA  1 
ATOM   313  C C   . PRO A 1 40  ? 25.153  3.039   11.630  1.00 67.98  ? 60  PRO A C   1 
ATOM   314  O O   . PRO A 1 40  ? 24.832  4.043   12.244  1.00 72.34  ? 60  PRO A O   1 
ATOM   315  C CB  . PRO A 1 40  ? 23.884  0.983   12.459  1.00 76.54  ? 60  PRO A CB  1 
ATOM   316  C CG  . PRO A 1 40  ? 23.965  -0.382  11.849  1.00 71.41  ? 60  PRO A CG  1 
ATOM   317  C CD  . PRO A 1 40  ? 24.810  -0.235  10.631  1.00 69.86  ? 60  PRO A CD  1 
ATOM   318  N N   . ALA A 1 41  ? 26.391  2.851   11.186  1.00 67.19  ? 61  ALA A N   1 
ATOM   319  C CA  . ALA A 1 41  ? 27.410  3.891   11.357  1.00 76.31  ? 61  ALA A CA  1 
ATOM   320  C C   . ALA A 1 41  ? 27.078  5.210   10.645  1.00 79.84  ? 61  ALA A C   1 
ATOM   321  O O   . ALA A 1 41  ? 27.470  6.293   11.100  1.00 77.52  ? 61  ALA A O   1 
ATOM   322  C CB  . ALA A 1 41  ? 28.779  3.386   10.913  1.00 80.76  ? 61  ALA A CB  1 
ATOM   323  N N   . SER A 1 42  ? 26.390  5.111   9.510   1.00 83.14  ? 62  SER A N   1 
ATOM   324  C CA  . SER A 1 42  ? 26.137  6.288   8.680   1.00 77.23  ? 62  SER A CA  1 
ATOM   325  C C   . SER A 1 42  ? 24.648  6.529   8.428   1.00 72.37  ? 62  SER A C   1 
ATOM   326  O O   . SER A 1 42  ? 24.292  7.539   7.839   1.00 73.12  ? 62  SER A O   1 
ATOM   327  C CB  . SER A 1 42  ? 26.935  6.227   7.378   1.00 64.35  ? 62  SER A CB  1 
ATOM   328  O OG  . SER A 1 42  ? 26.535  5.096   6.639   1.00 74.29  ? 62  SER A OG  1 
ATOM   329  N N   . ALA A 1 43  ? 23.794  5.634   8.932   1.00 72.44  ? 63  ALA A N   1 
ATOM   330  C CA  . ALA A 1 43  ? 22.341  5.629   8.667   1.00 70.66  ? 63  ALA A CA  1 
ATOM   331  C C   . ALA A 1 43  ? 21.990  5.806   7.174   1.00 71.18  ? 63  ALA A C   1 
ATOM   332  O O   . ALA A 1 43  ? 21.200  6.695   6.797   1.00 81.88  ? 63  ALA A O   1 
ATOM   333  C CB  . ALA A 1 43  ? 21.624  6.649   9.543   1.00 76.64  ? 63  ALA A CB  1 
ATOM   334  N N   . GLU A 1 44  ? 22.641  4.968   6.358   1.00 66.10  ? 64  GLU A N   1 
ATOM   335  C CA  . GLU A 1 44  ? 22.439  4.812   4.917   1.00 66.25  ? 64  GLU A CA  1 
ATOM   336  C C   . GLU A 1 44  ? 21.980  3.416   4.561   1.00 71.16  ? 64  GLU A C   1 
ATOM   337  O O   . GLU A 1 44  ? 22.495  2.429   5.086   1.00 69.18  ? 64  GLU A O   1 
ATOM   338  C CB  . GLU A 1 44  ? 23.710  5.109   4.175   1.00 61.37  ? 64  GLU A CB  1 
ATOM   339  C CG  . GLU A 1 44  ? 24.068  6.549   4.426   1.00 71.64  ? 64  GLU A CG  1 
ATOM   340  C CD  . GLU A 1 44  ? 25.233  7.022   3.626   1.00 82.66  ? 64  GLU A CD  1 
ATOM   341  O OE1 . GLU A 1 44  ? 26.220  6.273   3.523   1.00 104.41 ? 64  GLU A OE1 1 
ATOM   342  O OE2 . GLU A 1 44  ? 25.165  8.156   3.126   1.00 86.96  ? 64  GLU A OE2 1 
ATOM   343  N N   . PHE A 1 45  ? 20.975  3.339   3.691   1.00 70.43  ? 65  PHE A N   1 
ATOM   344  C CA  . PHE A 1 45  ? 20.605  2.067   3.122   1.00 61.17  ? 65  PHE A CA  1 
ATOM   345  C C   . PHE A 1 45  ? 21.545  1.777   1.963   1.00 63.23  ? 65  PHE A C   1 
ATOM   346  O O   . PHE A 1 45  ? 22.012  2.708   1.263   1.00 59.61  ? 65  PHE A O   1 
ATOM   347  C CB  . PHE A 1 45  ? 19.182  2.089   2.686   1.00 54.44  ? 65  PHE A CB  1 
ATOM   348  C CG  . PHE A 1 45  ? 18.199  1.993   3.815   1.00 53.16  ? 65  PHE A CG  1 
ATOM   349  C CD1 . PHE A 1 45  ? 17.761  3.121   4.470   1.00 55.23  ? 65  PHE A CD1 1 
ATOM   350  C CD2 . PHE A 1 45  ? 17.653  0.768   4.180   1.00 53.59  ? 65  PHE A CD2 1 
ATOM   351  C CE1 . PHE A 1 45  ? 16.810  3.025   5.500   1.00 61.62  ? 65  PHE A CE1 1 
ATOM   352  C CE2 . PHE A 1 45  ? 16.696  0.655   5.206   1.00 60.39  ? 65  PHE A CE2 1 
ATOM   353  C CZ  . PHE A 1 45  ? 16.268  1.790   5.870   1.00 58.99  ? 65  PHE A CZ  1 
ATOM   354  N N   . LYS A 1 46  ? 21.870  0.489   1.806   1.00 69.06  ? 66  LYS A N   1 
ATOM   355  C CA  . LYS A 1 46  ? 22.879  0.014   0.820   1.00 74.72  ? 66  LYS A CA  1 
ATOM   356  C C   . LYS A 1 46  ? 22.197  -0.769  -0.296  1.00 69.08  ? 66  LYS A C   1 
ATOM   357  O O   . LYS A 1 46  ? 22.587  -0.674  -1.471  1.00 60.38  ? 66  LYS A O   1 
ATOM   358  C CB  . LYS A 1 46  ? 23.966  -0.853  1.504   1.00 88.14  ? 66  LYS A CB  1 
ATOM   359  C CG  . LYS A 1 46  ? 24.854  -0.143  2.539   1.00 97.07  ? 66  LYS A CG  1 
ATOM   360  C CD  . LYS A 1 46  ? 25.986  0.643   1.878   1.00 100.55 ? 66  LYS A CD  1 
ATOM   361  C CE  . LYS A 1 46  ? 26.297  1.925   2.630   1.00 102.63 ? 66  LYS A CE  1 
ATOM   362  N NZ  . LYS A 1 46  ? 27.398  2.694   1.983   1.00 112.48 ? 66  LYS A NZ  1 
ATOM   363  N N   . LYS A 1 47  ? 21.161  -1.514  0.096   1.00 60.00  ? 67  LYS A N   1 
ATOM   364  C CA  . LYS A 1 47  ? 20.394  -2.336  -0.790  1.00 63.61  ? 67  LYS A CA  1 
ATOM   365  C C   . LYS A 1 47  ? 19.049  -2.553  -0.084  1.00 66.88  ? 67  LYS A C   1 
ATOM   366  O O   . LYS A 1 47  ? 19.000  -2.889  1.112   1.00 66.26  ? 67  LYS A O   1 
ATOM   367  C CB  . LYS A 1 47  ? 21.167  -3.639  -0.972  1.00 69.79  ? 67  LYS A CB  1 
ATOM   368  C CG  . LYS A 1 47  ? 20.689  -4.691  -1.957  1.00 80.52  ? 67  LYS A CG  1 
ATOM   369  C CD  . LYS A 1 47  ? 21.540  -5.945  -1.747  1.00 85.20  ? 67  LYS A CD  1 
ATOM   370  C CE  . LYS A 1 47  ? 21.008  -7.177  -2.457  1.00 101.79 ? 67  LYS A CE  1 
ATOM   371  N NZ  . LYS A 1 47  ? 21.419  -7.207  -3.892  1.00 116.77 ? 67  LYS A NZ  1 
ATOM   372  N N   . LEU A 1 48  ? 17.957  -2.310  -0.804  1.00 68.18  ? 68  LEU A N   1 
ATOM   373  C CA  . LEU A 1 48  ? 16.622  -2.726  -0.339  1.00 66.32  ? 68  LEU A CA  1 
ATOM   374  C C   . LEU A 1 48  ? 15.839  -3.236  -1.546  1.00 70.31  ? 68  LEU A C   1 
ATOM   375  O O   . LEU A 1 48  ? 15.608  -2.504  -2.513  1.00 74.35  ? 68  LEU A O   1 
ATOM   376  C CB  . LEU A 1 48  ? 15.888  -1.598  0.364   1.00 60.75  ? 68  LEU A CB  1 
ATOM   377  C CG  . LEU A 1 48  ? 14.537  -1.976  0.925   1.00 64.58  ? 68  LEU A CG  1 
ATOM   378  C CD1 . LEU A 1 48  ? 14.717  -2.316  2.378   1.00 76.31  ? 68  LEU A CD1 1 
ATOM   379  C CD2 . LEU A 1 48  ? 13.691  -0.749  0.863   1.00 68.79  ? 68  LEU A CD2 1 
ATOM   380  N N   . ASP A 1 49  ? 15.498  -4.517  -1.486  1.00 69.30  ? 69  ASP A N   1 
ATOM   381  C CA  . ASP A 1 49  ? 14.830  -5.241  -2.558  1.00 65.16  ? 69  ASP A CA  1 
ATOM   382  C C   . ASP A 1 49  ? 13.673  -5.988  -1.925  1.00 65.87  ? 69  ASP A C   1 
ATOM   383  O O   . ASP A 1 49  ? 13.870  -6.742  -0.976  1.00 70.89  ? 69  ASP A O   1 
ATOM   384  C CB  . ASP A 1 49  ? 15.784  -6.211  -3.252  1.00 65.88  ? 69  ASP A CB  1 
ATOM   385  C CG  . ASP A 1 49  ? 16.919  -5.504  -4.030  1.00 78.15  ? 69  ASP A CG  1 
ATOM   386  O OD1 . ASP A 1 49  ? 16.769  -4.358  -4.515  1.00 85.24  ? 69  ASP A OD1 1 
ATOM   387  O OD2 . ASP A 1 49  ? 17.999  -6.116  -4.180  1.00 82.75  ? 69  ASP A OD2 1 
ATOM   388  N N   . VAL A 1 50  ? 12.464  -5.721  -2.406  1.00 66.10  ? 70  VAL A N   1 
ATOM   389  C CA  . VAL A 1 50  ? 11.247  -6.315  -1.846  1.00 67.51  ? 70  VAL A CA  1 
ATOM   390  C C   . VAL A 1 50  ? 10.476  -7.022  -2.972  1.00 71.69  ? 70  VAL A C   1 
ATOM   391  O O   . VAL A 1 50  ? 10.435  -6.525  -4.109  1.00 72.17  ? 70  VAL A O   1 
ATOM   392  C CB  . VAL A 1 50  ? 10.366  -5.259  -1.121  1.00 63.74  ? 70  VAL A CB  1 
ATOM   393  C CG1 . VAL A 1 50  ? 9.182   -5.902  -0.426  1.00 56.46  ? 70  VAL A CG1 1 
ATOM   394  C CG2 . VAL A 1 50  ? 11.171  -4.517  -0.076  1.00 67.32  ? 70  VAL A CG2 1 
ATOM   395  N N   . THR A 1 51  ? 9.904   -8.188  -2.652  1.00 66.76  ? 71  THR A N   1 
ATOM   396  C CA  . THR A 1 51  ? 8.989   -8.918  -3.543  1.00 65.43  ? 71  THR A CA  1 
ATOM   397  C C   . THR A 1 51  ? 7.775   -9.220  -2.712  1.00 66.60  ? 71  THR A C   1 
ATOM   398  O O   . THR A 1 51  ? 7.887   -9.688  -1.560  1.00 60.28  ? 71  THR A O   1 
ATOM   399  C CB  . THR A 1 51  ? 9.596   -10.233 -4.053  1.00 63.50  ? 71  THR A CB  1 
ATOM   400  O OG1 . THR A 1 51  ? 10.882  -9.940  -4.572  1.00 82.03  ? 71  THR A OG1 1 
ATOM   401  C CG2 . THR A 1 51  ? 8.818   -10.812 -5.193  1.00 61.96  ? 71  THR A CG2 1 
ATOM   402  N N   . ILE A 1 52  ? 6.618   -8.935  -3.304  1.00 63.78  ? 72  ILE A N   1 
ATOM   403  C CA  . ILE A 1 52  ? 5.352   -9.010  -2.613  1.00 67.93  ? 72  ILE A CA  1 
ATOM   404  C C   . ILE A 1 52  ? 4.494   -9.938  -3.417  1.00 67.29  ? 72  ILE A C   1 
ATOM   405  O O   . ILE A 1 52  ? 4.420   -9.763  -4.629  1.00 67.90  ? 72  ILE A O   1 
ATOM   406  C CB  . ILE A 1 52  ? 4.692   -7.627  -2.598  1.00 67.27  ? 72  ILE A CB  1 
ATOM   407  C CG1 . ILE A 1 52  ? 5.466   -6.711  -1.666  1.00 71.86  ? 72  ILE A CG1 1 
ATOM   408  C CG2 . ILE A 1 52  ? 3.265   -7.714  -2.096  1.00 64.28  ? 72  ILE A CG2 1 
ATOM   409  C CD1 . ILE A 1 52  ? 5.280   -5.267  -2.037  1.00 79.01  ? 72  ILE A CD1 1 
ATOM   410  N N   . LYS A 1 53  ? 3.831   -10.892 -2.753  1.00 71.37  ? 73  LYS A N   1 
ATOM   411  C CA  . LYS A 1 53  ? 2.898   -11.815 -3.435  1.00 75.47  ? 73  LYS A CA  1 
ATOM   412  C C   . LYS A 1 53  ? 1.516   -11.168 -3.512  1.00 74.24  ? 73  LYS A C   1 
ATOM   413  O O   . LYS A 1 53  ? 0.803   -11.047 -2.500  1.00 69.53  ? 73  LYS A O   1 
ATOM   414  C CB  . LYS A 1 53  ? 2.868   -13.228 -2.803  1.00 77.76  ? 73  LYS A CB  1 
ATOM   415  C CG  . LYS A 1 53  ? 4.253   -13.859 -2.688  1.00 96.11  ? 73  LYS A CG  1 
ATOM   416  C CD  . LYS A 1 53  ? 4.313   -15.380 -2.796  1.00 108.02 ? 73  LYS A CD  1 
ATOM   417  C CE  . LYS A 1 53  ? 5.703   -15.842 -3.261  1.00 112.43 ? 73  LYS A CE  1 
ATOM   418  N NZ  . LYS A 1 53  ? 6.028   -15.337 -4.639  1.00 96.32  ? 73  LYS A NZ  1 
ATOM   419  N N   . ILE A 1 54  ? 1.164   -10.724 -4.717  1.00 67.57  ? 74  ILE A N   1 
ATOM   420  C CA  . ILE A 1 54  ? -0.119  -10.085 -4.971  1.00 71.94  ? 74  ILE A CA  1 
ATOM   421  C C   . ILE A 1 54  ? -1.278  -10.903 -4.359  1.00 79.35  ? 74  ILE A C   1 
ATOM   422  O O   . ILE A 1 54  ? -2.201  -10.351 -3.758  1.00 81.89  ? 74  ILE A O   1 
ATOM   423  C CB  . ILE A 1 54  ? -0.298  -9.847  -6.490  1.00 73.92  ? 74  ILE A CB  1 
ATOM   424  C CG1 . ILE A 1 54  ? 0.617   -8.733  -6.984  1.00 75.76  ? 74  ILE A CG1 1 
ATOM   425  C CG2 . ILE A 1 54  ? -1.735  -9.525  -6.840  1.00 76.99  ? 74  ILE A CG2 1 
ATOM   426  C CD1 . ILE A 1 54  ? 0.796   -7.578  -6.000  1.00 81.17  ? 74  ILE A CD1 1 
ATOM   427  N N   . ALA A 1 55  ? -1.188  -12.226 -4.487  1.00 89.14  ? 75  ALA A N   1 
ATOM   428  C CA  . ALA A 1 55  ? -2.136  -13.177 -3.893  1.00 84.70  ? 75  ALA A CA  1 
ATOM   429  C C   . ALA A 1 55  ? -2.481  -12.893 -2.426  1.00 88.08  ? 75  ALA A C   1 
ATOM   430  O O   . ALA A 1 55  ? -3.592  -13.182 -1.991  1.00 91.92  ? 75  ALA A O   1 
ATOM   431  C CB  . ALA A 1 55  ? -1.603  -14.603 -4.042  1.00 79.59  ? 75  ALA A CB  1 
ATOM   432  N N   . SER A 1 56  ? -1.529  -12.325 -1.681  1.00 82.95  ? 76  SER A N   1 
ATOM   433  C CA  . SER A 1 56  ? -1.636  -12.206 -0.230  1.00 77.94  ? 76  SER A CA  1 
ATOM   434  C C   . SER A 1 56  ? -2.193  -10.851 0.228   1.00 82.40  ? 76  SER A C   1 
ATOM   435  O O   . SER A 1 56  ? -2.176  -10.536 1.427   1.00 83.93  ? 76  SER A O   1 
ATOM   436  C CB  . SER A 1 56  ? -0.292  -12.526 0.441   1.00 81.96  ? 76  SER A CB  1 
ATOM   437  O OG  . SER A 1 56  ? 0.701   -11.541 0.179   1.00 80.93  ? 76  SER A OG  1 
ATOM   438  N N   . VAL A 1 57  ? -2.705  -10.071 -0.728  1.00 70.10  ? 77  VAL A N   1 
ATOM   439  C CA  . VAL A 1 57  ? -3.412  -8.837  -0.430  1.00 76.77  ? 77  VAL A CA  1 
ATOM   440  C C   . VAL A 1 57  ? -4.494  -9.019  0.639   1.00 82.35  ? 77  VAL A C   1 
ATOM   441  O O   . VAL A 1 57  ? -5.074  -10.091 0.783   1.00 87.80  ? 77  VAL A O   1 
ATOM   442  C CB  . VAL A 1 57  ? -3.973  -8.180  -1.713  1.00 72.55  ? 77  VAL A CB  1 
ATOM   443  C CG1 . VAL A 1 57  ? -5.212  -8.888  -2.216  1.00 72.43  ? 77  VAL A CG1 1 
ATOM   444  C CG2 . VAL A 1 57  ? -4.266  -6.707  -1.479  1.00 72.58  ? 77  VAL A CG2 1 
ATOM   445  N N   . ASN A 1 58  ? -4.732  -7.969  1.409   1.00 88.95  ? 78  ASN A N   1 
ATOM   446  C CA  . ASN A 1 58  ? -5.744  -8.001  2.437   1.00 87.57  ? 78  ASN A CA  1 
ATOM   447  C C   . ASN A 1 58  ? -6.256  -6.582  2.677   1.00 84.48  ? 78  ASN A C   1 
ATOM   448  O O   . ASN A 1 58  ? -5.557  -5.723  3.214   1.00 84.19  ? 78  ASN A O   1 
ATOM   449  C CB  . ASN A 1 58  ? -5.185  -8.653  3.714   1.00 87.40  ? 78  ASN A CB  1 
ATOM   450  C CG  . ASN A 1 58  ? -6.138  -8.565  4.886   1.00 97.70  ? 78  ASN A CG  1 
ATOM   451  O OD1 . ASN A 1 58  ? -7.366  -8.601  4.735   1.00 107.65 ? 78  ASN A OD1 1 
ATOM   452  N ND2 . ASN A 1 58  ? -5.571  -8.446  6.076   1.00 104.92 ? 78  ASN A ND2 1 
ATOM   453  N N   . THR A 1 59  ? -7.478  -6.352  2.235   1.00 79.33  ? 79  THR A N   1 
ATOM   454  C CA  . THR A 1 59  ? -8.174  -5.114  2.505   1.00 85.60  ? 79  THR A CA  1 
ATOM   455  C C   . THR A 1 59  ? -9.359  -5.423  3.433   1.00 96.69  ? 79  THR A C   1 
ATOM   456  O O   . THR A 1 59  ? -10.449 -4.838  3.289   1.00 95.60  ? 79  THR A O   1 
ATOM   457  C CB  . THR A 1 59  ? -8.609  -4.403  1.198   1.00 86.38  ? 79  THR A CB  1 
ATOM   458  O OG1 . THR A 1 59  ? -9.679  -5.128  0.562   1.00 88.24  ? 79  THR A OG1 1 
ATOM   459  C CG2 . THR A 1 59  ? -7.436  -4.279  0.234   1.00 81.83  ? 79  THR A CG2 1 
ATOM   460  N N   . GLU A 1 60  ? -9.123  -6.362  4.366   1.00 104.33 ? 80  GLU A N   1 
ATOM   461  C CA  . GLU A 1 60  ? -10.091 -6.804  5.404   1.00 117.47 ? 80  GLU A CA  1 
ATOM   462  C C   . GLU A 1 60  ? -11.408 -7.383  4.879   1.00 125.63 ? 80  GLU A C   1 
ATOM   463  O O   . GLU A 1 60  ? -12.380 -7.508  5.625   1.00 149.87 ? 80  GLU A O   1 
ATOM   464  C CB  . GLU A 1 60  ? -10.386 -5.671  6.409   1.00 130.20 ? 80  GLU A CB  1 
ATOM   465  C CG  . GLU A 1 60  ? -9.197  -5.189  7.219   1.00 140.42 ? 80  GLU A CG  1 
ATOM   466  C CD  . GLU A 1 60  ? -8.692  -6.225  8.207   1.00 151.34 ? 80  GLU A CD  1 
ATOM   467  O OE1 . GLU A 1 60  ? -8.425  -5.827  9.363   1.00 174.06 ? 80  GLU A OE1 1 
ATOM   468  O OE2 . GLU A 1 60  ? -8.559  -7.424  7.846   1.00 141.94 ? 80  GLU A OE2 1 
ATOM   469  N N   . ASN A 1 61  ? -11.431 -7.753  3.604   1.00 121.84 ? 81  ASN A N   1 
ATOM   470  C CA  . ASN A 1 61  ? -12.670 -8.031  2.902   1.00 107.42 ? 81  ASN A CA  1 
ATOM   471  C C   . ASN A 1 61  ? -12.367 -9.054  1.816   1.00 115.66 ? 81  ASN A C   1 
ATOM   472  O O   . ASN A 1 61  ? -11.677 -8.741  0.832   1.00 118.99 ? 81  ASN A O   1 
ATOM   473  C CB  . ASN A 1 61  ? -13.233 -6.709  2.343   1.00 93.66  ? 81  ASN A CB  1 
ATOM   474  C CG  . ASN A 1 61  ? -14.157 -6.892  1.134   1.00 99.71  ? 81  ASN A CG  1 
ATOM   475  O OD1 . ASN A 1 61  ? -14.211 -7.956  0.512   1.00 108.49 ? 81  ASN A OD1 1 
ATOM   476  N ND2 . ASN A 1 61  ? -14.872 -5.827  0.778   1.00 86.64  ? 81  ASN A ND2 1 
ATOM   477  N N   . GLN A 1 62  ? -12.909 -10.261 1.993   1.00 118.53 ? 82  GLN A N   1 
ATOM   478  C CA  . GLN A 1 62  ? -12.636 -11.391 1.094   1.00 124.70 ? 82  GLN A CA  1 
ATOM   479  C C   . GLN A 1 62  ? -13.078 -11.172 -0.377  1.00 116.35 ? 82  GLN A C   1 
ATOM   480  O O   . GLN A 1 62  ? -12.276 -11.376 -1.294  1.00 109.28 ? 82  GLN A O   1 
ATOM   481  C CB  . GLN A 1 62  ? -13.176 -12.710 1.686   1.00 139.84 ? 82  GLN A CB  1 
ATOM   482  C CG  . GLN A 1 62  ? -12.678 -14.006 1.024   1.00 149.05 ? 82  GLN A CG  1 
ATOM   483  C CD  . GLN A 1 62  ? -11.185 -14.303 1.217   1.00 148.96 ? 82  GLN A CD  1 
ATOM   484  O OE1 . GLN A 1 62  ? -10.566 -13.887 2.201   1.00 143.14 ? 82  GLN A OE1 1 
ATOM   485  N NE2 . GLN A 1 62  ? -10.605 -15.045 0.269   1.00 149.16 ? 82  GLN A NE2 1 
ATOM   486  N N   . THR A 1 63  ? -14.323 -10.750 -0.604  1.00 113.51 ? 83  THR A N   1 
ATOM   487  C CA  . THR A 1 63  ? -14.817 -10.535 -1.988  1.00 120.34 ? 83  THR A CA  1 
ATOM   488  C C   . THR A 1 63  ? -13.998 -9.470  -2.770  1.00 111.63 ? 83  THR A C   1 
ATOM   489  O O   . THR A 1 63  ? -13.867 -9.571  -4.005  1.00 114.90 ? 83  THR A O   1 
ATOM   490  C CB  . THR A 1 63  ? -16.372 -10.310 -2.104  1.00 120.62 ? 83  THR A CB  1 
ATOM   491  O OG1 . THR A 1 63  ? -16.823 -9.385  -1.107  1.00 154.56 ? 83  THR A OG1 1 
ATOM   492  C CG2 . THR A 1 63  ? -17.167 -11.622 -1.945  1.00 113.93 ? 83  THR A CG2 1 
ATOM   493  N N   . ARG A 1 64  ? -13.426 -8.489  -2.060  1.00 101.67 ? 84  ARG A N   1 
ATOM   494  C CA  . ARG A 1 64  ? -12.587 -7.472  -2.719  1.00 103.29 ? 84  ARG A CA  1 
ATOM   495  C C   . ARG A 1 64  ? -11.183 -8.001  -3.032  1.00 96.97  ? 84  ARG A C   1 
ATOM   496  O O   . ARG A 1 64  ? -10.675 -7.814  -4.140  1.00 90.33  ? 84  ARG A O   1 
ATOM   497  C CB  . ARG A 1 64  ? -12.502 -6.159  -1.934  1.00 102.03 ? 84  ARG A CB  1 
ATOM   498  C CG  . ARG A 1 64  ? -12.145 -4.971  -2.822  1.00 103.58 ? 84  ARG A CG  1 
ATOM   499  C CD  . ARG A 1 64  ? -11.349 -3.934  -2.067  1.00 101.63 ? 84  ARG A CD  1 
ATOM   500  N NE  . ARG A 1 64  ? -12.252 -3.055  -1.336  1.00 110.72 ? 84  ARG A NE  1 
ATOM   501  C CZ  . ARG A 1 64  ? -12.400 -3.030  -0.010  1.00 106.49 ? 84  ARG A CZ  1 
ATOM   502  N NH1 . ARG A 1 64  ? -11.691 -3.827  0.788   1.00 95.78  ? 84  ARG A NH1 1 
ATOM   503  N NH2 . ARG A 1 64  ? -13.271 -2.187  0.530   1.00 105.75 ? 84  ARG A NH2 1 
ATOM   504  N N   . ASP A 1 65  ? -10.568 -8.664  -2.058  1.00 89.75  ? 85  ASP A N   1 
ATOM   505  C CA  . ASP A 1 65  ? -9.250  -9.267  -2.248  1.00 96.30  ? 85  ASP A CA  1 
ATOM   506  C C   . ASP A 1 65  ? -9.192  -10.195 -3.479  1.00 98.89  ? 85  ASP A C   1 
ATOM   507  O O   . ASP A 1 65  ? -8.314  -10.034 -4.338  1.00 100.84 ? 85  ASP A O   1 
ATOM   508  C CB  . ASP A 1 65  ? -8.775  -9.925  -0.950  1.00 97.22  ? 85  ASP A CB  1 
ATOM   509  C CG  . ASP A 1 65  ? -8.723  -8.928  0.229   1.00 106.55 ? 85  ASP A CG  1 
ATOM   510  O OD1 . ASP A 1 65  ? -8.687  -7.685  -0.011  1.00 94.34  ? 85  ASP A OD1 1 
ATOM   511  O OD2 . ASP A 1 65  ? -8.741  -9.394  1.395   1.00 113.48 ? 85  ASP A OD2 1 
ATOM   512  N N   . ASN A 1 66  ? -10.166 -11.102 -3.585  1.00 95.64  ? 86  ASN A N   1 
ATOM   513  C CA  . ASN A 1 66  ? -10.376 -11.893 -4.798  1.00 92.49  ? 86  ASN A CA  1 
ATOM   514  C C   . ASN A 1 66  ? -10.479 -11.019 -6.034  1.00 84.99  ? 86  ASN A C   1 
ATOM   515  O O   . ASN A 1 66  ? -9.792  -11.285 -7.017  1.00 88.21  ? 86  ASN A O   1 
ATOM   516  C CB  . ASN A 1 66  ? -11.628 -12.780 -4.706  1.00 102.73 ? 86  ASN A CB  1 
ATOM   517  C CG  . ASN A 1 66  ? -11.559 -13.797 -3.573  1.00 111.89 ? 86  ASN A CG  1 
ATOM   518  O OD1 . ASN A 1 66  ? -10.493 -14.071 -2.988  1.00 105.15 ? 86  ASN A OD1 1 
ATOM   519  N ND2 . ASN A 1 66  ? -12.717 -14.367 -3.252  1.00 113.79 ? 86  ASN A ND2 1 
ATOM   520  N N   . HIS A 1 67  ? -11.305 -9.973  -5.989  1.00 76.23  ? 87  HIS A N   1 
ATOM   521  C CA  . HIS A 1 67  ? -11.503 -9.148  -7.177  1.00 80.04  ? 87  HIS A CA  1 
ATOM   522  C C   . HIS A 1 67  ? -10.195 -8.434  -7.607  1.00 85.34  ? 87  HIS A C   1 
ATOM   523  O O   . HIS A 1 67  ? -9.999  -8.120  -8.805  1.00 81.98  ? 87  HIS A O   1 
ATOM   524  C CB  . HIS A 1 67  ? -12.730 -8.204  -7.036  1.00 85.66  ? 87  HIS A CB  1 
ATOM   525  C CG  . HIS A 1 67  ? -13.087 -7.491  -8.313  1.00 106.20 ? 87  HIS A CG  1 
ATOM   526  N ND1 . HIS A 1 67  ? -13.476 -6.165  -8.348  1.00 122.97 ? 87  HIS A ND1 1 
ATOM   527  C CD2 . HIS A 1 67  ? -13.060 -7.904  -9.607  1.00 116.99 ? 87  HIS A CD2 1 
ATOM   528  C CE1 . HIS A 1 67  ? -13.688 -5.797  -9.603  1.00 115.14 ? 87  HIS A CE1 1 
ATOM   529  N NE2 . HIS A 1 67  ? -13.434 -6.832  -10.388 1.00 115.57 ? 87  HIS A NE2 1 
ATOM   530  N N   . LEU A 1 68  ? -9.283  -8.227  -6.643  1.00 88.12  ? 88  LEU A N   1 
ATOM   531  C CA  . LEU A 1 68  ? -8.017  -7.511  -6.898  1.00 87.57  ? 88  LEU A CA  1 
ATOM   532  C C   . LEU A 1 68  ? -7.082  -8.310  -7.797  1.00 91.76  ? 88  LEU A C   1 
ATOM   533  O O   . LEU A 1 68  ? -6.399  -7.743  -8.659  1.00 81.17  ? 88  LEU A O   1 
ATOM   534  C CB  . LEU A 1 68  ? -7.316  -7.125  -5.594  1.00 78.00  ? 88  LEU A CB  1 
ATOM   535  C CG  . LEU A 1 68  ? -7.908  -5.893  -4.896  1.00 72.00  ? 88  LEU A CG  1 
ATOM   536  C CD1 . LEU A 1 68  ? -7.389  -5.784  -3.476  1.00 75.31  ? 88  LEU A CD1 1 
ATOM   537  C CD2 . LEU A 1 68  ? -7.680  -4.606  -5.662  1.00 64.63  ? 88  LEU A CD2 1 
ATOM   538  N N   . GLN A 1 69  ? -7.098  -9.627  -7.587  1.00 82.68  ? 89  GLN A N   1 
ATOM   539  C CA  . GLN A 1 69  ? -6.393  -10.603 -8.413  1.00 78.08  ? 89  GLN A CA  1 
ATOM   540  C C   . GLN A 1 69  ? -6.828  -10.671 -9.890  1.00 72.14  ? 89  GLN A C   1 
ATOM   541  O O   . GLN A 1 69  ? -6.019  -11.042 -10.724 1.00 74.70  ? 89  GLN A O   1 
ATOM   542  C CB  . GLN A 1 69  ? -6.500  -11.973 -7.784  1.00 68.86  ? 89  GLN A CB  1 
ATOM   543  C CG  . GLN A 1 69  ? -6.484  -11.930 -6.279  1.00 73.47  ? 89  GLN A CG  1 
ATOM   544  C CD  . GLN A 1 69  ? -5.098  -12.019 -5.740  1.00 89.74  ? 89  GLN A CD  1 
ATOM   545  O OE1 . GLN A 1 69  ? -4.347  -12.919 -6.103  1.00 109.35 ? 89  GLN A OE1 1 
ATOM   546  N NE2 . GLN A 1 69  ? -4.744  -11.101 -4.861  1.00 97.94  ? 89  GLN A NE2 1 
ATOM   547  N N   . GLN A 1 70  ? -8.075  -10.305 -10.200 1.00 80.40  ? 90  GLN A N   1 
ATOM   548  C CA  . GLN A 1 70  ? -8.683  -10.417 -11.566 1.00 86.82  ? 90  GLN A CA  1 
ATOM   549  C C   . GLN A 1 70  ? -8.049  -9.498  -12.634 1.00 79.17  ? 90  GLN A C   1 
ATOM   550  O O   . GLN A 1 70  ? -7.310  -8.587  -12.301 1.00 69.60  ? 90  GLN A O   1 
ATOM   551  C CB  . GLN A 1 70  ? -10.244 -10.220 -11.541 1.00 98.55  ? 90  GLN A CB  1 
ATOM   552  C CG  . GLN A 1 70  ? -11.088 -11.050 -10.545 1.00 104.97 ? 90  GLN A CG  1 
ATOM   553  C CD  . GLN A 1 70  ? -10.598 -12.491 -10.341 1.00 117.07 ? 90  GLN A CD  1 
ATOM   554  O OE1 . GLN A 1 70  ? -10.321 -13.211 -11.311 1.00 131.93 ? 90  GLN A OE1 1 
ATOM   555  N NE2 . GLN A 1 70  ? -10.492 -12.919 -9.075  1.00 104.83 ? 90  GLN A NE2 1 
ATOM   556  N N   . ASP A 1 71  ? -8.385  -9.737  -13.906 1.00 90.17  ? 91  ASP A N   1 
ATOM   557  C CA  . ASP A 1 71  ? -7.863  -8.987  -15.075 1.00 96.04  ? 91  ASP A CA  1 
ATOM   558  C C   . ASP A 1 71  ? -7.872  -7.490  -14.944 1.00 85.14  ? 91  ASP A C   1 
ATOM   559  O O   . ASP A 1 71  ? -7.020  -6.832  -15.524 1.00 96.95  ? 91  ASP A O   1 
ATOM   560  C CB  . ASP A 1 71  ? -8.623  -9.306  -16.382 1.00 106.13 ? 91  ASP A CB  1 
ATOM   561  C CG  . ASP A 1 71  ? -8.369  -10.702 -16.892 1.00 129.31 ? 91  ASP A CG  1 
ATOM   562  O OD1 . ASP A 1 71  ? -7.263  -11.253 -16.689 1.00 150.93 ? 91  ASP A OD1 1 
ATOM   563  O OD2 . ASP A 1 71  ? -9.299  -11.251 -17.513 1.00 144.67 ? 91  ASP A OD2 1 
ATOM   564  N N   . ASP A 1 72  ? -8.852  -6.949  -14.229 1.00 91.47  ? 92  ASP A N   1 
ATOM   565  C CA  . ASP A 1 72  ? -9.087  -5.494  -14.235 1.00 98.77  ? 92  ASP A CA  1 
ATOM   566  C C   . ASP A 1 72  ? -8.303  -4.789  -13.095 1.00 97.57  ? 92  ASP A C   1 
ATOM   567  O O   . ASP A 1 72  ? -8.307  -3.547  -12.983 1.00 84.88  ? 92  ASP A O   1 
ATOM   568  C CB  . ASP A 1 72  ? -10.606 -5.154  -14.320 1.00 99.67  ? 92  ASP A CB  1 
ATOM   569  C CG  . ASP A 1 72  ? -11.494 -5.972  -13.323 1.00 120.58 ? 92  ASP A CG  1 
ATOM   570  O OD1 . ASP A 1 72  ? -11.075 -7.012  -12.731 1.00 119.57 ? 92  ASP A OD1 1 
ATOM   571  O OD2 . ASP A 1 72  ? -12.656 -5.550  -13.138 1.00 118.14 ? 92  ASP A OD2 1 
ATOM   572  N N   . PHE A 1 73  ? -7.620  -5.626  -12.292 1.00 91.97  ? 93  PHE A N   1 
ATOM   573  C CA  . PHE A 1 73  ? -6.658  -5.220  -11.255 1.00 79.76  ? 93  PHE A CA  1 
ATOM   574  C C   . PHE A 1 73  ? -5.226  -5.796  -11.411 1.00 76.54  ? 93  PHE A C   1 
ATOM   575  O O   . PHE A 1 73  ? -4.539  -5.446  -12.389 1.00 66.49  ? 93  PHE A O   1 
ATOM   576  C CB  . PHE A 1 73  ? -7.277  -5.398  -9.867  1.00 81.29  ? 93  PHE A CB  1 
ATOM   577  C CG  . PHE A 1 73  ? -8.328  -4.393  -9.612  1.00 94.80  ? 93  PHE A CG  1 
ATOM   578  C CD1 . PHE A 1 73  ? -7.990  -3.137  -9.128  1.00 90.83  ? 93  PHE A CD1 1 
ATOM   579  C CD2 . PHE A 1 73  ? -9.647  -4.639  -9.993  1.00 98.23  ? 93  PHE A CD2 1 
ATOM   580  C CE1 . PHE A 1 73  ? -8.957  -2.166  -8.967  1.00 95.54  ? 93  PHE A CE1 1 
ATOM   581  C CE2 . PHE A 1 73  ? -10.623 -3.668  -9.835  1.00 86.73  ? 93  PHE A CE2 1 
ATOM   582  C CZ  . PHE A 1 73  ? -10.277 -2.430  -9.319  1.00 96.59  ? 93  PHE A CZ  1 
ATOM   583  N N   . PHE A 1 74  ? -4.781  -6.644  -10.481 1.00 68.07  ? 94  PHE A N   1 
ATOM   584  C CA  . PHE A 1 74  ? -3.405  -7.169  -10.474 1.00 75.35  ? 94  PHE A CA  1 
ATOM   585  C C   . PHE A 1 74  ? -2.989  -8.172  -11.557 1.00 81.33  ? 94  PHE A C   1 
ATOM   586  O O   . PHE A 1 74  ? -1.794  -8.262  -11.894 1.00 93.98  ? 94  PHE A O   1 
ATOM   587  C CB  . PHE A 1 74  ? -3.050  -7.726  -9.101  1.00 75.90  ? 94  PHE A CB  1 
ATOM   588  C CG  . PHE A 1 74  ? -2.764  -6.659  -8.087  1.00 87.06  ? 94  PHE A CG  1 
ATOM   589  C CD1 . PHE A 1 74  ? -1.630  -5.828  -8.220  1.00 87.96  ? 94  PHE A CD1 1 
ATOM   590  C CD2 . PHE A 1 74  ? -3.621  -6.462  -6.998  1.00 82.95  ? 94  PHE A CD2 1 
ATOM   591  C CE1 . PHE A 1 74  ? -1.354  -4.830  -7.286  1.00 86.66  ? 94  PHE A CE1 1 
ATOM   592  C CE2 . PHE A 1 74  ? -3.343  -5.469  -6.061  1.00 89.76  ? 94  PHE A CE2 1 
ATOM   593  C CZ  . PHE A 1 74  ? -2.209  -4.654  -6.202  1.00 89.33  ? 94  PHE A CZ  1 
ATOM   594  N N   . LYS A 1 75  ? -3.982  -8.891  -12.086 1.00 74.78  ? 95  LYS A N   1 
ATOM   595  C CA  . LYS A 1 75  ? -3.835  -10.051 -12.949 1.00 67.70  ? 95  LYS A CA  1 
ATOM   596  C C   . LYS A 1 75  ? -2.823  -11.043 -12.395 1.00 67.03  ? 95  LYS A C   1 
ATOM   597  O O   . LYS A 1 75  ? -1.900  -11.449 -13.103 1.00 71.66  ? 95  LYS A O   1 
ATOM   598  C CB  . LYS A 1 75  ? -3.533  -9.642  -14.380 1.00 74.35  ? 95  LYS A CB  1 
ATOM   599  C CG  . LYS A 1 75  ? -3.968  -10.660 -15.425 1.00 99.04  ? 95  LYS A CG  1 
ATOM   600  C CD  . LYS A 1 75  ? -3.630  -10.129 -16.813 1.00 103.33 ? 95  LYS A CD  1 
ATOM   601  C CE  . LYS A 1 75  ? -4.294  -10.907 -17.934 1.00 96.83  ? 95  LYS A CE  1 
ATOM   602  N NZ  . LYS A 1 75  ? -4.267  -10.004 -19.114 1.00 102.02 ? 95  LYS A NZ  1 
ATOM   603  N N   . ALA A 1 76  ? -3.014  -11.401 -11.119 1.00 66.65  ? 96  ALA A N   1 
ATOM   604  C CA  . ALA A 1 76  ? -2.190  -12.370 -10.355 1.00 71.61  ? 96  ALA A CA  1 
ATOM   605  C C   . ALA A 1 76  ? -1.816  -13.671 -11.053 1.00 81.13  ? 96  ALA A C   1 
ATOM   606  O O   . ALA A 1 76  ? -0.744  -14.211 -10.766 1.00 82.34  ? 96  ALA A O   1 
ATOM   607  C CB  . ALA A 1 76  ? -2.871  -12.712 -9.038  1.00 77.62  ? 96  ALA A CB  1 
ATOM   608  N N   . LYS A 1 77  ? -2.725  -14.197 -11.896 1.00 87.09  ? 97  LYS A N   1 
ATOM   609  C CA  . LYS A 1 77  ? -2.453  -15.389 -12.709 1.00 80.80  ? 97  LYS A CA  1 
ATOM   610  C C   . LYS A 1 77  ? -1.156  -15.087 -13.484 1.00 74.05  ? 97  LYS A C   1 
ATOM   611  O O   . LYS A 1 77  ? -0.135  -15.673 -13.155 1.00 76.19  ? 97  LYS A O   1 
ATOM   612  C CB  . LYS A 1 77  ? -3.652  -15.800 -13.608 1.00 72.43  ? 97  LYS A CB  1 
ATOM   613  N N   . LYS A 1 78  ? -1.183  -14.126 -14.421 1.00 67.68  ? 98  LYS A N   1 
ATOM   614  C CA  . LYS A 1 78  ? 0.004   -13.697 -15.236 1.00 63.73  ? 98  LYS A CA  1 
ATOM   615  C C   . LYS A 1 78  ? 1.146   -13.008 -14.451 1.00 69.92  ? 98  LYS A C   1 
ATOM   616  O O   . LYS A 1 78  ? 2.301   -13.295 -14.723 1.00 87.13  ? 98  LYS A O   1 
ATOM   617  C CB  . LYS A 1 78  ? -0.463  -12.817 -16.401 1.00 55.30  ? 98  LYS A CB  1 
ATOM   618  C CG  . LYS A 1 78  ? 0.526   -12.454 -17.498 1.00 56.27  ? 98  LYS A CG  1 
ATOM   619  C CD  . LYS A 1 78  ? -0.219  -11.985 -18.765 1.00 55.93  ? 98  LYS A CD  1 
ATOM   620  C CE  . LYS A 1 78  ? 0.714   -11.492 -19.864 1.00 65.38  ? 98  LYS A CE  1 
ATOM   621  N NZ  . LYS A 1 78  ? 0.315   -11.718 -21.294 1.00 68.56  ? 98  LYS A NZ  1 
ATOM   622  N N   . TYR A 1 79  ? 0.832   -12.122 -13.488 1.00 70.55  ? 99  TYR A N   1 
ATOM   623  C CA  . TYR A 1 79  ? 1.851   -11.356 -12.737 1.00 59.14  ? 99  TYR A CA  1 
ATOM   624  C C   . TYR A 1 79  ? 1.676   -11.538 -11.244 1.00 63.20  ? 99  TYR A C   1 
ATOM   625  O O   . TYR A 1 79  ? 1.129   -10.680 -10.571 1.00 69.44  ? 99  TYR A O   1 
ATOM   626  C CB  . TYR A 1 79  ? 1.807   -9.874  -13.073 1.00 49.53  ? 99  TYR A CB  1 
ATOM   627  C CG  . TYR A 1 79  ? 1.735   -9.532  -14.553 1.00 55.47  ? 99  TYR A CG  1 
ATOM   628  C CD1 . TYR A 1 79  ? 2.907   -9.372  -15.347 1.00 52.97  ? 99  TYR A CD1 1 
ATOM   629  C CD2 . TYR A 1 79  ? 0.500   -9.354  -15.177 1.00 55.38  ? 99  TYR A CD2 1 
ATOM   630  C CE1 . TYR A 1 79  ? 2.845   -9.045  -16.728 1.00 53.81  ? 99  TYR A CE1 1 
ATOM   631  C CE2 . TYR A 1 79  ? 0.421   -9.020  -16.544 1.00 65.44  ? 99  TYR A CE2 1 
ATOM   632  C CZ  . TYR A 1 79  ? 1.582   -8.878  -17.324 1.00 61.91  ? 99  TYR A CZ  1 
ATOM   633  O OH  . TYR A 1 79  ? 1.429   -8.578  -18.671 1.00 66.22  ? 99  TYR A OH  1 
ATOM   634  N N   . PRO A 1 80  ? 2.158   -12.662 -10.713 1.00 74.40  ? 100 PRO A N   1 
ATOM   635  C CA  . PRO A 1 80  ? 1.957   -13.056 -9.288  1.00 73.66  ? 100 PRO A CA  1 
ATOM   636  C C   . PRO A 1 80  ? 2.635   -12.175 -8.234  1.00 73.69  ? 100 PRO A C   1 
ATOM   637  O O   . PRO A 1 80  ? 2.253   -12.202 -7.040  1.00 77.80  ? 100 PRO A O   1 
ATOM   638  C CB  . PRO A 1 80  ? 2.599   -14.460 -9.218  1.00 68.34  ? 100 PRO A CB  1 
ATOM   639  C CG  . PRO A 1 80  ? 3.637   -14.437 -10.311 1.00 66.03  ? 100 PRO A CG  1 
ATOM   640  C CD  . PRO A 1 80  ? 3.002   -13.638 -11.441 1.00 64.54  ? 100 PRO A CD  1 
ATOM   641  N N   . ASP A 1 81  ? 3.675   -11.459 -8.631  1.00 71.23  ? 101 ASP A N   1 
ATOM   642  C CA  . ASP A 1 81  ? 4.334   -10.648 -7.628  1.00 80.31  ? 101 ASP A CA  1 
ATOM   643  C C   . ASP A 1 81  ? 4.614   -9.179  -7.997  1.00 78.98  ? 101 ASP A C   1 
ATOM   644  O O   . ASP A 1 81  ? 4.709   -8.852  -9.188  1.00 66.60  ? 101 ASP A O   1 
ATOM   645  C CB  . ASP A 1 81  ? 5.519   -11.385 -6.956  1.00 88.22  ? 101 ASP A CB  1 
ATOM   646  C CG  . ASP A 1 81  ? 6.290   -12.277 -7.886  1.00 83.92  ? 101 ASP A CG  1 
ATOM   647  O OD1 . ASP A 1 81  ? 6.463   -11.938 -9.072  1.00 96.68  ? 101 ASP A OD1 1 
ATOM   648  O OD2 . ASP A 1 81  ? 6.753   -13.312 -7.391  1.00 78.26  ? 101 ASP A OD2 1 
ATOM   649  N N   . MET A 1 82  ? 4.649   -8.284  -6.993  1.00 71.42  ? 102 MET A N   1 
ATOM   650  C CA  . MET A 1 82  ? 5.210   -6.970  -7.243  1.00 64.74  ? 102 MET A CA  1 
ATOM   651  C C   . MET A 1 82  ? 6.531   -6.820  -6.530  1.00 63.36  ? 102 MET A C   1 
ATOM   652  O O   . MET A 1 82  ? 6.755   -7.383  -5.441  1.00 67.71  ? 102 MET A O   1 
ATOM   653  C CB  . MET A 1 82  ? 4.232   -5.823  -7.036  1.00 62.68  ? 102 MET A CB  1 
ATOM   654  C CG  . MET A 1 82  ? 3.940   -5.428  -5.609  1.00 74.88  ? 102 MET A CG  1 
ATOM   655  S SD  . MET A 1 82  ? 2.844   -3.974  -5.456  1.00 74.68  ? 102 MET A SD  1 
ATOM   656  C CE  . MET A 1 82  ? 3.449   -2.943  -6.755  1.00 73.69  ? 102 MET A CE  1 
ATOM   657  N N   . THR A 1 83  ? 7.417   -6.111  -7.212  1.00 57.65  ? 103 THR A N   1 
ATOM   658  C CA  . THR A 1 83  ? 8.790   -5.937  -6.794  1.00 58.70  ? 103 THR A CA  1 
ATOM   659  C C   . THR A 1 83  ? 9.195   -4.451  -6.686  1.00 64.44  ? 103 THR A C   1 
ATOM   660  O O   . THR A 1 83  ? 8.813   -3.590  -7.523  1.00 61.26  ? 103 THR A O   1 
ATOM   661  C CB  . THR A 1 83  ? 9.770   -6.586  -7.797  1.00 55.97  ? 103 THR A CB  1 
ATOM   662  O OG1 . THR A 1 83  ? 9.643   -5.943  -9.079  1.00 59.36  ? 103 THR A OG1 1 
ATOM   663  C CG2 . THR A 1 83  ? 9.513   -8.069  -7.918  1.00 49.67  ? 103 THR A CG2 1 
ATOM   664  N N   . PHE A 1 84  ? 9.994   -4.182  -5.656  1.00 63.06  ? 104 PHE A N   1 
ATOM   665  C CA  . PHE A 1 84  ? 10.670  -2.920  -5.511  1.00 62.06  ? 104 PHE A CA  1 
ATOM   666  C C   . PHE A 1 84  ? 12.177  -3.142  -5.408  1.00 63.64  ? 104 PHE A C   1 
ATOM   667  O O   . PHE A 1 84  ? 12.626  -3.908  -4.555  1.00 63.02  ? 104 PHE A O   1 
ATOM   668  C CB  . PHE A 1 84  ? 10.204  -2.204  -4.246  1.00 59.44  ? 104 PHE A CB  1 
ATOM   669  C CG  . PHE A 1 84  ? 10.921  -0.924  -4.029  1.00 61.49  ? 104 PHE A CG  1 
ATOM   670  C CD1 . PHE A 1 84  ? 10.615  0.202   -4.814  1.00 68.11  ? 104 PHE A CD1 1 
ATOM   671  C CD2 . PHE A 1 84  ? 11.955  -0.841  -3.116  1.00 58.47  ? 104 PHE A CD2 1 
ATOM   672  C CE1 . PHE A 1 84  ? 11.288  1.406   -4.656  1.00 59.91  ? 104 PHE A CE1 1 
ATOM   673  C CE2 . PHE A 1 84  ? 12.647  0.359   -2.957  1.00 59.49  ? 104 PHE A CE2 1 
ATOM   674  C CZ  . PHE A 1 84  ? 12.312  1.482   -3.729  1.00 62.27  ? 104 PHE A CZ  1 
ATOM   675  N N   . THR A 1 85  ? 12.952  -2.427  -6.220  1.00 60.06  ? 105 THR A N   1 
ATOM   676  C CA  . THR A 1 85  ? 14.404  -2.489  -6.163  1.00 57.25  ? 105 THR A CA  1 
ATOM   677  C C   . THR A 1 85  ? 15.024  -1.142  -5.921  1.00 58.95  ? 105 THR A C   1 
ATOM   678  O O   . THR A 1 85  ? 14.962  -0.282  -6.815  1.00 63.42  ? 105 THR A O   1 
ATOM   679  C CB  . THR A 1 85  ? 14.956  -3.079  -7.468  1.00 64.16  ? 105 THR A CB  1 
ATOM   680  O OG1 . THR A 1 85  ? 14.653  -4.467  -7.451  1.00 77.79  ? 105 THR A OG1 1 
ATOM   681  C CG2 . THR A 1 85  ? 16.496  -2.924  -7.596  1.00 65.72  ? 105 THR A CG2 1 
ATOM   682  N N   . MET A 1 86  ? 15.650  -0.960  -4.744  1.00 56.10  ? 106 MET A N   1 
ATOM   683  C CA  . MET A 1 86  ? 16.325  0.303   -4.454  1.00 56.05  ? 106 MET A CA  1 
ATOM   684  C C   . MET A 1 86  ? 17.442  0.605   -5.436  1.00 56.08  ? 106 MET A C   1 
ATOM   685  O O   . MET A 1 86  ? 18.305  -0.218  -5.636  1.00 63.71  ? 106 MET A O   1 
ATOM   686  C CB  . MET A 1 86  ? 16.909  0.338   -3.060  1.00 57.86  ? 106 MET A CB  1 
ATOM   687  C CG  . MET A 1 86  ? 17.402  1.756   -2.763  1.00 62.39  ? 106 MET A CG  1 
ATOM   688  S SD  . MET A 1 86  ? 18.166  1.846   -1.162  1.00 70.64  ? 106 MET A SD  1 
ATOM   689  C CE  . MET A 1 86  ? 19.848  1.672   -1.718  1.00 62.40  ? 106 MET A CE  1 
ATOM   690  N N   . LYS A 1 87  ? 17.440  1.788   -6.025  1.00 57.39  ? 107 LYS A N   1 
ATOM   691  C CA  . LYS A 1 87  ? 18.529  2.188   -6.906  1.00 59.09  ? 107 LYS A CA  1 
ATOM   692  C C   . LYS A 1 87  ? 19.500  3.209   -6.316  1.00 59.60  ? 107 LYS A C   1 
ATOM   693  O O   . LYS A 1 87  ? 20.589  3.362   -6.842  1.00 73.24  ? 107 LYS A O   1 
ATOM   694  C CB  . LYS A 1 87  ? 17.981  2.662   -8.260  1.00 62.68  ? 107 LYS A CB  1 
ATOM   695  C CG  . LYS A 1 87  ? 17.721  1.493   -9.211  1.00 75.77  ? 107 LYS A CG  1 
ATOM   696  C CD  . LYS A 1 87  ? 17.095  1.927   -10.530 1.00 90.97  ? 107 LYS A CD  1 
ATOM   697  C CE  . LYS A 1 87  ? 17.965  2.887   -11.333 1.00 95.73  ? 107 LYS A CE  1 
ATOM   698  N NZ  . LYS A 1 87  ? 17.196  3.335   -12.519 1.00 94.29  ? 107 LYS A NZ  1 
ATOM   699  N N   . LYS A 1 88  ? 19.136  3.881   -5.218  1.00 64.45  ? 108 LYS A N   1 
ATOM   700  C CA  . LYS A 1 88  ? 19.821  5.118   -4.740  1.00 60.44  ? 108 LYS A CA  1 
ATOM   701  C C   . LYS A 1 88  ? 19.221  5.462   -3.376  1.00 63.30  ? 108 LYS A C   1 
ATOM   702  O O   . LYS A 1 88  ? 17.985  5.450   -3.207  1.00 73.50  ? 108 LYS A O   1 
ATOM   703  C CB  . LYS A 1 88  ? 19.532  6.234   -5.738  1.00 63.13  ? 108 LYS A CB  1 
ATOM   704  C CG  . LYS A 1 88  ? 20.374  7.488   -5.809  1.00 63.36  ? 108 LYS A CG  1 
ATOM   705  C CD  . LYS A 1 88  ? 19.484  8.486   -6.576  1.00 77.67  ? 108 LYS A CD  1 
ATOM   706  C CE  . LYS A 1 88  ? 20.237  9.626   -7.246  1.00 94.22  ? 108 LYS A CE  1 
ATOM   707  N NZ  . LYS A 1 88  ? 21.095  9.226   -8.404  1.00 112.77 ? 108 LYS A NZ  1 
ATOM   708  N N   . TYR A 1 89  ? 20.074  5.699   -2.384  1.00 59.61  ? 109 TYR A N   1 
ATOM   709  C CA  . TYR A 1 89  ? 19.610  6.324   -1.133  1.00 61.74  ? 109 TYR A CA  1 
ATOM   710  C C   . TYR A 1 89  ? 20.354  7.625   -0.944  1.00 62.24  ? 109 TYR A C   1 
ATOM   711  O O   . TYR A 1 89  ? 21.575  7.669   -1.041  1.00 68.95  ? 109 TYR A O   1 
ATOM   712  C CB  . TYR A 1 89  ? 19.784  5.417   0.060   1.00 53.59  ? 109 TYR A CB  1 
ATOM   713  C CG  . TYR A 1 89  ? 19.247  5.984   1.344   1.00 60.58  ? 109 TYR A CG  1 
ATOM   714  C CD1 . TYR A 1 89  ? 17.897  5.851   1.698   1.00 65.14  ? 109 TYR A CD1 1 
ATOM   715  C CD2 . TYR A 1 89  ? 20.094  6.614   2.254   1.00 66.20  ? 109 TYR A CD2 1 
ATOM   716  C CE1 . TYR A 1 89  ? 17.410  6.358   2.922   1.00 61.78  ? 109 TYR A CE1 1 
ATOM   717  C CE2 . TYR A 1 89  ? 19.608  7.118   3.474   1.00 61.87  ? 109 TYR A CE2 1 
ATOM   718  C CZ  . TYR A 1 89  ? 18.272  6.989   3.804   1.00 55.80  ? 109 TYR A CZ  1 
ATOM   719  O OH  . TYR A 1 89  ? 17.846  7.513   5.009   1.00 59.27  ? 109 TYR A OH  1 
ATOM   720  N N   . GLU A 1 90  ? 19.605  8.699   -0.753  1.00 62.62  ? 110 GLU A N   1 
ATOM   721  C CA  . GLU A 1 90  ? 20.198  10.021  -0.577  1.00 60.28  ? 110 GLU A CA  1 
ATOM   722  C C   . GLU A 1 90  ? 19.885  10.428  0.864   1.00 66.15  ? 110 GLU A C   1 
ATOM   723  O O   . GLU A 1 90  ? 18.707  10.743  1.160   1.00 67.31  ? 110 GLU A O   1 
ATOM   724  C CB  . GLU A 1 90  ? 19.622  11.006  -1.603  1.00 54.58  ? 110 GLU A CB  1 
ATOM   725  C CG  . GLU A 1 90  ? 19.940  10.651  -3.057  1.00 55.83  ? 110 GLU A CG  1 
ATOM   726  C CD  . GLU A 1 90  ? 19.231  11.531  -4.097  1.00 61.87  ? 110 GLU A CD  1 
ATOM   727  O OE1 . GLU A 1 90  ? 19.967  12.210  -4.854  1.00 65.89  ? 110 GLU A OE1 1 
ATOM   728  O OE2 . GLU A 1 90  ? 17.965  11.562  -4.186  1.00 60.12  ? 110 GLU A OE2 1 
ATOM   729  N N   . LYS A 1 91  ? 20.900  10.352  1.756   1.00 67.83  ? 111 LYS A N   1 
ATOM   730  C CA  . LYS A 1 91  ? 20.747  10.703  3.198   1.00 67.15  ? 111 LYS A CA  1 
ATOM   731  C C   . LYS A 1 91  ? 20.322  12.172  3.341   1.00 69.07  ? 111 LYS A C   1 
ATOM   732  O O   . LYS A 1 91  ? 20.853  13.023  2.612   1.00 61.19  ? 111 LYS A O   1 
ATOM   733  C CB  . LYS A 1 91  ? 22.053  10.506  3.994   1.00 68.39  ? 111 LYS A CB  1 
ATOM   734  C CG  . LYS A 1 91  ? 21.810  10.085  5.454   1.00 76.10  ? 111 LYS A CG  1 
ATOM   735  C CD  . LYS A 1 91  ? 22.634  10.852  6.500   1.00 80.03  ? 111 LYS A CD  1 
ATOM   736  C CE  . LYS A 1 91  ? 24.052  10.325  6.781   1.00 77.11  ? 111 LYS A CE  1 
ATOM   737  N NZ  . LYS A 1 91  ? 24.391  10.381  8.244   1.00 65.47  ? 111 LYS A NZ  1 
ATOM   738  N N   . ILE A 1 92  ? 19.347  12.474  4.216   1.00 61.61  ? 112 ILE A N   1 
ATOM   739  C CA  . ILE A 1 92  ? 19.121  13.880  4.551   1.00 60.61  ? 112 ILE A CA  1 
ATOM   740  C C   . ILE A 1 92  ? 19.817  14.122  5.862   1.00 63.60  ? 112 ILE A C   1 
ATOM   741  O O   . ILE A 1 92  ? 20.685  14.964  5.926   1.00 59.28  ? 112 ILE A O   1 
ATOM   742  C CB  . ILE A 1 92  ? 17.654  14.310  4.574   1.00 59.82  ? 112 ILE A CB  1 
ATOM   743  C CG1 . ILE A 1 92  ? 17.186  14.439  3.143   1.00 55.34  ? 112 ILE A CG1 1 
ATOM   744  C CG2 . ILE A 1 92  ? 17.458  15.682  5.270   1.00 52.56  ? 112 ILE A CG2 1 
ATOM   745  C CD1 . ILE A 1 92  ? 15.718  14.133  3.051   1.00 58.97  ? 112 ILE A CD1 1 
ATOM   746  N N   . ASP A 1 93  ? 19.419  13.388  6.893   1.00 64.75  ? 113 ASP A N   1 
ATOM   747  C CA  . ASP A 1 93  ? 20.174  13.296  8.124   1.00 62.76  ? 113 ASP A CA  1 
ATOM   748  C C   . ASP A 1 93  ? 19.993  11.849  8.616   1.00 60.93  ? 113 ASP A C   1 
ATOM   749  O O   . ASP A 1 93  ? 19.613  10.970  7.831   1.00 80.29  ? 113 ASP A O   1 
ATOM   750  C CB  . ASP A 1 93  ? 19.713  14.390  9.101   1.00 55.19  ? 113 ASP A CB  1 
ATOM   751  C CG  . ASP A 1 93  ? 18.246  14.242  9.541   1.00 64.76  ? 113 ASP A CG  1 
ATOM   752  O OD1 . ASP A 1 93  ? 17.716  13.090  9.549   1.00 58.95  ? 113 ASP A OD1 1 
ATOM   753  O OD2 . ASP A 1 93  ? 17.625  15.283  9.937   1.00 67.77  ? 113 ASP A OD2 1 
ATOM   754  N N   . ASN A 1 94  ? 20.241  11.586  9.888   1.00 64.53  ? 114 ASN A N   1 
ATOM   755  C CA  . ASN A 1 94  ? 20.158  10.212  10.416  1.00 68.96  ? 114 ASN A CA  1 
ATOM   756  C C   . ASN A 1 94  ? 18.754  9.745   10.603  1.00 66.57  ? 114 ASN A C   1 
ATOM   757  O O   . ASN A 1 94  ? 18.550  8.584   10.883  1.00 82.14  ? 114 ASN A O   1 
ATOM   758  C CB  . ASN A 1 94  ? 20.837  10.053  11.778  1.00 69.15  ? 114 ASN A CB  1 
ATOM   759  C CG  . ASN A 1 94  ? 22.327  10.272  11.740  1.00 76.63  ? 114 ASN A CG  1 
ATOM   760  O OD1 . ASN A 1 94  ? 22.962  10.534  10.684  1.00 79.22  ? 114 ASN A OD1 1 
ATOM   761  N ND2 . ASN A 1 94  ? 22.913  10.182  12.926  1.00 96.06  ? 114 ASN A ND2 1 
ATOM   762  N N   . GLU A 1 95  ? 17.778  10.624  10.508  1.00 66.95  ? 115 GLU A N   1 
ATOM   763  C CA  . GLU A 1 95  ? 16.415  10.169  10.725  1.00 76.43  ? 115 GLU A CA  1 
ATOM   764  C C   . GLU A 1 95  ? 15.649  10.002  9.430   1.00 77.88  ? 115 GLU A C   1 
ATOM   765  O O   . GLU A 1 95  ? 14.572  9.375   9.425   1.00 71.78  ? 115 GLU A O   1 
ATOM   766  C CB  . GLU A 1 95  ? 15.680  11.122  11.642  1.00 81.30  ? 115 GLU A CB  1 
ATOM   767  C CG  . GLU A 1 95  ? 16.416  11.345  12.939  1.00 95.12  ? 115 GLU A CG  1 
ATOM   768  C CD  . GLU A 1 95  ? 15.487  11.755  14.046  1.00 107.55 ? 115 GLU A CD  1 
ATOM   769  O OE1 . GLU A 1 95  ? 14.828  12.803  13.859  1.00 106.75 ? 115 GLU A OE1 1 
ATOM   770  O OE2 . GLU A 1 95  ? 15.423  11.028  15.079  1.00 109.26 ? 115 GLU A OE2 1 
ATOM   771  N N   . LYS A 1 96  ? 16.234  10.547  8.351   1.00 68.57  ? 116 LYS A N   1 
ATOM   772  C CA  . LYS A 1 96  ? 15.511  10.922  7.144   1.00 63.95  ? 116 LYS A CA  1 
ATOM   773  C C   . LYS A 1 96  ? 16.361  10.761  5.898   1.00 62.61  ? 116 LYS A C   1 
ATOM   774  O O   . LYS A 1 96  ? 17.534  11.173  5.854   1.00 63.89  ? 116 LYS A O   1 
ATOM   775  C CB  . LYS A 1 96  ? 14.996  12.379  7.255   1.00 72.55  ? 116 LYS A CB  1 
ATOM   776  C CG  . LYS A 1 96  ? 13.658  12.507  7.966   1.00 85.71  ? 116 LYS A CG  1 
ATOM   777  C CD  . LYS A 1 96  ? 13.282  13.919  8.422   1.00 99.13  ? 116 LYS A CD  1 
ATOM   778  C CE  . LYS A 1 96  ? 11.817  13.961  8.904   1.00 105.14 ? 116 LYS A CE  1 
ATOM   779  N NZ  . LYS A 1 96  ? 11.436  15.055  9.855   1.00 105.72 ? 116 LYS A NZ  1 
ATOM   780  N N   . GLY A 1 97  ? 15.759  10.175  4.871   1.00 56.30  ? 117 GLY A N   1 
ATOM   781  C CA  . GLY A 1 97  ? 16.400  10.154  3.558   1.00 57.30  ? 117 GLY A CA  1 
ATOM   782  C C   . GLY A 1 97  ? 15.393  9.956   2.457   1.00 55.83  ? 117 GLY A C   1 
ATOM   783  O O   . GLY A 1 97  ? 14.260  9.560   2.726   1.00 57.28  ? 117 GLY A O   1 
ATOM   784  N N   . LYS A 1 98  ? 15.832  10.223  1.231   1.00 52.14  ? 118 LYS A N   1 
ATOM   785  C CA  . LYS A 1 98  ? 15.063  10.049  0.015   1.00 52.96  ? 118 LYS A CA  1 
ATOM   786  C C   . LYS A 1 98  ? 15.555  8.750   -0.641  1.00 56.49  ? 118 LYS A C   1 
ATOM   787  O O   . LYS A 1 98  ? 16.735  8.670   -1.016  1.00 54.70  ? 118 LYS A O   1 
ATOM   788  C CB  . LYS A 1 98  ? 15.427  11.193  -0.907  1.00 55.38  ? 118 LYS A CB  1 
ATOM   789  C CG  . LYS A 1 98  ? 14.318  11.978  -1.552  1.00 61.01  ? 118 LYS A CG  1 
ATOM   790  C CD  . LYS A 1 98  ? 14.873  12.475  -2.908  1.00 79.75  ? 118 LYS A CD  1 
ATOM   791  C CE  . LYS A 1 98  ? 14.016  13.478  -3.695  1.00 75.31  ? 118 LYS A CE  1 
ATOM   792  N NZ  . LYS A 1 98  ? 14.548  13.462  -5.084  1.00 70.58  ? 118 LYS A NZ  1 
ATOM   793  N N   . MET A 1 99  ? 14.672  7.738   -0.768  1.00 54.83  ? 119 MET A N   1 
ATOM   794  C CA  . MET A 1 99  ? 15.000  6.451   -1.444  1.00 52.71  ? 119 MET A CA  1 
ATOM   795  C C   . MET A 1 99  ? 14.432  6.381   -2.856  1.00 53.83  ? 119 MET A C   1 
ATOM   796  O O   . MET A 1 99  ? 13.254  6.608   -3.059  1.00 60.42  ? 119 MET A O   1 
ATOM   797  C CB  . MET A 1 99  ? 14.457  5.279   -0.658  1.00 50.15  ? 119 MET A CB  1 
ATOM   798  C CG  . MET A 1 99  ? 15.041  3.944   -1.102  1.00 52.92  ? 119 MET A CG  1 
ATOM   799  S SD  . MET A 1 99  ? 14.562  2.597   0.007   1.00 61.82  ? 119 MET A SD  1 
ATOM   800  C CE  . MET A 1 99  ? 15.618  2.850   1.436   1.00 66.54  ? 119 MET A CE  1 
ATOM   801  N N   . THR A 1 100 ? 15.269  6.089   -3.833  1.00 53.59  ? 120 THR A N   1 
ATOM   802  C CA  . THR A 1 100 ? 14.820  5.978   -5.219  1.00 56.88  ? 120 THR A CA  1 
ATOM   803  C C   . THR A 1 100 ? 14.931  4.527   -5.696  1.00 60.78  ? 120 THR A C   1 
ATOM   804  O O   . THR A 1 100 ? 15.962  3.886   -5.514  1.00 64.17  ? 120 THR A O   1 
ATOM   805  C CB  . THR A 1 100 ? 15.580  6.963   -6.118  1.00 53.27  ? 120 THR A CB  1 
ATOM   806  O OG1 . THR A 1 100 ? 15.221  8.281   -5.712  1.00 58.30  ? 120 THR A OG1 1 
ATOM   807  C CG2 . THR A 1 100 ? 15.194  6.831   -7.581  1.00 47.56  ? 120 THR A CG2 1 
ATOM   808  N N   . GLY A 1 101 ? 13.854  4.009   -6.274  1.00 59.83  ? 121 GLY A N   1 
ATOM   809  C CA  . GLY A 1 101 ? 13.781  2.602   -6.624  1.00 60.74  ? 121 GLY A CA  1 
ATOM   810  C C   . GLY A 1 101 ? 12.851  2.291   -7.759  1.00 59.18  ? 121 GLY A C   1 
ATOM   811  O O   . GLY A 1 101 ? 12.115  3.144   -8.223  1.00 63.90  ? 121 GLY A O   1 
ATOM   812  N N   . THR A 1 102 ? 12.901  1.051   -8.223  1.00 61.53  ? 122 THR A N   1 
ATOM   813  C CA  . THR A 1 102 ? 12.106  0.626   -9.364  1.00 54.02  ? 122 THR A CA  1 
ATOM   814  C C   . THR A 1 102 ? 11.013  -0.228  -8.809  1.00 56.89  ? 122 THR A C   1 
ATOM   815  O O   . THR A 1 102 ? 11.262  -1.289  -8.190  1.00 60.02  ? 122 THR A O   1 
ATOM   816  C CB  . THR A 1 102 ? 12.941  -0.149  -10.392 1.00 53.63  ? 122 THR A CB  1 
ATOM   817  O OG1 . THR A 1 102 ? 13.904  0.747   -10.933 1.00 60.07  ? 122 THR A OG1 1 
ATOM   818  C CG2 . THR A 1 102 ? 12.095  -0.649  -11.563 1.00 51.98  ? 122 THR A CG2 1 
ATOM   819  N N   . LEU A 1 103 ? 9.797   0.281   -9.002  1.00 54.69  ? 123 LEU A N   1 
ATOM   820  C CA  . LEU A 1 103 ? 8.601   -0.448  -8.647  1.00 54.02  ? 123 LEU A CA  1 
ATOM   821  C C   . LEU A 1 103 ? 8.078   -1.126  -9.906  1.00 55.26  ? 123 LEU A C   1 
ATOM   822  O O   . LEU A 1 103 ? 8.118   -0.551  -11.035 1.00 49.36  ? 123 LEU A O   1 
ATOM   823  C CB  . LEU A 1 103 ? 7.565   0.491   -8.057  1.00 50.05  ? 123 LEU A CB  1 
ATOM   824  C CG  . LEU A 1 103 ? 6.384   -0.224  -7.390  1.00 53.00  ? 123 LEU A CG  1 
ATOM   825  C CD1 . LEU A 1 103 ? 6.853   -1.122  -6.255  1.00 44.47  ? 123 LEU A CD1 1 
ATOM   826  C CD2 . LEU A 1 103 ? 5.352   0.794   -6.890  1.00 47.87  ? 123 LEU A CD2 1 
ATOM   827  N N   . THR A 1 104 ? 7.634   -2.364  -9.724  1.00 54.98  ? 124 THR A N   1 
ATOM   828  C CA  . THR A 1 104 ? 7.060   -3.101  -10.839 1.00 58.56  ? 124 THR A CA  1 
ATOM   829  C C   . THR A 1 104 ? 5.753   -3.642  -10.389 1.00 62.05  ? 124 THR A C   1 
ATOM   830  O O   . THR A 1 104 ? 5.709   -4.438  -9.428  1.00 61.00  ? 124 THR A O   1 
ATOM   831  C CB  . THR A 1 104 ? 7.976   -4.223  -11.313 1.00 57.88  ? 124 THR A CB  1 
ATOM   832  O OG1 . THR A 1 104 ? 9.215   -3.619  -11.667 1.00 57.43  ? 124 THR A OG1 1 
ATOM   833  C CG2 . THR A 1 104 ? 7.413   -4.870  -12.575 1.00 54.73  ? 124 THR A CG2 1 
ATOM   834  N N   . ILE A 1 105 ? 4.692   -3.166  -11.050 1.00 61.72  ? 125 ILE A N   1 
ATOM   835  C CA  . ILE A 1 105 ? 3.321   -3.644  -10.779 1.00 67.09  ? 125 ILE A CA  1 
ATOM   836  C C   . ILE A 1 105 ? 2.837   -4.216  -12.089 1.00 67.11  ? 125 ILE A C   1 
ATOM   837  O O   . ILE A 1 105 ? 2.946   -3.535  -13.134 1.00 58.79  ? 125 ILE A O   1 
ATOM   838  C CB  . ILE A 1 105 ? 2.340   -2.534  -10.323 1.00 66.74  ? 125 ILE A CB  1 
ATOM   839  C CG1 . ILE A 1 105 ? 2.986   -1.590  -9.302  1.00 65.02  ? 125 ILE A CG1 1 
ATOM   840  C CG2 . ILE A 1 105 ? 1.090   -3.169  -9.732  1.00 74.20  ? 125 ILE A CG2 1 
ATOM   841  C CD1 . ILE A 1 105 ? 2.133   -0.435  -8.814  1.00 68.43  ? 125 ILE A CD1 1 
ATOM   842  N N   . ALA A 1 106 ? 2.354   -5.467  -12.042 1.00 64.21  ? 126 ALA A N   1 
ATOM   843  C CA  . ALA A 1 106 ? 1.881   -6.180  -13.257 1.00 64.74  ? 126 ALA A CA  1 
ATOM   844  C C   . ALA A 1 106 ? 2.768   -5.958  -14.488 1.00 67.35  ? 126 ALA A C   1 
ATOM   845  O O   . ALA A 1 106 ? 2.290   -5.530  -15.550 1.00 72.87  ? 126 ALA A O   1 
ATOM   846  C CB  . ALA A 1 106 ? 0.433   -5.813  -13.583 1.00 69.34  ? 126 ALA A CB  1 
ATOM   847  N N   . GLY A 1 107 ? 4.071   -6.183  -14.319 1.00 59.70  ? 127 GLY A N   1 
ATOM   848  C CA  . GLY A 1 107 ? 4.994   -6.112  -15.426 1.00 49.22  ? 127 GLY A CA  1 
ATOM   849  C C   . GLY A 1 107 ? 5.274   -4.730  -15.945 1.00 57.04  ? 127 GLY A C   1 
ATOM   850  O O   . GLY A 1 107 ? 6.017   -4.552  -16.941 1.00 61.54  ? 127 GLY A O   1 
ATOM   851  N N   . VAL A 1 108 ? 4.726   -3.719  -15.280 1.00 57.99  ? 128 VAL A N   1 
ATOM   852  C CA  . VAL A 1 108 ? 5.135   -2.369  -15.661 1.00 58.46  ? 128 VAL A CA  1 
ATOM   853  C C   . VAL A 1 108 ? 5.991   -1.709  -14.565 1.00 58.96  ? 128 VAL A C   1 
ATOM   854  O O   . VAL A 1 108 ? 5.711   -1.829  -13.335 1.00 53.45  ? 128 VAL A O   1 
ATOM   855  C CB  . VAL A 1 108 ? 3.971   -1.560  -16.254 1.00 60.76  ? 128 VAL A CB  1 
ATOM   856  C CG1 . VAL A 1 108 ? 2.787   -1.612  -15.335 1.00 74.69  ? 128 VAL A CG1 1 
ATOM   857  C CG2 . VAL A 1 108 ? 4.379   -0.131  -16.543 1.00 54.79  ? 128 VAL A CG2 1 
ATOM   858  N N   . SER A 1 109 ? 7.090   -1.114  -15.027 1.00 56.18  ? 129 SER A N   1 
ATOM   859  C CA  . SER A 1 109 ? 8.139   -0.655  -14.131 1.00 55.38  ? 129 SER A CA  1 
ATOM   860  C C   . SER A 1 109 ? 8.285   0.802   -14.210 1.00 58.68  ? 129 SER A C   1 
ATOM   861  O O   . SER A 1 109 ? 8.376   1.352   -15.300 1.00 59.11  ? 129 SER A O   1 
ATOM   862  C CB  . SER A 1 109 ? 9.479   -1.294  -14.483 1.00 57.24  ? 129 SER A CB  1 
ATOM   863  O OG  . SER A 1 109 ? 9.534   -2.565  -13.854 1.00 62.80  ? 129 SER A OG  1 
ATOM   864  N N   . LYS A 1 110 ? 8.315   1.436   -13.046 1.00 66.07  ? 130 LYS A N   1 
ATOM   865  C CA  . LYS A 1 110 ? 8.588   2.862   -12.970 1.00 67.50  ? 130 LYS A CA  1 
ATOM   866  C C   . LYS A 1 110 ? 9.454   3.131   -11.730 1.00 60.94  ? 130 LYS A C   1 
ATOM   867  O O   . LYS A 1 110 ? 9.376   2.416   -10.725 1.00 63.14  ? 130 LYS A O   1 
ATOM   868  C CB  . LYS A 1 110 ? 7.257   3.630   -13.048 1.00 77.86  ? 130 LYS A CB  1 
ATOM   869  C CG  . LYS A 1 110 ? 7.236   5.015   -12.435 1.00 93.61  ? 130 LYS A CG  1 
ATOM   870  C CD  . LYS A 1 110 ? 6.977   6.106   -13.452 1.00 97.56  ? 130 LYS A CD  1 
ATOM   871  C CE  . LYS A 1 110 ? 7.195   7.455   -12.795 1.00 92.85  ? 130 LYS A CE  1 
ATOM   872  N NZ  . LYS A 1 110 ? 7.099   8.499   -13.844 1.00 106.56 ? 130 LYS A NZ  1 
ATOM   873  N N   . ASP A 1 111 ? 10.354  4.096   -11.848 1.00 66.55  ? 131 ASP A N   1 
ATOM   874  C CA  . ASP A 1 111 ? 11.168  4.566   -10.713 1.00 64.52  ? 131 ASP A CA  1 
ATOM   875  C C   . ASP A 1 111 ? 10.375  5.507   -9.821  1.00 61.94  ? 131 ASP A C   1 
ATOM   876  O O   . ASP A 1 111 ? 9.850   6.516   -10.297 1.00 66.06  ? 131 ASP A O   1 
ATOM   877  C CB  . ASP A 1 111 ? 12.416  5.287   -11.208 1.00 65.94  ? 131 ASP A CB  1 
ATOM   878  C CG  . ASP A 1 111 ? 13.468  4.341   -11.727 1.00 77.91  ? 131 ASP A CG  1 
ATOM   879  O OD1 . ASP A 1 111 ? 13.284  3.101   -11.613 1.00 80.21  ? 131 ASP A OD1 1 
ATOM   880  O OD2 . ASP A 1 111 ? 14.485  4.852   -12.246 1.00 76.69  ? 131 ASP A OD2 1 
ATOM   881  N N   . ILE A 1 112 ? 10.283  5.161   -8.538  1.00 59.71  ? 132 ILE A N   1 
ATOM   882  C CA  . ILE A 1 112 ? 9.600   5.986   -7.524  1.00 58.69  ? 132 ILE A CA  1 
ATOM   883  C C   . ILE A 1 112 ? 10.511  6.544   -6.409  1.00 59.21  ? 132 ILE A C   1 
ATOM   884  O O   . ILE A 1 112 ? 11.643  6.106   -6.246  1.00 65.48  ? 132 ILE A O   1 
ATOM   885  C CB  . ILE A 1 112 ? 8.420   5.212   -6.928  1.00 51.97  ? 132 ILE A CB  1 
ATOM   886  C CG1 . ILE A 1 112 ? 8.896   4.007   -6.123  1.00 46.81  ? 132 ILE A CG1 1 
ATOM   887  C CG2 . ILE A 1 112 ? 7.545   4.764   -8.068  1.00 49.91  ? 132 ILE A CG2 1 
ATOM   888  C CD1 . ILE A 1 112 ? 7.820   3.416   -5.248  1.00 44.16  ? 132 ILE A CD1 1 
ATOM   889  N N   . VAL A 1 113 ? 10.033  7.539   -5.668  1.00 62.88  ? 133 VAL A N   1 
ATOM   890  C CA  . VAL A 1 113 ? 10.768  7.989   -4.478  1.00 59.11  ? 133 VAL A CA  1 
ATOM   891  C C   . VAL A 1 113 ? 9.957   7.730   -3.229  1.00 59.59  ? 133 VAL A C   1 
ATOM   892  O O   . VAL A 1 113 ? 8.760   7.978   -3.195  1.00 66.07  ? 133 VAL A O   1 
ATOM   893  C CB  . VAL A 1 113 ? 11.249  9.452   -4.534  1.00 58.01  ? 133 VAL A CB  1 
ATOM   894  C CG1 . VAL A 1 113 ? 11.981  9.716   -5.851  1.00 50.88  ? 133 VAL A CG1 1 
ATOM   895  C CG2 . VAL A 1 113 ? 10.094  10.416  -4.320  1.00 66.49  ? 133 VAL A CG2 1 
ATOM   896  N N   . LEU A 1 114 ? 10.610  7.170   -2.219  1.00 63.44  ? 134 LEU A N   1 
ATOM   897  C CA  . LEU A 1 114 ? 9.990   6.981   -0.916  1.00 58.58  ? 134 LEU A CA  1 
ATOM   898  C C   . LEU A 1 114 ? 10.745  7.813   0.109   1.00 63.87  ? 134 LEU A C   1 
ATOM   899  O O   . LEU A 1 114 ? 11.974  8.029   0.003   1.00 59.52  ? 134 LEU A O   1 
ATOM   900  C CB  . LEU A 1 114 ? 9.981   5.515   -0.526  1.00 61.26  ? 134 LEU A CB  1 
ATOM   901  C CG  . LEU A 1 114 ? 9.404   4.539   -1.561  1.00 61.73  ? 134 LEU A CG  1 
ATOM   902  C CD1 . LEU A 1 114 ? 9.683   3.114   -1.129  1.00 59.05  ? 134 LEU A CD1 1 
ATOM   903  C CD2 . LEU A 1 114 ? 7.907   4.746   -1.704  1.00 59.31  ? 134 LEU A CD2 1 
ATOM   904  N N   . ASP A 1 115 ? 9.987   8.331   1.064   1.00 64.25  ? 135 ASP A N   1 
ATOM   905  C CA  . ASP A 1 115 ? 10.554  9.051   2.171   1.00 61.20  ? 135 ASP A CA  1 
ATOM   906  C C   . ASP A 1 115 ? 10.805  8.075   3.268   1.00 61.59  ? 135 ASP A C   1 
ATOM   907  O O   . ASP A 1 115 ? 9.865   7.485   3.857   1.00 60.21  ? 135 ASP A O   1 
ATOM   908  C CB  . ASP A 1 115 ? 9.681   10.235  2.574   1.00 60.14  ? 135 ASP A CB  1 
ATOM   909  C CG  . ASP A 1 115 ? 9.810   11.375  1.576   1.00 69.32  ? 135 ASP A CG  1 
ATOM   910  O OD1 . ASP A 1 115 ? 10.959  11.814  1.300   1.00 81.88  ? 135 ASP A OD1 1 
ATOM   911  O OD2 . ASP A 1 115 ? 8.787   11.795  1.015   1.00 67.67  ? 135 ASP A OD2 1 
ATOM   912  N N   . ALA A 1 116 ? 12.109  7.860   3.458   1.00 56.16  ? 136 ALA A N   1 
ATOM   913  C CA  . ALA A 1 116 ? 12.648  6.991   4.481   1.00 58.05  ? 136 ALA A CA  1 
ATOM   914  C C   . ALA A 1 116 ? 12.732  7.806   5.739   1.00 60.58  ? 136 ALA A C   1 
ATOM   915  O O   . ALA A 1 116 ? 13.321  8.895   5.752   1.00 64.11  ? 136 ALA A O   1 
ATOM   916  C CB  . ALA A 1 116 ? 14.027  6.499   4.085   1.00 56.44  ? 136 ALA A CB  1 
ATOM   917  N N   . GLU A 1 117 ? 12.093  7.283   6.771   1.00 65.56  ? 137 GLU A N   1 
ATOM   918  C CA  . GLU A 1 117 ? 12.165  7.828   8.100   1.00 68.86  ? 137 GLU A CA  1 
ATOM   919  C C   . GLU A 1 117 ? 12.635  6.722   9.031   1.00 76.93  ? 137 GLU A C   1 
ATOM   920  O O   . GLU A 1 117 ? 11.868  5.788   9.325   1.00 76.08  ? 137 GLU A O   1 
ATOM   921  C CB  . GLU A 1 117 ? 10.798  8.308   8.499   1.00 75.09  ? 137 GLU A CB  1 
ATOM   922  C CG  . GLU A 1 117 ? 10.773  9.049   9.817   1.00 102.88 ? 137 GLU A CG  1 
ATOM   923  C CD  . GLU A 1 117 ? 10.057  10.376  9.701   1.00 112.00 ? 137 GLU A CD  1 
ATOM   924  O OE1 . GLU A 1 117 ? 9.022   10.449  8.992   1.00 98.48  ? 137 GLU A OE1 1 
ATOM   925  O OE2 . GLU A 1 117 ? 10.550  11.345  10.317  1.00 131.24 ? 137 GLU A OE2 1 
ATOM   926  N N   . ILE A 1 118 ? 13.903  6.796   9.451   1.00 79.48  ? 138 ILE A N   1 
ATOM   927  C CA  . ILE A 1 118 ? 14.440  5.857   10.444  1.00 76.73  ? 138 ILE A CA  1 
ATOM   928  C C   . ILE A 1 118 ? 13.885  6.147   11.840  1.00 86.33  ? 138 ILE A C   1 
ATOM   929  O O   . ILE A 1 118 ? 14.421  6.998   12.563  1.00 93.14  ? 138 ILE A O   1 
ATOM   930  C CB  . ILE A 1 118 ? 15.964  5.869   10.517  1.00 65.05  ? 138 ILE A CB  1 
ATOM   931  C CG1 . ILE A 1 118 ? 16.550  5.380   9.221   1.00 57.72  ? 138 ILE A CG1 1 
ATOM   932  C CG2 . ILE A 1 118 ? 16.412  4.900   11.594  1.00 74.10  ? 138 ILE A CG2 1 
ATOM   933  C CD1 . ILE A 1 118 ? 17.272  6.407   8.403   1.00 55.25  ? 138 ILE A CD1 1 
ATOM   934  N N   . GLY A 1 119 ? 12.813  5.429   12.196  1.00 99.41  ? 139 GLY A N   1 
ATOM   935  C CA  . GLY A 1 119 ? 12.168  5.487   13.522  1.00 102.80 ? 139 GLY A CA  1 
ATOM   936  C C   . GLY A 1 119 ? 12.890  4.828   14.714  1.00 112.01 ? 139 GLY A C   1 
ATOM   937  O O   . GLY A 1 119 ? 12.316  4.815   15.814  1.00 111.14 ? 139 GLY A O   1 
ATOM   938  N N   . GLY A 1 120 ? 14.124  4.299   14.515  1.00 96.39  ? 140 GLY A N   1 
ATOM   939  C CA  . GLY A 1 120 ? 14.951  3.706   15.594  1.00 77.28  ? 140 GLY A CA  1 
ATOM   940  C C   . GLY A 1 120 ? 15.994  2.654   15.222  1.00 85.88  ? 140 GLY A C   1 
ATOM   941  O O   . GLY A 1 120 ? 15.689  1.712   14.508  1.00 99.06  ? 140 GLY A O   1 
ATOM   942  N N   . VAL A 1 121 ? 17.218  2.812   15.726  1.00 80.03  ? 141 VAL A N   1 
ATOM   943  C CA  . VAL A 1 121 ? 18.357  1.925   15.470  1.00 80.20  ? 141 VAL A CA  1 
ATOM   944  C C   . VAL A 1 121 ? 18.846  1.500   16.830  1.00 90.43  ? 141 VAL A C   1 
ATOM   945  O O   . VAL A 1 121 ? 19.054  2.343   17.688  1.00 117.59 ? 141 VAL A O   1 
ATOM   946  C CB  . VAL A 1 121 ? 19.514  2.685   14.757  1.00 79.45  ? 141 VAL A CB  1 
ATOM   947  C CG1 . VAL A 1 121 ? 20.811  1.871   14.652  1.00 69.81  ? 141 VAL A CG1 1 
ATOM   948  C CG2 . VAL A 1 121 ? 19.065  3.140   13.386  1.00 81.32  ? 141 VAL A CG2 1 
ATOM   949  N N   . ALA A 1 122 ? 19.048  0.204   17.031  1.00 104.32 ? 142 ALA A N   1 
ATOM   950  C CA  . ALA A 1 122 ? 19.392  -0.327  18.356  1.00 102.04 ? 142 ALA A CA  1 
ATOM   951  C C   . ALA A 1 122 ? 20.344  -1.544  18.298  1.00 108.48 ? 142 ALA A C   1 
ATOM   952  O O   . ALA A 1 122 ? 20.574  -2.126  17.220  1.00 110.15 ? 142 ALA A O   1 
ATOM   953  C CB  . ALA A 1 122 ? 18.101  -0.651  19.138  1.00 88.04  ? 142 ALA A CB  1 
ATOM   954  N N   . LYS A 1 123 ? 20.937  -1.875  19.449  1.00 112.79 ? 143 LYS A N   1 
ATOM   955  C CA  . LYS A 1 123 ? 21.406  -3.241  19.736  1.00 113.98 ? 143 LYS A CA  1 
ATOM   956  C C   . LYS A 1 123 ? 20.380  -3.922  20.633  1.00 124.26 ? 143 LYS A C   1 
ATOM   957  O O   . LYS A 1 123 ? 19.848  -3.312  21.563  1.00 121.60 ? 143 LYS A O   1 
ATOM   958  C CB  . LYS A 1 123 ? 22.787  -3.249  20.373  1.00 103.32 ? 143 LYS A CB  1 
ATOM   959  C CG  . LYS A 1 123 ? 23.875  -3.573  19.376  1.00 114.95 ? 143 LYS A CG  1 
ATOM   960  C CD  . LYS A 1 123 ? 25.117  -2.753  19.638  1.00 119.67 ? 143 LYS A CD  1 
ATOM   961  C CE  . LYS A 1 123 ? 26.185  -3.067  18.605  1.00 126.96 ? 143 LYS A CE  1 
ATOM   962  N NZ  . LYS A 1 123 ? 27.142  -1.925  18.536  1.00 133.50 ? 143 LYS A NZ  1 
ATOM   963  N N   . GLY A 1 124 ? 20.073  -5.178  20.332  1.00 139.57 ? 144 GLY A N   1 
ATOM   964  C CA  . GLY A 1 124 ? 18.965  -5.864  20.987  1.00 158.76 ? 144 GLY A CA  1 
ATOM   965  C C   . GLY A 1 124 ? 19.296  -6.393  22.368  1.00 175.81 ? 144 GLY A C   1 
ATOM   966  O O   . GLY A 1 124 ? 20.426  -6.218  22.865  1.00 171.41 ? 144 GLY A O   1 
ATOM   967  N N   . LYS A 1 125 ? 18.282  -7.023  22.974  1.00 175.10 ? 145 LYS A N   1 
ATOM   968  C CA  . LYS A 1 125 ? 18.394  -7.864  24.178  1.00 154.65 ? 145 LYS A CA  1 
ATOM   969  C C   . LYS A 1 125 ? 19.747  -8.615  24.185  1.00 150.05 ? 145 LYS A C   1 
ATOM   970  O O   . LYS A 1 125 ? 20.599  -8.408  25.061  1.00 118.62 ? 145 LYS A O   1 
ATOM   971  C CB  . LYS A 1 125 ? 17.216  -8.868  24.207  1.00 140.09 ? 145 LYS A CB  1 
ATOM   972  C CG  . LYS A 1 125 ? 15.933  -8.407  23.511  1.00 128.33 ? 145 LYS A CG  1 
ATOM   973  C CD  . LYS A 1 125 ? 15.086  -7.534  24.432  1.00 129.88 ? 145 LYS A CD  1 
ATOM   974  C CE  . LYS A 1 125 ? 14.336  -6.459  23.668  1.00 116.83 ? 145 LYS A CE  1 
ATOM   975  N NZ  . LYS A 1 125 ? 15.252  -5.321  23.407  1.00 108.01 ? 145 LYS A NZ  1 
ATOM   976  N N   . ASP A 1 126 ? 19.937  -9.410  23.132  1.00 148.62 ? 146 ASP A N   1 
ATOM   977  C CA  . ASP A 1 126 ? 21.080  -10.295 22.900  1.00 140.78 ? 146 ASP A CA  1 
ATOM   978  C C   . ASP A 1 126 ? 22.363  -9.637  22.344  1.00 131.27 ? 146 ASP A C   1 
ATOM   979  O O   . ASP A 1 126 ? 23.285  -10.344 21.931  1.00 121.34 ? 146 ASP A O   1 
ATOM   980  C CB  . ASP A 1 126 ? 20.623  -11.423 21.950  1.00 144.29 ? 146 ASP A CB  1 
ATOM   981  C CG  . ASP A 1 126 ? 19.766  -10.908 20.774  1.00 151.00 ? 146 ASP A CG  1 
ATOM   982  O OD1 . ASP A 1 126 ? 18.666  -10.346 21.015  1.00 148.49 ? 146 ASP A OD1 1 
ATOM   983  O OD2 . ASP A 1 126 ? 20.190  -11.078 19.610  1.00 145.85 ? 146 ASP A OD2 1 
ATOM   984  N N   . GLY A 1 127 ? 22.426  -8.304  22.321  1.00 126.59 ? 147 GLY A N   1 
ATOM   985  C CA  . GLY A 1 127 ? 23.548  -7.597  21.683  1.00 127.01 ? 147 GLY A CA  1 
ATOM   986  C C   . GLY A 1 127 ? 23.703  -7.701  20.156  1.00 133.10 ? 147 GLY A C   1 
ATOM   987  O O   . GLY A 1 127 ? 24.731  -7.273  19.610  1.00 130.03 ? 147 GLY A O   1 
ATOM   988  N N   . LYS A 1 128 ? 22.703  -8.274  19.469  1.00 136.20 ? 148 LYS A N   1 
ATOM   989  C CA  . LYS A 1 128 ? 22.598  -8.244  17.991  1.00 119.82 ? 148 LYS A CA  1 
ATOM   990  C C   . LYS A 1 128 ? 21.669  -7.108  17.543  1.00 120.83 ? 148 LYS A C   1 
ATOM   991  O O   . LYS A 1 128 ? 20.717  -6.748  18.251  1.00 113.10 ? 148 LYS A O   1 
ATOM   992  C CB  . LYS A 1 128 ? 22.090  -9.581  17.453  1.00 115.58 ? 148 LYS A CB  1 
ATOM   993  C CG  . LYS A 1 128 ? 23.159  -10.512 16.884  1.00 128.73 ? 148 LYS A CG  1 
ATOM   994  C CD  . LYS A 1 128 ? 23.020  -11.952 17.402  1.00 141.75 ? 148 LYS A CD  1 
ATOM   995  C CE  . LYS A 1 128 ? 21.759  -12.689 16.934  1.00 143.27 ? 148 LYS A CE  1 
ATOM   996  N NZ  . LYS A 1 128 ? 21.982  -13.519 15.715  1.00 138.67 ? 148 LYS A NZ  1 
ATOM   997  N N   . GLU A 1 129 ? 21.942  -6.569  16.356  1.00 114.73 ? 149 GLU A N   1 
ATOM   998  C CA  . GLU A 1 129 ? 21.286  -5.343  15.856  1.00 104.40 ? 149 GLU A CA  1 
ATOM   999  C C   . GLU A 1 129 ? 19.791  -5.454  15.549  1.00 92.47  ? 149 GLU A C   1 
ATOM   1000 O O   . GLU A 1 129 ? 19.281  -6.516  15.177  1.00 89.71  ? 149 GLU A O   1 
ATOM   1001 C CB  . GLU A 1 129 ? 21.996  -4.845  14.594  1.00 106.94 ? 149 GLU A CB  1 
ATOM   1002 C CG  . GLU A 1 129 ? 23.439  -4.402  14.785  1.00 108.07 ? 149 GLU A CG  1 
ATOM   1003 C CD  . GLU A 1 129 ? 23.606  -2.906  14.979  1.00 111.27 ? 149 GLU A CD  1 
ATOM   1004 O OE1 . GLU A 1 129 ? 24.776  -2.498  15.112  1.00 101.99 ? 149 GLU A OE1 1 
ATOM   1005 O OE2 . GLU A 1 129 ? 22.600  -2.146  14.985  1.00 117.17 ? 149 GLU A OE2 1 
ATOM   1006 N N   . LYS A 1 130 ? 19.107  -4.331  15.713  1.00 83.20  ? 150 LYS A N   1 
ATOM   1007 C CA  . LYS A 1 130 ? 17.791  -4.126  15.124  1.00 82.85  ? 150 LYS A CA  1 
ATOM   1008 C C   . LYS A 1 130 ? 17.695  -2.733  14.456  1.00 86.80  ? 150 LYS A C   1 
ATOM   1009 O O   . LYS A 1 130 ? 18.645  -1.919  14.568  1.00 84.29  ? 150 LYS A O   1 
ATOM   1010 C CB  . LYS A 1 130 ? 16.658  -4.412  16.119  1.00 80.31  ? 150 LYS A CB  1 
ATOM   1011 C CG  . LYS A 1 130 ? 16.825  -3.816  17.503  1.00 93.42  ? 150 LYS A CG  1 
ATOM   1012 C CD  . LYS A 1 130 ? 15.860  -4.440  18.507  1.00 95.54  ? 150 LYS A CD  1 
ATOM   1013 C CE  . LYS A 1 130 ? 15.784  -3.622  19.798  1.00 107.00 ? 150 LYS A CE  1 
ATOM   1014 N NZ  . LYS A 1 130 ? 14.420  -3.637  20.419  1.00 113.79 ? 150 LYS A NZ  1 
ATOM   1015 N N   . ILE A 1 131 ? 16.621  -2.531  13.673  1.00 75.60  ? 151 ILE A N   1 
ATOM   1016 C CA  . ILE A 1 131 ? 16.222  -1.229  13.099  1.00 75.04  ? 151 ILE A CA  1 
ATOM   1017 C C   . ILE A 1 131 ? 14.736  -1.220  12.939  1.00 80.72  ? 151 ILE A C   1 
ATOM   1018 O O   . ILE A 1 131 ? 14.124  -2.277  12.757  1.00 91.69  ? 151 ILE A O   1 
ATOM   1019 C CB  . ILE A 1 131 ? 16.784  -0.885  11.701  1.00 70.56  ? 151 ILE A CB  1 
ATOM   1020 C CG1 . ILE A 1 131 ? 16.539  -2.022  10.728  1.00 71.46  ? 151 ILE A CG1 1 
ATOM   1021 C CG2 . ILE A 1 131 ? 18.263  -0.509  11.733  1.00 70.05  ? 151 ILE A CG2 1 
ATOM   1022 C CD1 . ILE A 1 131 ? 17.060  -1.671  9.362   1.00 83.56  ? 151 ILE A CD1 1 
ATOM   1023 N N   . GLY A 1 132 ? 14.174  -0.018  13.003  1.00 84.88  ? 152 GLY A N   1 
ATOM   1024 C CA  . GLY A 1 132 ? 12.759  0.254   12.737  1.00 85.68  ? 152 GLY A CA  1 
ATOM   1025 C C   . GLY A 1 132 ? 12.711  1.466   11.823  1.00 91.57  ? 152 GLY A C   1 
ATOM   1026 O O   . GLY A 1 132 ? 13.227  2.524   12.173  1.00 108.59 ? 152 GLY A O   1 
ATOM   1027 N N   . PHE A 1 133 ? 12.157  1.309   10.628  1.00 82.58  ? 153 PHE A N   1 
ATOM   1028 C CA  . PHE A 1 133 ? 12.067  2.427   9.703   1.00 73.45  ? 153 PHE A CA  1 
ATOM   1029 C C   . PHE A 1 133 ? 10.751  2.437   8.991   1.00 72.78  ? 153 PHE A C   1 
ATOM   1030 O O   . PHE A 1 133 ? 10.010  1.447   9.037   1.00 78.31  ? 153 PHE A O   1 
ATOM   1031 C CB  . PHE A 1 133 ? 13.238  2.467   8.718   1.00 72.47  ? 153 PHE A CB  1 
ATOM   1032 C CG  . PHE A 1 133 ? 13.332  1.281   7.813   1.00 77.83  ? 153 PHE A CG  1 
ATOM   1033 C CD1 . PHE A 1 133 ? 14.081  0.172   8.172   1.00 82.30  ? 153 PHE A CD1 1 
ATOM   1034 C CD2 . PHE A 1 133 ? 12.711  1.283   6.575   1.00 76.15  ? 153 PHE A CD2 1 
ATOM   1035 C CE1 . PHE A 1 133 ? 14.181  -0.925  7.322   1.00 80.81  ? 153 PHE A CE1 1 
ATOM   1036 C CE2 . PHE A 1 133 ? 12.809  0.185   5.731   1.00 75.43  ? 153 PHE A CE2 1 
ATOM   1037 C CZ  . PHE A 1 133 ? 13.544  -0.920  6.104   1.00 73.70  ? 153 PHE A CZ  1 
ATOM   1038 N N   . SER A 1 134 ? 10.450  3.572   8.366   1.00 72.53  ? 154 SER A N   1 
ATOM   1039 C CA  . SER A 1 134 ? 9.284   3.670   7.502   1.00 67.65  ? 154 SER A CA  1 
ATOM   1040 C C   . SER A 1 134 ? 9.637   4.197   6.093   1.00 69.65  ? 154 SER A C   1 
ATOM   1041 O O   . SER A 1 134 ? 10.606  4.959   5.901   1.00 69.51  ? 154 SER A O   1 
ATOM   1042 C CB  . SER A 1 134 ? 8.184   4.485   8.168   1.00 67.59  ? 154 SER A CB  1 
ATOM   1043 O OG  . SER A 1 134 ? 8.426   5.858   7.965   1.00 83.98  ? 154 SER A OG  1 
ATOM   1044 N N   . LEU A 1 135 ? 8.864   3.729   5.115   1.00 65.51  ? 155 LEU A N   1 
ATOM   1045 C CA  . LEU A 1 135 ? 8.964   4.199   3.742   1.00 66.15  ? 155 LEU A CA  1 
ATOM   1046 C C   . LEU A 1 135 ? 7.597   4.677   3.345   1.00 67.02  ? 155 LEU A C   1 
ATOM   1047 O O   . LEU A 1 135 ? 6.610   3.906   3.429   1.00 67.25  ? 155 LEU A O   1 
ATOM   1048 C CB  . LEU A 1 135 ? 9.439   3.094   2.807   1.00 61.35  ? 155 LEU A CB  1 
ATOM   1049 C CG  . LEU A 1 135 ? 10.786  2.475   3.154   1.00 63.90  ? 155 LEU A CG  1 
ATOM   1050 C CD1 . LEU A 1 135 ? 10.998  1.273   2.255   1.00 63.68  ? 155 LEU A CD1 1 
ATOM   1051 C CD2 . LEU A 1 135 ? 11.943  3.452   3.001   1.00 59.04  ? 155 LEU A CD2 1 
ATOM   1052 N N   . ASN A 1 136 ? 7.533   5.955   2.957   1.00 60.66  ? 156 ASN A N   1 
ATOM   1053 C CA  . ASN A 1 136 ? 6.269   6.587   2.603   1.00 56.45  ? 156 ASN A CA  1 
ATOM   1054 C C   . ASN A 1 136 ? 6.433   7.265   1.279   1.00 59.91  ? 156 ASN A C   1 
ATOM   1055 O O   . ASN A 1 136 ? 7.491   7.823   1.010   1.00 68.63  ? 156 ASN A O   1 
ATOM   1056 C CB  . ASN A 1 136 ? 5.828   7.600   3.653   1.00 59.45  ? 156 ASN A CB  1 
ATOM   1057 C CG  . ASN A 1 136 ? 5.550   6.962   5.002   1.00 70.32  ? 156 ASN A CG  1 
ATOM   1058 O OD1 . ASN A 1 136 ? 6.468   6.777   5.797   1.00 85.69  ? 156 ASN A OD1 1 
ATOM   1059 N ND2 . ASN A 1 136 ? 4.287   6.635   5.277   1.00 69.39  ? 156 ASN A ND2 1 
ATOM   1060 N N   . GLY A 1 137 ? 5.395   7.195   0.449   1.00 57.70  ? 157 GLY A N   1 
ATOM   1061 C CA  . GLY A 1 137 ? 5.342   7.884   -0.837  1.00 56.11  ? 157 GLY A CA  1 
ATOM   1062 C C   . GLY A 1 137 ? 4.005   7.675   -1.527  1.00 59.36  ? 157 GLY A C   1 
ATOM   1063 O O   . GLY A 1 137 ? 3.211   6.819   -1.144  1.00 61.68  ? 157 GLY A O   1 
ATOM   1064 N N   . LYS A 1 138 ? 3.755   8.493   -2.533  1.00 62.15  ? 158 LYS A N   1 
ATOM   1065 C CA  . LYS A 1 138 ? 2.520   8.448   -3.282  1.00 63.63  ? 158 LYS A CA  1 
ATOM   1066 C C   . LYS A 1 138 ? 2.890   7.974   -4.715  1.00 64.55  ? 158 LYS A C   1 
ATOM   1067 O O   . LYS A 1 138 ? 3.807   8.504   -5.315  1.00 63.83  ? 158 LYS A O   1 
ATOM   1068 C CB  . LYS A 1 138 ? 1.780   9.824   -3.218  1.00 54.64  ? 158 LYS A CB  1 
ATOM   1069 N N   . ILE A 1 139 ? 2.228   6.939   -5.239  1.00 65.01  ? 159 ILE A N   1 
ATOM   1070 C CA  . ILE A 1 139 ? 2.409   6.523   -6.655  1.00 64.39  ? 159 ILE A CA  1 
ATOM   1071 C C   . ILE A 1 139 ? 1.080   6.701   -7.389  1.00 66.36  ? 159 ILE A C   1 
ATOM   1072 O O   . ILE A 1 139 ? -0.004  6.619   -6.759  1.00 72.75  ? 159 ILE A O   1 
ATOM   1073 C CB  . ILE A 1 139 ? 2.935   5.066   -6.798  1.00 60.27  ? 159 ILE A CB  1 
ATOM   1074 C CG1 . ILE A 1 139 ? 1.984   4.075   -6.136  1.00 62.63  ? 159 ILE A CG1 1 
ATOM   1075 C CG2 . ILE A 1 139 ? 4.280   4.910   -6.111  1.00 57.04  ? 159 ILE A CG2 1 
ATOM   1076 C CD1 . ILE A 1 139 ? 2.265   2.645   -6.492  1.00 63.80  ? 159 ILE A CD1 1 
ATOM   1077 N N   . LYS A 1 140 ? 1.158   6.965   -8.692  1.00 59.85  ? 160 LYS A N   1 
ATOM   1078 C CA  . LYS A 1 140 ? -0.059  7.139   -9.508  1.00 60.90  ? 160 LYS A CA  1 
ATOM   1079 C C   . LYS A 1 140 ? -0.447  5.878   -10.309 1.00 61.56  ? 160 LYS A C   1 
ATOM   1080 O O   . LYS A 1 140 ? 0.306   5.461   -11.184 1.00 68.76  ? 160 LYS A O   1 
ATOM   1081 C CB  . LYS A 1 140 ? 0.110   8.309   -10.480 1.00 57.34  ? 160 LYS A CB  1 
ATOM   1082 C CG  . LYS A 1 140 ? 0.449   9.637   -9.833  1.00 64.10  ? 160 LYS A CG  1 
ATOM   1083 C CD  . LYS A 1 140 ? -0.214  10.825  -10.520 1.00 70.91  ? 160 LYS A CD  1 
ATOM   1084 C CE  . LYS A 1 140 ? 0.551   11.302  -11.750 1.00 81.16  ? 160 LYS A CE  1 
ATOM   1085 N NZ  . LYS A 1 140 ? 1.095   12.670  -11.538 1.00 95.93  ? 160 LYS A NZ  1 
ATOM   1086 N N   . ARG A 1 141 ? -1.603  5.275   -10.029 1.00 63.66  ? 161 ARG A N   1 
ATOM   1087 C CA  . ARG A 1 141 ? -2.191  4.215   -10.908 1.00 60.07  ? 161 ARG A CA  1 
ATOM   1088 C C   . ARG A 1 141 ? -1.879  4.468   -12.406 1.00 60.21  ? 161 ARG A C   1 
ATOM   1089 O O   . ARG A 1 141 ? -1.408  3.581   -13.109 1.00 65.35  ? 161 ARG A O   1 
ATOM   1090 C CB  . ARG A 1 141 ? -3.708  4.088   -10.694 1.00 51.91  ? 161 ARG A CB  1 
ATOM   1091 C CG  . ARG A 1 141 ? -4.185  3.375   -9.409  1.00 57.45  ? 161 ARG A CG  1 
ATOM   1092 C CD  . ARG A 1 141 ? -5.725  3.349   -9.305  1.00 57.65  ? 161 ARG A CD  1 
ATOM   1093 N NE  . ARG A 1 141 ? -6.248  3.661   -10.633 1.00 75.35  ? 161 ARG A NE  1 
ATOM   1094 C CZ  . ARG A 1 141 ? -7.436  4.153   -10.948 1.00 79.79  ? 161 ARG A CZ  1 
ATOM   1095 N NH1 . ARG A 1 141 ? -8.355  4.401   -10.039 1.00 88.71  ? 161 ARG A NH1 1 
ATOM   1096 N NH2 . ARG A 1 141 ? -7.696  4.401   -12.221 1.00 85.61  ? 161 ARG A NH2 1 
ATOM   1097 N N   . SER A 1 142 ? -2.063  5.696   -12.871 1.00 57.12  ? 162 SER A N   1 
ATOM   1098 C CA  . SER A 1 142 ? -1.859  5.993   -14.276 1.00 55.91  ? 162 SER A CA  1 
ATOM   1099 C C   . SER A 1 142 ? -0.417  5.785   -14.758 1.00 59.12  ? 162 SER A C   1 
ATOM   1100 O O   . SER A 1 142 ? -0.179  5.446   -15.909 1.00 65.58  ? 162 SER A O   1 
ATOM   1101 C CB  . SER A 1 142 ? -2.346  7.409   -14.590 1.00 55.95  ? 162 SER A CB  1 
ATOM   1102 O OG  . SER A 1 142 ? -1.458  8.406   -14.091 1.00 62.48  ? 162 SER A OG  1 
ATOM   1103 N N   . ASP A 1 143 ? 0.549   6.016   -13.881 1.00 68.72  ? 163 ASP A N   1 
ATOM   1104 C CA  . ASP A 1 143 ? 1.962   5.863   -14.212 1.00 66.82  ? 163 ASP A CA  1 
ATOM   1105 C C   . ASP A 1 143 ? 2.309   4.388   -14.466 1.00 68.49  ? 163 ASP A C   1 
ATOM   1106 O O   . ASP A 1 143 ? 3.283   4.087   -15.136 1.00 65.78  ? 163 ASP A O   1 
ATOM   1107 C CB  . ASP A 1 143 ? 2.812   6.353   -13.047 1.00 79.09  ? 163 ASP A CB  1 
ATOM   1108 C CG  . ASP A 1 143 ? 2.988   7.867   -13.006 1.00 78.63  ? 163 ASP A CG  1 
ATOM   1109 O OD1 . ASP A 1 143 ? 2.781   8.556   -14.030 1.00 66.34  ? 163 ASP A OD1 1 
ATOM   1110 O OD2 . ASP A 1 143 ? 3.385   8.339   -11.917 1.00 77.83  ? 163 ASP A OD2 1 
ATOM   1111 N N   . PHE A 1 144 ? 1.498   3.487   -13.919 1.00 60.02  ? 164 PHE A N   1 
ATOM   1112 C CA  . PHE A 1 144 ? 1.712   2.073   -14.014 1.00 58.75  ? 164 PHE A CA  1 
ATOM   1113 C C   . PHE A 1 144 ? 0.693   1.449   -14.926 1.00 63.30  ? 164 PHE A C   1 
ATOM   1114 O O   . PHE A 1 144 ? 0.579   0.225   -14.926 1.00 58.20  ? 164 PHE A O   1 
ATOM   1115 C CB  . PHE A 1 144 ? 1.589   1.429   -12.620 1.00 59.04  ? 164 PHE A CB  1 
ATOM   1116 C CG  . PHE A 1 144 ? 2.789   1.663   -11.762 1.00 67.31  ? 164 PHE A CG  1 
ATOM   1117 C CD1 . PHE A 1 144 ? 2.883   2.806   -10.974 1.00 63.32  ? 164 PHE A CD1 1 
ATOM   1118 C CD2 . PHE A 1 144 ? 3.866   0.780   -11.804 1.00 68.77  ? 164 PHE A CD2 1 
ATOM   1119 C CE1 . PHE A 1 144 ? 4.010   3.030   -10.213 1.00 70.12  ? 164 PHE A CE1 1 
ATOM   1120 C CE2 . PHE A 1 144 ? 5.000   1.001   -11.040 1.00 66.55  ? 164 PHE A CE2 1 
ATOM   1121 C CZ  . PHE A 1 144 ? 5.069   2.128   -10.247 1.00 74.11  ? 164 PHE A CZ  1 
ATOM   1122 N N   . LYS A 1 145 ? -0.065  2.277   -15.666 1.00 61.61  ? 165 LYS A N   1 
ATOM   1123 C CA  . LYS A 1 145 ? -1.226  1.828   -16.446 1.00 57.99  ? 165 LYS A CA  1 
ATOM   1124 C C   . LYS A 1 145 ? -2.079  0.761   -15.665 1.00 57.93  ? 165 LYS A C   1 
ATOM   1125 O O   . LYS A 1 145 ? -2.636  -0.177  -16.255 1.00 66.71  ? 165 LYS A O   1 
ATOM   1126 C CB  . LYS A 1 145 ? -0.772  1.337   -17.831 1.00 62.74  ? 165 LYS A CB  1 
ATOM   1127 C CG  . LYS A 1 145 ? -0.250  2.406   -18.794 1.00 68.16  ? 165 LYS A CG  1 
ATOM   1128 C CD  . LYS A 1 145 ? -1.368  2.756   -19.773 1.00 90.96  ? 165 LYS A CD  1 
ATOM   1129 C CE  . LYS A 1 145 ? -1.286  4.181   -20.310 1.00 104.24 ? 165 LYS A CE  1 
ATOM   1130 N NZ  . LYS A 1 145 ? -0.225  4.299   -21.346 1.00 106.17 ? 165 LYS A NZ  1 
ATOM   1131 N N   . PHE A 1 146 ? -2.165  0.928   -14.339 1.00 51.70  ? 166 PHE A N   1 
ATOM   1132 C CA  . PHE A 1 146 ? -2.844  -0.003  -13.416 1.00 60.64  ? 166 PHE A CA  1 
ATOM   1133 C C   . PHE A 1 146 ? -4.336  0.282   -13.189 1.00 65.69  ? 166 PHE A C   1 
ATOM   1134 O O   . PHE A 1 146 ? -4.723  1.435   -12.925 1.00 73.10  ? 166 PHE A O   1 
ATOM   1135 C CB  . PHE A 1 146 ? -2.134  -0.001  -12.063 1.00 53.50  ? 166 PHE A CB  1 
ATOM   1136 C CG  . PHE A 1 146 ? -2.804  -0.842  -11.026 1.00 51.76  ? 166 PHE A CG  1 
ATOM   1137 C CD1 . PHE A 1 146 ? -2.550  -2.206  -10.956 1.00 54.03  ? 166 PHE A CD1 1 
ATOM   1138 C CD2 . PHE A 1 146 ? -3.691  -0.272  -10.101 1.00 52.68  ? 166 PHE A CD2 1 
ATOM   1139 C CE1 . PHE A 1 146 ? -3.150  -3.015  -9.978  1.00 57.69  ? 166 PHE A CE1 1 
ATOM   1140 C CE2 . PHE A 1 146 ? -4.291  -1.061  -9.112  1.00 53.80  ? 166 PHE A CE2 1 
ATOM   1141 C CZ  . PHE A 1 146 ? -4.029  -2.442  -9.057  1.00 59.89  ? 166 PHE A CZ  1 
ATOM   1142 N N   . ALA A 1 147 ? -5.133  -0.794  -13.234 1.00 61.28  ? 167 ALA A N   1 
ATOM   1143 C CA  . ALA A 1 147 ? -6.616  -0.753  -13.260 1.00 67.73  ? 167 ALA A CA  1 
ATOM   1144 C C   . ALA A 1 147 ? -7.197  0.315   -14.193 1.00 71.13  ? 167 ALA A C   1 
ATOM   1145 O O   . ALA A 1 147 ? -8.111  1.041   -13.789 1.00 78.05  ? 167 ALA A O   1 
ATOM   1146 C CB  . ALA A 1 147 ? -7.216  -0.642  -11.842 1.00 64.39  ? 167 ALA A CB  1 
ATOM   1147 N N   . THR A 1 148 ? -6.665  0.407   -15.420 1.00 67.17  ? 168 THR A N   1 
ATOM   1148 C CA  . THR A 1 148 ? -7.002  1.508   -16.360 1.00 76.90  ? 168 THR A CA  1 
ATOM   1149 C C   . THR A 1 148 ? -8.474  1.592   -16.748 1.00 74.55  ? 168 THR A C   1 
ATOM   1150 O O   . THR A 1 148 ? -8.901  2.635   -17.219 1.00 72.13  ? 168 THR A O   1 
ATOM   1151 C CB  . THR A 1 148 ? -6.186  1.512   -17.697 1.00 80.44  ? 168 THR A CB  1 
ATOM   1152 O OG1 . THR A 1 148 ? -6.051  0.174   -18.189 1.00 106.86 ? 168 THR A OG1 1 
ATOM   1153 C CG2 . THR A 1 148 ? -4.801  2.185   -17.550 1.00 83.98  ? 168 THR A CG2 1 
ATOM   1154 N N   . SER A 1 149 ? -9.221  0.496   -16.583 1.00 80.92  ? 169 SER A N   1 
ATOM   1155 C CA  . SER A 1 149 ? -10.653 0.444   -16.892 1.00 83.91  ? 169 SER A CA  1 
ATOM   1156 C C   . SER A 1 149 ? -11.468 1.251   -15.842 1.00 86.86  ? 169 SER A C   1 
ATOM   1157 O O   . SER A 1 149 ? -12.389 2.005   -16.215 1.00 84.12  ? 169 SER A O   1 
ATOM   1158 C CB  . SER A 1 149 ? -11.133 -1.013  -17.000 1.00 75.63  ? 169 SER A CB  1 
ATOM   1159 O OG  . SER A 1 149 ? -10.832 -1.727  -15.812 1.00 85.83  ? 169 SER A OG  1 
ATOM   1160 N N   . THR A 1 150 ? -11.104 1.100   -14.554 1.00 83.13  ? 170 THR A N   1 
ATOM   1161 C CA  . THR A 1 150 ? -11.622 1.937   -13.437 1.00 76.01  ? 170 THR A CA  1 
ATOM   1162 C C   . THR A 1 150 ? -11.232 3.416   -13.526 1.00 77.40  ? 170 THR A C   1 
ATOM   1163 O O   . THR A 1 150 ? -10.043 3.749   -13.613 1.00 77.93  ? 170 THR A O   1 
ATOM   1164 C CB  . THR A 1 150 ? -11.140 1.429   -12.091 1.00 65.87  ? 170 THR A CB  1 
ATOM   1165 O OG1 . THR A 1 150 ? -11.111 -0.005  -12.106 1.00 72.01  ? 170 THR A OG1 1 
ATOM   1166 C CG2 . THR A 1 150 ? -12.047 1.924   -11.003 1.00 68.77  ? 170 THR A CG2 1 
ATOM   1167 N N   . SER A 1 151 ? -12.240 4.290   -13.526 1.00 80.56  ? 171 SER A N   1 
ATOM   1168 C CA  . SER A 1 151 ? -12.049 5.745   -13.655 1.00 82.92  ? 171 SER A CA  1 
ATOM   1169 C C   . SER A 1 151 ? -11.314 6.332   -12.466 1.00 78.39  ? 171 SER A C   1 
ATOM   1170 O O   . SER A 1 151 ? -11.456 5.847   -11.317 1.00 67.85  ? 171 SER A O   1 
ATOM   1171 C CB  . SER A 1 151 ? -13.397 6.448   -13.737 1.00 88.16  ? 171 SER A CB  1 
ATOM   1172 O OG  . SER A 1 151 ? -13.238 7.725   -14.297 1.00 97.12  ? 171 SER A OG  1 
ATOM   1173 N N   . THR A 1 152 ? -10.551 7.395   -12.729 1.00 71.66  ? 172 THR A N   1 
ATOM   1174 C CA  . THR A 1 152 ? -9.940  8.137   -11.612 1.00 78.37  ? 172 THR A CA  1 
ATOM   1175 C C   . THR A 1 152 ? -10.961 8.871   -10.716 1.00 79.44  ? 172 THR A C   1 
ATOM   1176 O O   . THR A 1 152 ? -10.602 9.360   -9.650  1.00 95.23  ? 172 THR A O   1 
ATOM   1177 C CB  . THR A 1 152 ? -8.873  9.133   -12.063 1.00 71.06  ? 172 THR A CB  1 
ATOM   1178 O OG1 . THR A 1 152 ? -9.408  9.941   -13.100 1.00 74.67  ? 172 THR A OG1 1 
ATOM   1179 C CG2 . THR A 1 152 ? -7.659  8.417   -12.554 1.00 71.99  ? 172 THR A CG2 1 
ATOM   1180 N N   . ILE A 1 153 ? -12.222 8.927   -11.144 1.00 73.34  ? 173 ILE A N   1 
ATOM   1181 C CA  . ILE A 1 153 ? -13.297 9.464   -10.331 1.00 69.43  ? 173 ILE A CA  1 
ATOM   1182 C C   . ILE A 1 153 ? -13.672 8.477   -9.230  1.00 68.33  ? 173 ILE A C   1 
ATOM   1183 O O   . ILE A 1 153 ? -13.593 8.813   -8.060  1.00 90.97  ? 173 ILE A O   1 
ATOM   1184 C CB  . ILE A 1 153 ? -14.500 9.852   -11.191 1.00 70.07  ? 173 ILE A CB  1 
ATOM   1185 C CG1 . ILE A 1 153 ? -14.077 10.920  -12.205 1.00 74.47  ? 173 ILE A CG1 1 
ATOM   1186 C CG2 . ILE A 1 153 ? -15.614 10.382  -10.312 1.00 74.63  ? 173 ILE A CG2 1 
ATOM   1187 C CD1 . ILE A 1 153 ? -15.104 11.248  -13.279 1.00 72.19  ? 173 ILE A CD1 1 
ATOM   1188 N N   . THR A 1 154 ? -14.057 7.269   -9.605  1.00 70.79  ? 174 THR A N   1 
ATOM   1189 C CA  . THR A 1 154 ? -14.447 6.214   -8.666  1.00 75.26  ? 174 THR A CA  1 
ATOM   1190 C C   . THR A 1 154 ? -13.339 5.845   -7.666  1.00 73.10  ? 174 THR A C   1 
ATOM   1191 O O   . THR A 1 154 ? -13.611 5.607   -6.474  1.00 69.77  ? 174 THR A O   1 
ATOM   1192 C CB  . THR A 1 154 ? -14.872 4.949   -9.461  1.00 81.14  ? 174 THR A CB  1 
ATOM   1193 O OG1 . THR A 1 154 ? -15.941 5.313   -10.335 1.00 100.10 ? 174 THR A OG1 1 
ATOM   1194 C CG2 . THR A 1 154 ? -15.278 3.709   -8.532  1.00 75.61  ? 174 THR A CG2 1 
ATOM   1195 N N   . LEU A 1 155 ? -12.108 5.738   -8.188  1.00 74.95  ? 175 LEU A N   1 
ATOM   1196 C CA  . LEU A 1 155 ? -10.938 5.247   -7.439  1.00 65.51  ? 175 LEU A CA  1 
ATOM   1197 C C   . LEU A 1 155 ? -9.818  6.183   -7.780  1.00 70.34  ? 175 LEU A C   1 
ATOM   1198 O O   . LEU A 1 155 ? -9.581  6.484   -8.962  1.00 67.57  ? 175 LEU A O   1 
ATOM   1199 C CB  . LEU A 1 155 ? -10.566 3.831   -7.828  1.00 60.24  ? 175 LEU A CB  1 
ATOM   1200 C CG  . LEU A 1 155 ? -9.418  3.131   -7.113  1.00 64.42  ? 175 LEU A CG  1 
ATOM   1201 C CD1 . LEU A 1 155 ? -9.836  2.621   -5.754  1.00 63.70  ? 175 LEU A CD1 1 
ATOM   1202 C CD2 . LEU A 1 155 ? -8.970  1.942   -7.947  1.00 64.26  ? 175 LEU A CD2 1 
ATOM   1203 N N   . SER A 1 156 ? -9.180  6.670   -6.716  1.00 68.46  ? 176 SER A N   1 
ATOM   1204 C CA  . SER A 1 156 ? -8.173  7.716   -6.773  1.00 65.50  ? 176 SER A CA  1 
ATOM   1205 C C   . SER A 1 156 ? -7.024  7.293   -7.687  1.00 67.01  ? 176 SER A C   1 
ATOM   1206 O O   . SER A 1 156 ? -6.625  6.121   -7.670  1.00 62.09  ? 176 SER A O   1 
ATOM   1207 C CB  . SER A 1 156 ? -7.648  7.953   -5.357  1.00 62.34  ? 176 SER A CB  1 
ATOM   1208 O OG  . SER A 1 156 ? -6.636  8.916   -5.409  1.00 75.68  ? 176 SER A OG  1 
ATOM   1209 N N   . ASP A 1 157 ? -6.485  8.214   -8.481  1.00 63.88  ? 177 ASP A N   1 
ATOM   1210 C CA  . ASP A 1 157 ? -5.260  7.869   -9.188  1.00 59.51  ? 177 ASP A CA  1 
ATOM   1211 C C   . ASP A 1 157 ? -4.084  7.689   -8.200  1.00 69.54  ? 177 ASP A C   1 
ATOM   1212 O O   . ASP A 1 157 ? -3.108  7.002   -8.519  1.00 73.71  ? 177 ASP A O   1 
ATOM   1213 C CB  . ASP A 1 157 ? -4.927  8.898   -10.252 1.00 57.31  ? 177 ASP A CB  1 
ATOM   1214 C CG  . ASP A 1 157 ? -3.936  8.374   -11.293 1.00 68.35  ? 177 ASP A CG  1 
ATOM   1215 O OD1 . ASP A 1 157 ? -3.937  7.156   -11.636 1.00 67.24  ? 177 ASP A OD1 1 
ATOM   1216 O OD2 . ASP A 1 157 ? -3.147  9.207   -11.795 1.00 70.19  ? 177 ASP A OD2 1 
ATOM   1217 N N   . ASP A 1 158 ? -4.190  8.275   -6.999  1.00 69.29  ? 178 ASP A N   1 
ATOM   1218 C CA  . ASP A 1 158 ? -3.096  8.248   -6.025  1.00 65.63  ? 178 ASP A CA  1 
ATOM   1219 C C   . ASP A 1 158 ? -3.229  7.097   -5.064  1.00 68.15  ? 178 ASP A C   1 
ATOM   1220 O O   . ASP A 1 158 ? -4.299  6.931   -4.427  1.00 73.32  ? 178 ASP A O   1 
ATOM   1221 C CB  . ASP A 1 158 ? -2.979  9.569   -5.251  1.00 64.08  ? 178 ASP A CB  1 
ATOM   1222 C CG  . ASP A 1 158 ? -2.752  10.760  -6.167  1.00 78.69  ? 178 ASP A CG  1 
ATOM   1223 O OD1 . ASP A 1 158 ? -1.659  10.927  -6.766  1.00 88.34  ? 178 ASP A OD1 1 
ATOM   1224 O OD2 . ASP A 1 158 ? -3.700  11.535  -6.315  1.00 89.26  ? 178 ASP A OD2 1 
ATOM   1225 N N   . ILE A 1 159 ? -2.145  6.312   -4.969  1.00 59.02  ? 179 ILE A N   1 
ATOM   1226 C CA  . ILE A 1 159 ? -2.006  5.297   -3.928  1.00 63.04  ? 179 ILE A CA  1 
ATOM   1227 C C   . ILE A 1 159 ? -0.936  5.778   -2.954  1.00 63.48  ? 179 ILE A C   1 
ATOM   1228 O O   . ILE A 1 159 ? 0.097   6.275   -3.393  1.00 67.04  ? 179 ILE A O   1 
ATOM   1229 C CB  . ILE A 1 159 ? -1.525  3.939   -4.490  1.00 63.32  ? 179 ILE A CB  1 
ATOM   1230 C CG1 . ILE A 1 159 ? -2.361  3.506   -5.686  1.00 64.36  ? 179 ILE A CG1 1 
ATOM   1231 C CG2 . ILE A 1 159 ? -1.552  2.889   -3.385  1.00 63.12  ? 179 ILE A CG2 1 
ATOM   1232 C CD1 . ILE A 1 159 ? -1.830  2.292   -6.420  1.00 70.59  ? 179 ILE A CD1 1 
ATOM   1233 N N   . ASN A 1 160 ? -1.173  5.611   -1.656  1.00 62.07  ? 180 ASN A N   1 
ATOM   1234 C CA  . ASN A 1 160 ? -0.231  6.036   -0.623  1.00 68.05  ? 180 ASN A CA  1 
ATOM   1235 C C   . ASN A 1 160 ? 0.406   4.831   -0.027  1.00 72.24  ? 180 ASN A C   1 
ATOM   1236 O O   . ASN A 1 160 ? -0.254  4.003   0.601   1.00 77.68  ? 180 ASN A O   1 
ATOM   1237 C CB  . ASN A 1 160 ? -0.901  6.861   0.503   1.00 76.00  ? 180 ASN A CB  1 
ATOM   1238 C CG  . ASN A 1 160 ? -1.287  8.277   0.063   1.00 80.25  ? 180 ASN A CG  1 
ATOM   1239 O OD1 . ASN A 1 160 ? -0.495  9.030   -0.537  1.00 92.26  ? 180 ASN A OD1 1 
ATOM   1240 N ND2 . ASN A 1 160 ? -2.523  8.643   0.361   1.00 98.21  ? 180 ASN A ND2 1 
ATOM   1241 N N   . LEU A 1 161 ? 1.707   4.747   -0.216  1.00 70.06  ? 181 LEU A N   1 
ATOM   1242 C CA  . LEU A 1 161 ? 2.456   3.620   0.258   1.00 68.77  ? 181 LEU A CA  1 
ATOM   1243 C C   . LEU A 1 161 ? 2.932   3.946   1.652   1.00 70.96  ? 181 LEU A C   1 
ATOM   1244 O O   . LEU A 1 161 ? 3.477   5.038   1.903   1.00 72.21  ? 181 LEU A O   1 
ATOM   1245 C CB  . LEU A 1 161 ? 3.633   3.356   -0.677  1.00 70.94  ? 181 LEU A CB  1 
ATOM   1246 C CG  . LEU A 1 161 ? 3.335   3.334   -2.161  1.00 67.15  ? 181 LEU A CG  1 
ATOM   1247 C CD1 . LEU A 1 161 ? 4.567   2.913   -2.932  1.00 68.27  ? 181 LEU A CD1 1 
ATOM   1248 C CD2 . LEU A 1 161 ? 2.198   2.355   -2.368  1.00 73.97  ? 181 LEU A CD2 1 
ATOM   1249 N N   . CYS A 1 162 ? 2.690   3.008   2.557   1.00 69.89  ? 182 CYS A N   1 
ATOM   1250 C CA  . CYS A 1 162 ? 3.237   3.069   3.895   1.00 75.61  ? 182 CYS A CA  1 
ATOM   1251 C C   . CYS A 1 162 ? 3.895   1.725   4.327   1.00 80.26  ? 182 CYS A C   1 
ATOM   1252 O O   . CYS A 1 162 ? 3.189   0.790   4.757   1.00 87.98  ? 182 CYS A O   1 
ATOM   1253 C CB  . CYS A 1 162 ? 2.143   3.507   4.875   1.00 82.14  ? 182 CYS A CB  1 
ATOM   1254 S SG  . CYS A 1 162 ? 2.844   3.756   6.526   1.00 98.24  ? 182 CYS A SG  1 
ATOM   1255 N N   . ILE A 1 163 ? 5.228   1.630   4.204   1.00 68.03  ? 183 ILE A N   1 
ATOM   1256 C CA  . ILE A 1 163 ? 5.946   0.402   4.563   1.00 66.86  ? 183 ILE A CA  1 
ATOM   1257 C C   . ILE A 1 163 ? 6.510   0.611   5.935   1.00 71.45  ? 183 ILE A C   1 
ATOM   1258 O O   . ILE A 1 163 ? 7.426   1.394   6.102   1.00 78.67  ? 183 ILE A O   1 
ATOM   1259 C CB  . ILE A 1 163 ? 7.139   0.063   3.633   1.00 64.53  ? 183 ILE A CB  1 
ATOM   1260 C CG1 . ILE A 1 163 ? 6.817   0.273   2.155   1.00 64.97  ? 183 ILE A CG1 1 
ATOM   1261 C CG2 . ILE A 1 163 ? 7.598   -1.367  3.849   1.00 55.03  ? 183 ILE A CG2 1 
ATOM   1262 C CD1 . ILE A 1 163 ? 5.470   -0.258  1.716   1.00 72.26  ? 183 ILE A CD1 1 
ATOM   1263 N N   . GLU A 1 164 ? 5.958   -0.085  6.915   1.00 76.77  ? 184 GLU A N   1 
ATOM   1264 C CA  . GLU A 1 164 ? 6.460   -0.023  8.278   1.00 80.57  ? 184 GLU A CA  1 
ATOM   1265 C C   . GLU A 1 164 ? 7.290   -1.288  8.542   1.00 78.47  ? 184 GLU A C   1 
ATOM   1266 O O   . GLU A 1 164 ? 6.778   -2.390  8.411   1.00 84.70  ? 184 GLU A O   1 
ATOM   1267 C CB  . GLU A 1 164 ? 5.274   0.101   9.237   1.00 92.49  ? 184 GLU A CB  1 
ATOM   1268 C CG  . GLU A 1 164 ? 5.582   0.814   10.543  1.00 111.04 ? 184 GLU A CG  1 
ATOM   1269 C CD  . GLU A 1 164 ? 5.715   2.312   10.367  1.00 121.48 ? 184 GLU A CD  1 
ATOM   1270 O OE1 . GLU A 1 164 ? 4.726   2.947   9.914   1.00 124.70 ? 184 GLU A OE1 1 
ATOM   1271 O OE2 . GLU A 1 164 ? 6.811   2.837   10.680  1.00 114.51 ? 184 GLU A OE2 1 
ATOM   1272 N N   . VAL A 1 165 ? 8.567   -1.136  8.873   1.00 66.64  ? 185 VAL A N   1 
ATOM   1273 C CA  . VAL A 1 165 ? 9.475   -2.285  9.011   1.00 73.53  ? 185 VAL A CA  1 
ATOM   1274 C C   . VAL A 1 165 ? 10.115  -2.276  10.400  1.00 79.11  ? 185 VAL A C   1 
ATOM   1275 O O   . VAL A 1 165 ? 10.619  -1.232  10.819  1.00 87.30  ? 185 VAL A O   1 
ATOM   1276 C CB  . VAL A 1 165 ? 10.595  -2.234  7.933   1.00 70.54  ? 185 VAL A CB  1 
ATOM   1277 C CG1 . VAL A 1 165 ? 11.632  -3.329  8.113   1.00 61.55  ? 185 VAL A CG1 1 
ATOM   1278 C CG2 . VAL A 1 165 ? 9.987   -2.346  6.568   1.00 67.08  ? 185 VAL A CG2 1 
ATOM   1279 N N   . GLU A 1 166 ? 10.022  -3.403  11.123  1.00 80.82  ? 186 GLU A N   1 
ATOM   1280 C CA  . GLU A 1 166 ? 10.962  -3.772  12.211  1.00 81.34  ? 186 GLU A CA  1 
ATOM   1281 C C   . GLU A 1 166 ? 11.824  -4.891  11.611  1.00 83.68  ? 186 GLU A C   1 
ATOM   1282 O O   . GLU A 1 166 ? 11.343  -5.668  10.774  1.00 92.33  ? 186 GLU A O   1 
ATOM   1283 C CB  . GLU A 1 166 ? 10.248  -4.199  13.512  1.00 68.83  ? 186 GLU A CB  1 
ATOM   1284 N N   . ALA A 1 167 ? 13.103  -4.937  11.970  1.00 77.16  ? 187 ALA A N   1 
ATOM   1285 C CA  . ALA A 1 167 ? 14.031  -5.865  11.332  1.00 77.06  ? 187 ALA A CA  1 
ATOM   1286 C C   . ALA A 1 167 ? 15.318  -6.076  12.141  1.00 89.92  ? 187 ALA A C   1 
ATOM   1287 O O   . ALA A 1 167 ? 15.862  -5.121  12.701  1.00 105.99 ? 187 ALA A O   1 
ATOM   1288 C CB  . ALA A 1 167 ? 14.354  -5.418  9.912   1.00 66.75  ? 187 ALA A CB  1 
ATOM   1289 N N   . ASN A 1 168 ? 15.798  -7.329  12.150  1.00 89.91  ? 188 ASN A N   1 
ATOM   1290 C CA  . ASN A 1 168 ? 16.894  -7.816  12.998  1.00 75.41  ? 188 ASN A CA  1 
ATOM   1291 C C   . ASN A 1 168 ? 18.061  -8.273  12.162  1.00 75.66  ? 188 ASN A C   1 
ATOM   1292 O O   . ASN A 1 168 ? 17.896  -8.663  11.003  1.00 77.89  ? 188 ASN A O   1 
ATOM   1293 C CB  . ASN A 1 168 ? 16.405  -8.969  13.867  1.00 70.02  ? 188 ASN A CB  1 
ATOM   1294 C CG  . ASN A 1 168 ? 15.202  -8.585  14.721  1.00 80.59  ? 188 ASN A CG  1 
ATOM   1295 O OD1 . ASN A 1 168 ? 15.337  -7.898  15.748  1.00 78.26  ? 188 ASN A OD1 1 
ATOM   1296 N ND2 . ASN A 1 168 ? 14.009  -9.015  14.295  1.00 85.85  ? 188 ASN A ND2 1 
ATOM   1297 N N   . GLU A 1 169 ? 19.248  -8.223  12.745  1.00 75.98  ? 189 GLU A N   1 
ATOM   1298 C CA  . GLU A 1 169 ? 20.453  -8.623  12.029  1.00 89.25  ? 189 GLU A CA  1 
ATOM   1299 C C   . GLU A 1 169 ? 20.395  -10.116 11.625  1.00 103.21 ? 189 GLU A C   1 
ATOM   1300 O O   . GLU A 1 169 ? 19.635  -10.888 12.214  1.00 109.66 ? 189 GLU A O   1 
ATOM   1301 C CB  . GLU A 1 169 ? 21.663  -8.312  12.897  1.00 82.30  ? 189 GLU A CB  1 
ATOM   1302 C CG  . GLU A 1 169 ? 22.958  -8.137  12.129  1.00 87.14  ? 189 GLU A CG  1 
ATOM   1303 C CD  . GLU A 1 169 ? 24.143  -7.857  13.041  1.00 96.00  ? 189 GLU A CD  1 
ATOM   1304 O OE1 . GLU A 1 169 ? 25.252  -7.597  12.507  1.00 100.12 ? 189 GLU A OE1 1 
ATOM   1305 O OE2 . GLU A 1 169 ? 23.975  -7.893  14.288  1.00 98.82  ? 189 GLU A OE2 1 
ATOM   1306 N N   . LYS A 1 170 ? 21.192  -10.510 10.629  1.00 115.22 ? 190 LYS A N   1 
ATOM   1307 C CA  . LYS A 1 170 ? 21.155  -11.861 10.043  1.00 120.47 ? 190 LYS A CA  1 
ATOM   1308 C C   . LYS A 1 170 ? 22.204  -12.837 10.643  1.00 137.94 ? 190 LYS A C   1 
ATOM   1309 O O   . LYS A 1 170 ? 23.053  -12.415 11.435  1.00 141.66 ? 190 LYS A O   1 
ATOM   1310 C CB  . LYS A 1 170 ? 21.333  -11.737 8.520   1.00 127.81 ? 190 LYS A CB  1 
ATOM   1311 C CG  . LYS A 1 170 ? 20.306  -12.508 7.705   1.00 122.74 ? 190 LYS A CG  1 
ATOM   1312 C CD  . LYS A 1 170 ? 20.694  -12.617 6.241   1.00 111.80 ? 190 LYS A CD  1 
ATOM   1313 C CE  . LYS A 1 170 ? 19.730  -13.591 5.564   1.00 126.18 ? 190 LYS A CE  1 
ATOM   1314 N NZ  . LYS A 1 170 ? 20.210  -14.031 4.224   1.00 139.13 ? 190 LYS A NZ  1 
ATOM   1315 N N   . GLU A 1 171 ? 22.143  -14.120 10.228  1.00 146.29 ? 191 GLU A N   1 
ATOM   1316 C CA  . GLU A 1 171 ? 22.957  -15.272 10.739  1.00 121.20 ? 191 GLU A CA  1 
ATOM   1317 C C   . GLU A 1 171 ? 22.739  -15.483 12.237  1.00 121.84 ? 191 GLU A C   1 
ATOM   1318 O O   . GLU A 1 171 ? 21.621  -15.287 12.737  1.00 112.14 ? 191 GLU A O   1 
ATOM   1319 C CB  . GLU A 1 171 ? 24.463  -15.193 10.374  1.00 95.21  ? 191 GLU A CB  1 
HETATM 1320 C C1  . LFA B 2 .   ? 6.281   -1.145  -2.279  1.00 61.73  ? 301 LFA A C1  1 
HETATM 1321 C C2  . LFA B 2 .   ? 4.787   -1.395  -1.918  1.00 70.19  ? 301 LFA A C2  1 
HETATM 1322 C C3  . LFA B 2 .   ? 3.742   -1.244  -3.049  1.00 67.72  ? 301 LFA A C3  1 
HETATM 1323 C C4  . LFA B 2 .   ? 2.249   -1.343  -2.663  1.00 67.44  ? 301 LFA A C4  1 
HETATM 1324 C C5  . LFA B 2 .   ? 1.346   -1.016  -3.889  1.00 68.76  ? 301 LFA A C5  1 
HETATM 1325 C C6  . LFA B 2 .   ? -0.081  -1.595  -3.792  1.00 69.37  ? 301 LFA A C6  1 
HETATM 1326 C C7  . LFA B 2 .   ? -1.112  -1.094  -4.822  1.00 69.06  ? 301 LFA A C7  1 
HETATM 1327 C C8  . LFA B 2 .   ? -2.516  -1.317  -4.225  1.00 70.65  ? 301 LFA A C8  1 
HETATM 1328 C C9  . LFA B 2 .   ? -3.711  -0.835  -5.071  1.00 71.38  ? 301 LFA A C9  1 
HETATM 1329 C C10 . LFA B 2 .   ? -5.071  -1.297  -4.486  1.00 70.34  ? 301 LFA A C10 1 
HETATM 1330 C C11 . LFA B 2 .   ? -6.376  -0.840  -5.196  1.00 69.62  ? 301 LFA A C11 1 
HETATM 1331 C C12 . LFA B 2 .   ? -7.647  -1.165  -4.376  1.00 72.13  ? 301 LFA A C12 1 
HETATM 1332 C C13 . LFA B 2 .   ? -8.969  -1.015  -5.145  1.00 77.93  ? 301 LFA A C13 1 
HETATM 1333 C C14 . LFA B 2 .   ? -10.212 -1.299  -4.274  1.00 87.46  ? 301 LFA A C14 1 
HETATM 1334 C C15 . LFA B 2 .   ? -11.515 -1.685  -5.023  1.00 95.79  ? 301 LFA A C15 1 
HETATM 1335 C C16 . LFA B 2 .   ? -12.397 -0.535  -5.565  1.00 102.10 ? 301 LFA A C16 1 
HETATM 1336 C C17 . LFA B 2 .   ? -13.328 -0.971  -6.704  1.00 89.81  ? 301 LFA A C17 1 
HETATM 1337 S S   . SO4 C 3 .   ? 10.789  5.651   -15.110 0.90 115.58 ? 302 SO4 A S   1 
HETATM 1338 O O1  . SO4 C 3 .   ? 11.303  6.028   -16.454 0.90 102.19 ? 302 SO4 A O1  1 
HETATM 1339 O O2  . SO4 C 3 .   ? 11.472  4.428   -14.606 0.90 129.51 ? 302 SO4 A O2  1 
HETATM 1340 O O3  . SO4 C 3 .   ? 9.337   5.375   -15.214 0.90 144.79 ? 302 SO4 A O3  1 
HETATM 1341 O O4  . SO4 C 3 .   ? 10.993  6.757   -14.146 0.90 129.36 ? 302 SO4 A O4  1 
HETATM 1342 S S   . SO4 D 3 .   ? -15.928 2.730   -12.615 0.45 61.96  ? 303 SO4 A S   1 
HETATM 1343 O O1  . SO4 D 3 .   ? -16.317 1.867   -13.755 0.45 66.06  ? 303 SO4 A O1  1 
HETATM 1344 O O2  . SO4 D 3 .   ? -14.577 3.278   -12.851 0.45 58.65  ? 303 SO4 A O2  1 
HETATM 1345 O O3  . SO4 D 3 .   ? -15.972 1.906   -11.356 0.45 55.51  ? 303 SO4 A O3  1 
HETATM 1346 O O4  . SO4 D 3 .   ? -16.848 3.892   -12.602 0.45 60.94  ? 303 SO4 A O4  1 
HETATM 1347 O O   . HOH E 4 .   ? -4.054  -11.328 -21.174 1.00 91.09  ? 401 HOH A O   1 
HETATM 1348 O O   . HOH E 4 .   ? 10.829  -3.769  -9.436  1.00 62.41  ? 402 HOH A O   1 
HETATM 1349 O O   . HOH E 4 .   ? 18.556  13.908  -6.161  1.00 69.55  ? 403 HOH A O   1 
HETATM 1350 O O   . HOH E 4 .   ? 0.280   -2.165  -13.803 1.00 67.22  ? 404 HOH A O   1 
HETATM 1351 O O   . HOH E 4 .   ? 11.982  13.364  -0.641  1.00 68.93  ? 405 HOH A O   1 
HETATM 1352 O O   . HOH E 4 .   ? 17.252  8.930   -3.670  1.00 64.73  ? 406 HOH A O   1 
HETATM 1353 O O   . HOH E 4 .   ? 13.952  -10.836 -1.793  1.00 69.31  ? 407 HOH A O   1 
HETATM 1354 O O   . HOH E 4 .   ? -4.707  -2.225  -19.069 1.00 81.29  ? 408 HOH A O   1 
HETATM 1355 O O   . HOH E 4 .   ? -52.640 13.531  12.074  1.00 83.87  ? 409 HOH A O   1 
HETATM 1356 O O   . HOH E 4 .   ? -9.936  8.255   -15.660 1.00 61.59  ? 410 HOH A O   1 
HETATM 1357 O O   . HOH E 4 .   ? -9.937  -12.546 -14.369 1.00 67.87  ? 411 HOH A O   1 
HETATM 1358 O O   . HOH E 4 .   ? -32.170 2.462   -6.511  1.00 74.19  ? 412 HOH A O   1 
HETATM 1359 O O   . HOH E 4 .   ? -15.434 -10.617 3.909   1.00 77.85  ? 413 HOH A O   1 
HETATM 1360 O O   . HOH E 4 .   ? -15.887 -14.118 -2.900  1.00 85.48  ? 414 HOH A O   1 
HETATM 1361 O O   . HOH E 4 .   ? -4.934  -2.407  -16.080 1.00 62.03  ? 415 HOH A O   1 
HETATM 1362 O O   . HOH E 4 .   ? -15.383 -1.749  3.036   1.00 68.19  ? 416 HOH A O   1 
HETATM 1363 O O   . HOH E 4 .   ? -11.694 9.713   -5.446  1.00 67.76  ? 417 HOH A O   1 
HETATM 1364 O O   . HOH E 4 .   ? -3.533  -7.249  -15.291 1.00 73.33  ? 418 HOH A O   1 
HETATM 1365 O O   . HOH E 4 .   ? 12.819  -12.395 4.096   1.00 69.58  ? 419 HOH A O   1 
HETATM 1366 O O   . HOH E 4 .   ? -10.556 6.734   6.137   1.00 86.46  ? 420 HOH A O   1 
HETATM 1367 O O   . HOH E 4 .   ? -2.692  -7.067  10.563  1.00 73.20  ? 421 HOH A O   1 
# 
loop_
_pdbx_poly_seq_scheme.asym_id 
_pdbx_poly_seq_scheme.entity_id 
_pdbx_poly_seq_scheme.seq_id 
_pdbx_poly_seq_scheme.mon_id 
_pdbx_poly_seq_scheme.ndb_seq_num 
_pdbx_poly_seq_scheme.pdb_seq_num 
_pdbx_poly_seq_scheme.auth_seq_num 
_pdbx_poly_seq_scheme.pdb_mon_id 
_pdbx_poly_seq_scheme.auth_mon_id 
_pdbx_poly_seq_scheme.pdb_strand_id 
_pdbx_poly_seq_scheme.pdb_ins_code 
_pdbx_poly_seq_scheme.hetero 
A 1 1   MET 1   21  21  MET MET A . n 
A 1 2   LYS 2   22  22  LYS LYS A . n 
A 1 3   GLU 3   23  23  GLU GLU A . n 
A 1 4   TYR 4   24  24  TYR TYR A . n 
A 1 5   THR 5   25  25  THR THR A . n 
A 1 6   LEU 6   26  26  LEU LEU A . n 
A 1 7   ASP 7   27  27  ASP ASP A . n 
A 1 8   LYS 8   28  28  LYS LYS A . n 
A 1 9   ALA 9   29  29  ALA ALA A . n 
A 1 10  HIS 10  30  30  HIS HIS A . n 
A 1 11  THR 11  31  31  THR THR A . n 
A 1 12  ASP 12  32  32  ASP ASP A . n 
A 1 13  VAL 13  33  33  VAL VAL A . n 
A 1 14  GLY 14  34  34  GLY GLY A . n 
A 1 15  PHE 15  35  35  PHE PHE A . n 
A 1 16  LYS 16  36  36  LYS LYS A . n 
A 1 17  ILE 17  37  37  ILE ILE A . n 
A 1 18  LYS 18  38  38  LYS LYS A . n 
A 1 19  HIS 19  39  39  HIS HIS A . n 
A 1 20  LEU 20  40  40  LEU LEU A . n 
A 1 21  GLN 21  41  41  GLN GLN A . n 
A 1 22  ILE 22  42  42  ILE ILE A . n 
A 1 23  SER 23  43  43  SER SER A . n 
A 1 24  ASN 24  44  44  ASN ASN A . n 
A 1 25  VAL 25  45  45  VAL VAL A . n 
A 1 26  LYS 26  46  46  LYS LYS A . n 
A 1 27  GLY 27  47  47  GLY GLY A . n 
A 1 28  ASN 28  48  48  ASN ASN A . n 
A 1 29  PHE 29  49  49  PHE PHE A . n 
A 1 30  LYS 30  50  50  LYS LYS A . n 
A 1 31  ASP 31  51  51  ASP ASP A . n 
A 1 32  TYR 32  52  52  TYR TYR A . n 
A 1 33  SER 33  53  53  SER SER A . n 
A 1 34  ALA 34  54  54  ALA ALA A . n 
A 1 35  VAL 35  55  55  VAL VAL A . n 
A 1 36  ILE 36  56  56  ILE ILE A . n 
A 1 37  ASP 37  57  57  ASP ASP A . n 
A 1 38  PHE 38  58  58  PHE PHE A . n 
A 1 39  ASP 39  59  59  ASP ASP A . n 
A 1 40  PRO 40  60  60  PRO PRO A . n 
A 1 41  ALA 41  61  61  ALA ALA A . n 
A 1 42  SER 42  62  62  SER SER A . n 
A 1 43  ALA 43  63  63  ALA ALA A . n 
A 1 44  GLU 44  64  64  GLU GLU A . n 
A 1 45  PHE 45  65  65  PHE PHE A . n 
A 1 46  LYS 46  66  66  LYS LYS A . n 
A 1 47  LYS 47  67  67  LYS LYS A . n 
A 1 48  LEU 48  68  68  LEU LEU A . n 
A 1 49  ASP 49  69  69  ASP ASP A . n 
A 1 50  VAL 50  70  70  VAL VAL A . n 
A 1 51  THR 51  71  71  THR THR A . n 
A 1 52  ILE 52  72  72  ILE ILE A . n 
A 1 53  LYS 53  73  73  LYS LYS A . n 
A 1 54  ILE 54  74  74  ILE ILE A . n 
A 1 55  ALA 55  75  75  ALA ALA A . n 
A 1 56  SER 56  76  76  SER SER A . n 
A 1 57  VAL 57  77  77  VAL VAL A . n 
A 1 58  ASN 58  78  78  ASN ASN A . n 
A 1 59  THR 59  79  79  THR THR A . n 
A 1 60  GLU 60  80  80  GLU GLU A . n 
A 1 61  ASN 61  81  81  ASN ASN A . n 
A 1 62  GLN 62  82  82  GLN GLN A . n 
A 1 63  THR 63  83  83  THR THR A . n 
A 1 64  ARG 64  84  84  ARG ARG A . n 
A 1 65  ASP 65  85  85  ASP ASP A . n 
A 1 66  ASN 66  86  86  ASN ASN A . n 
A 1 67  HIS 67  87  87  HIS HIS A . n 
A 1 68  LEU 68  88  88  LEU LEU A . n 
A 1 69  GLN 69  89  89  GLN GLN A . n 
A 1 70  GLN 70  90  90  GLN GLN A . n 
A 1 71  ASP 71  91  91  ASP ASP A . n 
A 1 72  ASP 72  92  92  ASP ASP A . n 
A 1 73  PHE 73  93  93  PHE PHE A . n 
A 1 74  PHE 74  94  94  PHE PHE A . n 
A 1 75  LYS 75  95  95  LYS LYS A . n 
A 1 76  ALA 76  96  96  ALA ALA A . n 
A 1 77  LYS 77  97  97  LYS LYS A . n 
A 1 78  LYS 78  98  98  LYS LYS A . n 
A 1 79  TYR 79  99  99  TYR TYR A . n 
A 1 80  PRO 80  100 100 PRO PRO A . n 
A 1 81  ASP 81  101 101 ASP ASP A . n 
A 1 82  MET 82  102 102 MET MET A . n 
A 1 83  THR 83  103 103 THR THR A . n 
A 1 84  PHE 84  104 104 PHE PHE A . n 
A 1 85  THR 85  105 105 THR THR A . n 
A 1 86  MET 86  106 106 MET MET A . n 
A 1 87  LYS 87  107 107 LYS LYS A . n 
A 1 88  LYS 88  108 108 LYS LYS A . n 
A 1 89  TYR 89  109 109 TYR TYR A . n 
A 1 90  GLU 90  110 110 GLU GLU A . n 
A 1 91  LYS 91  111 111 LYS LYS A . n 
A 1 92  ILE 92  112 112 ILE ILE A . n 
A 1 93  ASP 93  113 113 ASP ASP A . n 
A 1 94  ASN 94  114 114 ASN ASN A . n 
A 1 95  GLU 95  115 115 GLU GLU A . n 
A 1 96  LYS 96  116 116 LYS LYS A . n 
A 1 97  GLY 97  117 117 GLY GLY A . n 
A 1 98  LYS 98  118 118 LYS LYS A . n 
A 1 99  MET 99  119 119 MET MET A . n 
A 1 100 THR 100 120 120 THR THR A . n 
A 1 101 GLY 101 121 121 GLY GLY A . n 
A 1 102 THR 102 122 122 THR THR A . n 
A 1 103 LEU 103 123 123 LEU LEU A . n 
A 1 104 THR 104 124 124 THR THR A . n 
A 1 105 ILE 105 125 125 ILE ILE A . n 
A 1 106 ALA 106 126 126 ALA ALA A . n 
A 1 107 GLY 107 127 127 GLY GLY A . n 
A 1 108 VAL 108 128 128 VAL VAL A . n 
A 1 109 SER 109 129 129 SER SER A . n 
A 1 110 LYS 110 130 130 LYS LYS A . n 
A 1 111 ASP 111 131 131 ASP ASP A . n 
A 1 112 ILE 112 132 132 ILE ILE A . n 
A 1 113 VAL 113 133 133 VAL VAL A . n 
A 1 114 LEU 114 134 134 LEU LEU A . n 
A 1 115 ASP 115 135 135 ASP ASP A . n 
A 1 116 ALA 116 136 136 ALA ALA A . n 
A 1 117 GLU 117 137 137 GLU GLU A . n 
A 1 118 ILE 118 138 138 ILE ILE A . n 
A 1 119 GLY 119 139 139 GLY GLY A . n 
A 1 120 GLY 120 140 140 GLY GLY A . n 
A 1 121 VAL 121 141 141 VAL VAL A . n 
A 1 122 ALA 122 142 142 ALA ALA A . n 
A 1 123 LYS 123 143 143 LYS LYS A . n 
A 1 124 GLY 124 144 144 GLY GLY A . n 
A 1 125 LYS 125 145 145 LYS LYS A . n 
A 1 126 ASP 126 146 146 ASP ASP A . n 
A 1 127 GLY 127 147 147 GLY GLY A . n 
A 1 128 LYS 128 148 148 LYS LYS A . n 
A 1 129 GLU 129 149 149 GLU GLU A . n 
A 1 130 LYS 130 150 150 LYS LYS A . n 
A 1 131 ILE 131 151 151 ILE ILE A . n 
A 1 132 GLY 132 152 152 GLY GLY A . n 
A 1 133 PHE 133 153 153 PHE PHE A . n 
A 1 134 SER 134 154 154 SER SER A . n 
A 1 135 LEU 135 155 155 LEU LEU A . n 
A 1 136 ASN 136 156 156 ASN ASN A . n 
A 1 137 GLY 137 157 157 GLY GLY A . n 
A 1 138 LYS 138 158 158 LYS LYS A . n 
A 1 139 ILE 139 159 159 ILE ILE A . n 
A 1 140 LYS 140 160 160 LYS LYS A . n 
A 1 141 ARG 141 161 161 ARG ARG A . n 
A 1 142 SER 142 162 162 SER SER A . n 
A 1 143 ASP 143 163 163 ASP ASP A . n 
A 1 144 PHE 144 164 164 PHE PHE A . n 
A 1 145 LYS 145 165 165 LYS LYS A . n 
A 1 146 PHE 146 166 166 PHE PHE A . n 
A 1 147 ALA 147 167 167 ALA ALA A . n 
A 1 148 THR 148 168 168 THR THR A . n 
A 1 149 SER 149 169 169 SER SER A . n 
A 1 150 THR 150 170 170 THR THR A . n 
A 1 151 SER 151 171 171 SER SER A . n 
A 1 152 THR 152 172 172 THR THR A . n 
A 1 153 ILE 153 173 173 ILE ILE A . n 
A 1 154 THR 154 174 174 THR THR A . n 
A 1 155 LEU 155 175 175 LEU LEU A . n 
A 1 156 SER 156 176 176 SER SER A . n 
A 1 157 ASP 157 177 177 ASP ASP A . n 
A 1 158 ASP 158 178 178 ASP ASP A . n 
A 1 159 ILE 159 179 179 ILE ILE A . n 
A 1 160 ASN 160 180 180 ASN ASN A . n 
A 1 161 LEU 161 181 181 LEU LEU A . n 
A 1 162 CYS 162 182 182 CYS CYS A . n 
A 1 163 ILE 163 183 183 ILE ILE A . n 
A 1 164 GLU 164 184 184 GLU GLU A . n 
A 1 165 VAL 165 185 185 VAL VAL A . n 
A 1 166 GLU 166 186 186 GLU GLU A . n 
A 1 167 ALA 167 187 187 ALA ALA A . n 
A 1 168 ASN 168 188 188 ASN ASN A . n 
A 1 169 GLU 169 189 189 GLU GLU A . n 
A 1 170 LYS 170 190 190 LYS LYS A . n 
A 1 171 GLU 171 191 191 GLU GLU A . n 
A 1 172 GLY 172 192 ?   ?   ?   A . n 
A 1 173 GLY 173 193 ?   ?   ?   A . n 
A 1 174 SER 174 194 ?   ?   ?   A . n 
A 1 175 HIS 175 195 ?   ?   ?   A . n 
A 1 176 HIS 176 196 ?   ?   ?   A . n 
A 1 177 HIS 177 197 ?   ?   ?   A . n 
A 1 178 HIS 178 198 ?   ?   ?   A . n 
A 1 179 HIS 179 199 ?   ?   ?   A . n 
A 1 180 HIS 180 200 ?   ?   ?   A . n 
# 
loop_
_pdbx_nonpoly_scheme.asym_id 
_pdbx_nonpoly_scheme.entity_id 
_pdbx_nonpoly_scheme.mon_id 
_pdbx_nonpoly_scheme.ndb_seq_num 
_pdbx_nonpoly_scheme.pdb_seq_num 
_pdbx_nonpoly_scheme.auth_seq_num 
_pdbx_nonpoly_scheme.pdb_mon_id 
_pdbx_nonpoly_scheme.auth_mon_id 
_pdbx_nonpoly_scheme.pdb_strand_id 
_pdbx_nonpoly_scheme.pdb_ins_code 
B 2 LFA 1  301 1  LFA LFA A . 
C 3 SO4 1  302 1  SO4 SO4 A . 
D 3 SO4 1  303 2  SO4 SO4 A . 
E 4 HOH 1  401 25 HOH HOH A . 
E 4 HOH 2  402 17 HOH HOH A . 
E 4 HOH 3  403 6  HOH HOH A . 
E 4 HOH 4  404 19 HOH HOH A . 
E 4 HOH 5  405 7  HOH HOH A . 
E 4 HOH 6  406 1  HOH HOH A . 
E 4 HOH 7  407 10 HOH HOH A . 
E 4 HOH 8  408 14 HOH HOH A . 
E 4 HOH 9  409 9  HOH HOH A . 
E 4 HOH 10 410 5  HOH HOH A . 
E 4 HOH 11 411 22 HOH HOH A . 
E 4 HOH 12 412 20 HOH HOH A . 
E 4 HOH 13 413 4  HOH HOH A . 
E 4 HOH 14 414 11 HOH HOH A . 
E 4 HOH 15 415 12 HOH HOH A . 
E 4 HOH 16 416 2  HOH HOH A . 
E 4 HOH 17 417 3  HOH HOH A . 
E 4 HOH 18 418 15 HOH HOH A . 
E 4 HOH 19 419 8  HOH HOH A . 
E 4 HOH 20 420 18 HOH HOH A . 
E 4 HOH 21 421 21 HOH HOH A . 
# 
loop_
_pdbx_struct_assembly.id 
_pdbx_struct_assembly.details 
_pdbx_struct_assembly.method_details 
_pdbx_struct_assembly.oligomeric_details 
_pdbx_struct_assembly.oligomeric_count 
1 author_defined_assembly   ?    monomeric  1 
2 software_defined_assembly PISA tetrameric 4 
# 
loop_
_pdbx_struct_assembly_gen.assembly_id 
_pdbx_struct_assembly_gen.oper_expression 
_pdbx_struct_assembly_gen.asym_id_list 
1 1       A,B,C,D,E 
2 1,2,3,4 A,B,C,D,E 
# 
loop_
_pdbx_struct_assembly_prop.biol_id 
_pdbx_struct_assembly_prop.type 
_pdbx_struct_assembly_prop.value 
_pdbx_struct_assembly_prop.details 
1 'ABSA (A^2)' 1020  ? 
1 MORE         -18   ? 
1 'SSA (A^2)'  12470 ? 
2 'ABSA (A^2)' 21580 ? 
2 MORE         -212  ? 
2 'SSA (A^2)'  32400 ? 
# 
loop_
_pdbx_struct_oper_list.id 
_pdbx_struct_oper_list.type 
_pdbx_struct_oper_list.name 
_pdbx_struct_oper_list.symmetry_operation 
_pdbx_struct_oper_list.matrix[1][1] 
_pdbx_struct_oper_list.matrix[1][2] 
_pdbx_struct_oper_list.matrix[1][3] 
_pdbx_struct_oper_list.vector[1] 
_pdbx_struct_oper_list.matrix[2][1] 
_pdbx_struct_oper_list.matrix[2][2] 
_pdbx_struct_oper_list.matrix[2][3] 
_pdbx_struct_oper_list.vector[2] 
_pdbx_struct_oper_list.matrix[3][1] 
_pdbx_struct_oper_list.matrix[3][2] 
_pdbx_struct_oper_list.matrix[3][3] 
_pdbx_struct_oper_list.vector[3] 
1 'identity operation'         1_555  x,y,z        1.0000000000  0.0000000000  0.0000000000  0.0000000000   0.0000000000  1.0000000000  0.0000000000  0.0000000000  0.0000000000  0.0000000000  1.0000000000  0.0000000000   
2 'crystal symmetry operation' 4_545  -x,-y-1,z    -0.9048309477 -0.3490397219 -0.2438282769 -32.2935985327 -0.3490397219 0.2801296692  0.8942587103  9.0035878282  -0.2438282769 0.8942587103  -0.3752987215 -25.4931915055 
3 'crystal symmetry operation' 9_556  -x,-x+y,-z+1 -0.9585480624 0.1706820309  -0.2281518275 -39.2301021802 0.1706820309  -0.2972015938 -0.9394353927 11.0320516568 -0.2281518275 -0.9394353927 0.2557496562  1.1256067385   
4 'crystal symmetry operation' 12_546 x,x-y-1,-z+1 0.8633790101  0.1783576910  0.4719801044  -0.9220669915  0.1783576910  -0.9829280754 0.0451766823  26.7934403932 0.4719801044  0.0451766823  -0.8804509347 -6.4847137695 
# 
loop_
_pdbx_audit_revision_history.ordinal 
_pdbx_audit_revision_history.data_content_type 
_pdbx_audit_revision_history.major_revision 
_pdbx_audit_revision_history.minor_revision 
_pdbx_audit_revision_history.revision_date 
1 'Structure model' 1 0 2018-01-03 
2 'Structure model' 1 1 2018-01-31 
3 'Structure model' 1 2 2023-10-04 
# 
_pdbx_audit_revision_details.ordinal             1 
_pdbx_audit_revision_details.revision_ordinal    1 
_pdbx_audit_revision_details.data_content_type   'Structure model' 
_pdbx_audit_revision_details.provider            repository 
_pdbx_audit_revision_details.type                'Initial release' 
_pdbx_audit_revision_details.description         ? 
_pdbx_audit_revision_details.details             ? 
# 
loop_
_pdbx_audit_revision_group.ordinal 
_pdbx_audit_revision_group.revision_ordinal 
_pdbx_audit_revision_group.data_content_type 
_pdbx_audit_revision_group.group 
1 2 'Structure model' 'Database references'    
2 3 'Structure model' 'Data collection'        
3 3 'Structure model' 'Database references'    
4 3 'Structure model' 'Refinement description' 
# 
loop_
_pdbx_audit_revision_category.ordinal 
_pdbx_audit_revision_category.revision_ordinal 
_pdbx_audit_revision_category.data_content_type 
_pdbx_audit_revision_category.category 
1 2 'Structure model' citation                      
2 3 'Structure model' chem_comp_atom                
3 3 'Structure model' chem_comp_bond                
4 3 'Structure model' database_2                    
5 3 'Structure model' pdbx_initial_refinement_model 
# 
loop_
_pdbx_audit_revision_item.ordinal 
_pdbx_audit_revision_item.revision_ordinal 
_pdbx_audit_revision_item.data_content_type 
_pdbx_audit_revision_item.item 
1 2 'Structure model' '_citation.journal_volume'            
2 2 'Structure model' '_citation.page_first'                
3 2 'Structure model' '_citation.page_last'                 
4 2 'Structure model' '_citation.year'                      
5 3 'Structure model' '_database_2.pdbx_DOI'                
6 3 'Structure model' '_database_2.pdbx_database_accession' 
# 
loop_
_software.citation_id 
_software.classification 
_software.compiler_name 
_software.compiler_version 
_software.contact_author 
_software.contact_author_email 
_software.date 
_software.description 
_software.dependencies 
_software.hardware 
_software.language 
_software.location 
_software.mods 
_software.name 
_software.os 
_software.os_version 
_software.type 
_software.version 
_software.pdbx_ordinal 
? 'data scaling'    ? ? ? ? ? ? ? ? ? ? ? SCALA       ? ? ? 3.3.22   1 
? refinement        ? ? ? ? ? ? ? ? ? ? ? REFMAC      ? ? ? 5.8.0158 2 
? 'data extraction' ? ? ? ? ? ? ? ? ? ? ? PDB_EXTRACT ? ? ? 3.22     3 
? 'data reduction'  ? ? ? ? ? ? ? ? ? ? ? XDS         ? ? ? 20161101 4 
? phasing           ? ? ? ? ? ? ? ? ? ? ? REFMAC      ? ? ? .        5 
# 
_pdbx_validate_symm_contact.id                1 
_pdbx_validate_symm_contact.PDB_model_num     1 
_pdbx_validate_symm_contact.auth_atom_id_1    O 
_pdbx_validate_symm_contact.auth_asym_id_1    A 
_pdbx_validate_symm_contact.auth_comp_id_1    HOH 
_pdbx_validate_symm_contact.auth_seq_id_1     401 
_pdbx_validate_symm_contact.PDB_ins_code_1    ? 
_pdbx_validate_symm_contact.label_alt_id_1    ? 
_pdbx_validate_symm_contact.site_symmetry_1   1_555 
_pdbx_validate_symm_contact.auth_atom_id_2    O 
_pdbx_validate_symm_contact.auth_asym_id_2    A 
_pdbx_validate_symm_contact.auth_comp_id_2    HOH 
_pdbx_validate_symm_contact.auth_seq_id_2     408 
_pdbx_validate_symm_contact.PDB_ins_code_2    ? 
_pdbx_validate_symm_contact.label_alt_id_2    ? 
_pdbx_validate_symm_contact.site_symmetry_2   12_545 
_pdbx_validate_symm_contact.dist              2.18 
# 
loop_
_pdbx_validate_torsion.id 
_pdbx_validate_torsion.PDB_model_num 
_pdbx_validate_torsion.auth_comp_id 
_pdbx_validate_torsion.auth_asym_id 
_pdbx_validate_torsion.auth_seq_id 
_pdbx_validate_torsion.PDB_ins_code 
_pdbx_validate_torsion.label_alt_id 
_pdbx_validate_torsion.phi 
_pdbx_validate_torsion.psi 
1 1 ASN A 48  ? ? -123.71 -164.79 
2 1 GLU A 80  ? ? 59.42   16.78   
3 1 PHE A 93  ? ? -122.01 -114.45 
4 1 LYS A 108 ? ? -172.84 130.11  
# 
loop_
_pdbx_unobs_or_zero_occ_atoms.id 
_pdbx_unobs_or_zero_occ_atoms.PDB_model_num 
_pdbx_unobs_or_zero_occ_atoms.polymer_flag 
_pdbx_unobs_or_zero_occ_atoms.occupancy_flag 
_pdbx_unobs_or_zero_occ_atoms.auth_asym_id 
_pdbx_unobs_or_zero_occ_atoms.auth_comp_id 
_pdbx_unobs_or_zero_occ_atoms.auth_seq_id 
_pdbx_unobs_or_zero_occ_atoms.PDB_ins_code 
_pdbx_unobs_or_zero_occ_atoms.auth_atom_id 
_pdbx_unobs_or_zero_occ_atoms.label_alt_id 
_pdbx_unobs_or_zero_occ_atoms.label_asym_id 
_pdbx_unobs_or_zero_occ_atoms.label_comp_id 
_pdbx_unobs_or_zero_occ_atoms.label_seq_id 
_pdbx_unobs_or_zero_occ_atoms.label_atom_id 
1  1 Y 1 A LYS 46  ? CG  ? A LYS 26  CG  
2  1 Y 1 A LYS 46  ? CD  ? A LYS 26  CD  
3  1 Y 1 A LYS 46  ? CE  ? A LYS 26  CE  
4  1 Y 1 A LYS 46  ? NZ  ? A LYS 26  NZ  
5  1 Y 1 A LYS 50  ? CG  ? A LYS 30  CG  
6  1 Y 1 A LYS 50  ? CD  ? A LYS 30  CD  
7  1 Y 1 A LYS 50  ? CE  ? A LYS 30  CE  
8  1 Y 1 A LYS 50  ? NZ  ? A LYS 30  NZ  
9  1 Y 1 A LYS 97  ? CG  ? A LYS 77  CG  
10 1 Y 1 A LYS 97  ? CD  ? A LYS 77  CD  
11 1 Y 1 A LYS 97  ? CE  ? A LYS 77  CE  
12 1 Y 1 A LYS 97  ? NZ  ? A LYS 77  NZ  
13 1 Y 1 A LYS 158 ? CG  ? A LYS 138 CG  
14 1 Y 1 A LYS 158 ? CD  ? A LYS 138 CD  
15 1 Y 1 A LYS 158 ? CE  ? A LYS 138 CE  
16 1 Y 1 A LYS 158 ? NZ  ? A LYS 138 NZ  
17 1 Y 1 A GLU 186 ? CG  ? A GLU 166 CG  
18 1 Y 1 A GLU 186 ? CD  ? A GLU 166 CD  
19 1 Y 1 A GLU 186 ? OE1 ? A GLU 166 OE1 
20 1 Y 1 A GLU 186 ? OE2 ? A GLU 166 OE2 
21 1 Y 1 A GLU 191 ? CG  ? A GLU 171 CG  
22 1 Y 1 A GLU 191 ? CD  ? A GLU 171 CD  
23 1 Y 1 A GLU 191 ? OE1 ? A GLU 171 OE1 
24 1 Y 1 A GLU 191 ? OE2 ? A GLU 171 OE2 
25 1 N 1 A LFA 301 ? C18 ? B LFA 1   C18 
26 1 N 1 A LFA 301 ? C19 ? B LFA 1   C19 
27 1 N 1 A LFA 301 ? C20 ? B LFA 1   C20 
# 
loop_
_pdbx_unobs_or_zero_occ_residues.id 
_pdbx_unobs_or_zero_occ_residues.PDB_model_num 
_pdbx_unobs_or_zero_occ_residues.polymer_flag 
_pdbx_unobs_or_zero_occ_residues.occupancy_flag 
_pdbx_unobs_or_zero_occ_residues.auth_asym_id 
_pdbx_unobs_or_zero_occ_residues.auth_comp_id 
_pdbx_unobs_or_zero_occ_residues.auth_seq_id 
_pdbx_unobs_or_zero_occ_residues.PDB_ins_code 
_pdbx_unobs_or_zero_occ_residues.label_asym_id 
_pdbx_unobs_or_zero_occ_residues.label_comp_id 
_pdbx_unobs_or_zero_occ_residues.label_seq_id 
1 1 Y 1 A GLY 192 ? A GLY 172 
2 1 Y 1 A GLY 193 ? A GLY 173 
3 1 Y 1 A SER 194 ? A SER 174 
4 1 Y 1 A HIS 195 ? A HIS 175 
5 1 Y 1 A HIS 196 ? A HIS 176 
6 1 Y 1 A HIS 197 ? A HIS 177 
7 1 Y 1 A HIS 198 ? A HIS 178 
8 1 Y 1 A HIS 199 ? A HIS 179 
9 1 Y 1 A HIS 200 ? A HIS 180 
# 
loop_
_chem_comp_atom.comp_id 
_chem_comp_atom.atom_id 
_chem_comp_atom.type_symbol 
_chem_comp_atom.pdbx_aromatic_flag 
_chem_comp_atom.pdbx_stereo_config 
_chem_comp_atom.pdbx_ordinal 
ALA N    N N N 1   
ALA CA   C N S 2   
ALA C    C N N 3   
ALA O    O N N 4   
ALA CB   C N N 5   
ALA OXT  O N N 6   
ALA H    H N N 7   
ALA H2   H N N 8   
ALA HA   H N N 9   
ALA HB1  H N N 10  
ALA HB2  H N N 11  
ALA HB3  H N N 12  
ALA HXT  H N N 13  
ARG N    N N N 14  
ARG CA   C N S 15  
ARG C    C N N 16  
ARG O    O N N 17  
ARG CB   C N N 18  
ARG CG   C N N 19  
ARG CD   C N N 20  
ARG NE   N N N 21  
ARG CZ   C N N 22  
ARG NH1  N N N 23  
ARG NH2  N N N 24  
ARG OXT  O N N 25  
ARG H    H N N 26  
ARG H2   H N N 27  
ARG HA   H N N 28  
ARG HB2  H N N 29  
ARG HB3  H N N 30  
ARG HG2  H N N 31  
ARG HG3  H N N 32  
ARG HD2  H N N 33  
ARG HD3  H N N 34  
ARG HE   H N N 35  
ARG HH11 H N N 36  
ARG HH12 H N N 37  
ARG HH21 H N N 38  
ARG HH22 H N N 39  
ARG HXT  H N N 40  
ASN N    N N N 41  
ASN CA   C N S 42  
ASN C    C N N 43  
ASN O    O N N 44  
ASN CB   C N N 45  
ASN CG   C N N 46  
ASN OD1  O N N 47  
ASN ND2  N N N 48  
ASN OXT  O N N 49  
ASN H    H N N 50  
ASN H2   H N N 51  
ASN HA   H N N 52  
ASN HB2  H N N 53  
ASN HB3  H N N 54  
ASN HD21 H N N 55  
ASN HD22 H N N 56  
ASN HXT  H N N 57  
ASP N    N N N 58  
ASP CA   C N S 59  
ASP C    C N N 60  
ASP O    O N N 61  
ASP CB   C N N 62  
ASP CG   C N N 63  
ASP OD1  O N N 64  
ASP OD2  O N N 65  
ASP OXT  O N N 66  
ASP H    H N N 67  
ASP H2   H N N 68  
ASP HA   H N N 69  
ASP HB2  H N N 70  
ASP HB3  H N N 71  
ASP HD2  H N N 72  
ASP HXT  H N N 73  
CYS N    N N N 74  
CYS CA   C N R 75  
CYS C    C N N 76  
CYS O    O N N 77  
CYS CB   C N N 78  
CYS SG   S N N 79  
CYS OXT  O N N 80  
CYS H    H N N 81  
CYS H2   H N N 82  
CYS HA   H N N 83  
CYS HB2  H N N 84  
CYS HB3  H N N 85  
CYS HG   H N N 86  
CYS HXT  H N N 87  
GLN N    N N N 88  
GLN CA   C N S 89  
GLN C    C N N 90  
GLN O    O N N 91  
GLN CB   C N N 92  
GLN CG   C N N 93  
GLN CD   C N N 94  
GLN OE1  O N N 95  
GLN NE2  N N N 96  
GLN OXT  O N N 97  
GLN H    H N N 98  
GLN H2   H N N 99  
GLN HA   H N N 100 
GLN HB2  H N N 101 
GLN HB3  H N N 102 
GLN HG2  H N N 103 
GLN HG3  H N N 104 
GLN HE21 H N N 105 
GLN HE22 H N N 106 
GLN HXT  H N N 107 
GLU N    N N N 108 
GLU CA   C N S 109 
GLU C    C N N 110 
GLU O    O N N 111 
GLU CB   C N N 112 
GLU CG   C N N 113 
GLU CD   C N N 114 
GLU OE1  O N N 115 
GLU OE2  O N N 116 
GLU OXT  O N N 117 
GLU H    H N N 118 
GLU H2   H N N 119 
GLU HA   H N N 120 
GLU HB2  H N N 121 
GLU HB3  H N N 122 
GLU HG2  H N N 123 
GLU HG3  H N N 124 
GLU HE2  H N N 125 
GLU HXT  H N N 126 
GLY N    N N N 127 
GLY CA   C N N 128 
GLY C    C N N 129 
GLY O    O N N 130 
GLY OXT  O N N 131 
GLY H    H N N 132 
GLY H2   H N N 133 
GLY HA2  H N N 134 
GLY HA3  H N N 135 
GLY HXT  H N N 136 
HIS N    N N N 137 
HIS CA   C N S 138 
HIS C    C N N 139 
HIS O    O N N 140 
HIS CB   C N N 141 
HIS CG   C Y N 142 
HIS ND1  N Y N 143 
HIS CD2  C Y N 144 
HIS CE1  C Y N 145 
HIS NE2  N Y N 146 
HIS OXT  O N N 147 
HIS H    H N N 148 
HIS H2   H N N 149 
HIS HA   H N N 150 
HIS HB2  H N N 151 
HIS HB3  H N N 152 
HIS HD1  H N N 153 
HIS HD2  H N N 154 
HIS HE1  H N N 155 
HIS HE2  H N N 156 
HIS HXT  H N N 157 
HOH O    O N N 158 
HOH H1   H N N 159 
HOH H2   H N N 160 
ILE N    N N N 161 
ILE CA   C N S 162 
ILE C    C N N 163 
ILE O    O N N 164 
ILE CB   C N S 165 
ILE CG1  C N N 166 
ILE CG2  C N N 167 
ILE CD1  C N N 168 
ILE OXT  O N N 169 
ILE H    H N N 170 
ILE H2   H N N 171 
ILE HA   H N N 172 
ILE HB   H N N 173 
ILE HG12 H N N 174 
ILE HG13 H N N 175 
ILE HG21 H N N 176 
ILE HG22 H N N 177 
ILE HG23 H N N 178 
ILE HD11 H N N 179 
ILE HD12 H N N 180 
ILE HD13 H N N 181 
ILE HXT  H N N 182 
LEU N    N N N 183 
LEU CA   C N S 184 
LEU C    C N N 185 
LEU O    O N N 186 
LEU CB   C N N 187 
LEU CG   C N N 188 
LEU CD1  C N N 189 
LEU CD2  C N N 190 
LEU OXT  O N N 191 
LEU H    H N N 192 
LEU H2   H N N 193 
LEU HA   H N N 194 
LEU HB2  H N N 195 
LEU HB3  H N N 196 
LEU HG   H N N 197 
LEU HD11 H N N 198 
LEU HD12 H N N 199 
LEU HD13 H N N 200 
LEU HD21 H N N 201 
LEU HD22 H N N 202 
LEU HD23 H N N 203 
LEU HXT  H N N 204 
LFA C1   C N N 205 
LFA C2   C N N 206 
LFA C3   C N N 207 
LFA C4   C N N 208 
LFA C5   C N N 209 
LFA C6   C N N 210 
LFA C7   C N N 211 
LFA C8   C N N 212 
LFA C9   C N N 213 
LFA C10  C N N 214 
LFA C11  C N N 215 
LFA C12  C N N 216 
LFA C13  C N N 217 
LFA C14  C N N 218 
LFA C15  C N N 219 
LFA C16  C N N 220 
LFA C17  C N N 221 
LFA C18  C N N 222 
LFA C19  C N N 223 
LFA C20  C N N 224 
LFA H11  H N N 225 
LFA H12  H N N 226 
LFA H13  H N N 227 
LFA H21  H N N 228 
LFA H22  H N N 229 
LFA H31  H N N 230 
LFA H32  H N N 231 
LFA H41  H N N 232 
LFA H42  H N N 233 
LFA H51  H N N 234 
LFA H52  H N N 235 
LFA H61  H N N 236 
LFA H62  H N N 237 
LFA H71  H N N 238 
LFA H72  H N N 239 
LFA H81  H N N 240 
LFA H82  H N N 241 
LFA H91  H N N 242 
LFA H92  H N N 243 
LFA H101 H N N 244 
LFA H102 H N N 245 
LFA H111 H N N 246 
LFA H112 H N N 247 
LFA H121 H N N 248 
LFA H122 H N N 249 
LFA H131 H N N 250 
LFA H132 H N N 251 
LFA H141 H N N 252 
LFA H142 H N N 253 
LFA H151 H N N 254 
LFA H152 H N N 255 
LFA H161 H N N 256 
LFA H162 H N N 257 
LFA H171 H N N 258 
LFA H172 H N N 259 
LFA H181 H N N 260 
LFA H182 H N N 261 
LFA H191 H N N 262 
LFA H192 H N N 263 
LFA H201 H N N 264 
LFA H202 H N N 265 
LFA H203 H N N 266 
LYS N    N N N 267 
LYS CA   C N S 268 
LYS C    C N N 269 
LYS O    O N N 270 
LYS CB   C N N 271 
LYS CG   C N N 272 
LYS CD   C N N 273 
LYS CE   C N N 274 
LYS NZ   N N N 275 
LYS OXT  O N N 276 
LYS H    H N N 277 
LYS H2   H N N 278 
LYS HA   H N N 279 
LYS HB2  H N N 280 
LYS HB3  H N N 281 
LYS HG2  H N N 282 
LYS HG3  H N N 283 
LYS HD2  H N N 284 
LYS HD3  H N N 285 
LYS HE2  H N N 286 
LYS HE3  H N N 287 
LYS HZ1  H N N 288 
LYS HZ2  H N N 289 
LYS HZ3  H N N 290 
LYS HXT  H N N 291 
MET N    N N N 292 
MET CA   C N S 293 
MET C    C N N 294 
MET O    O N N 295 
MET CB   C N N 296 
MET CG   C N N 297 
MET SD   S N N 298 
MET CE   C N N 299 
MET OXT  O N N 300 
MET H    H N N 301 
MET H2   H N N 302 
MET HA   H N N 303 
MET HB2  H N N 304 
MET HB3  H N N 305 
MET HG2  H N N 306 
MET HG3  H N N 307 
MET HE1  H N N 308 
MET HE2  H N N 309 
MET HE3  H N N 310 
MET HXT  H N N 311 
PHE N    N N N 312 
PHE CA   C N S 313 
PHE C    C N N 314 
PHE O    O N N 315 
PHE CB   C N N 316 
PHE CG   C Y N 317 
PHE CD1  C Y N 318 
PHE CD2  C Y N 319 
PHE CE1  C Y N 320 
PHE CE2  C Y N 321 
PHE CZ   C Y N 322 
PHE OXT  O N N 323 
PHE H    H N N 324 
PHE H2   H N N 325 
PHE HA   H N N 326 
PHE HB2  H N N 327 
PHE HB3  H N N 328 
PHE HD1  H N N 329 
PHE HD2  H N N 330 
PHE HE1  H N N 331 
PHE HE2  H N N 332 
PHE HZ   H N N 333 
PHE HXT  H N N 334 
PRO N    N N N 335 
PRO CA   C N S 336 
PRO C    C N N 337 
PRO O    O N N 338 
PRO CB   C N N 339 
PRO CG   C N N 340 
PRO CD   C N N 341 
PRO OXT  O N N 342 
PRO H    H N N 343 
PRO HA   H N N 344 
PRO HB2  H N N 345 
PRO HB3  H N N 346 
PRO HG2  H N N 347 
PRO HG3  H N N 348 
PRO HD2  H N N 349 
PRO HD3  H N N 350 
PRO HXT  H N N 351 
SER N    N N N 352 
SER CA   C N S 353 
SER C    C N N 354 
SER O    O N N 355 
SER CB   C N N 356 
SER OG   O N N 357 
SER OXT  O N N 358 
SER H    H N N 359 
SER H2   H N N 360 
SER HA   H N N 361 
SER HB2  H N N 362 
SER HB3  H N N 363 
SER HG   H N N 364 
SER HXT  H N N 365 
SO4 S    S N N 366 
SO4 O1   O N N 367 
SO4 O2   O N N 368 
SO4 O3   O N N 369 
SO4 O4   O N N 370 
THR N    N N N 371 
THR CA   C N S 372 
THR C    C N N 373 
THR O    O N N 374 
THR CB   C N R 375 
THR OG1  O N N 376 
THR CG2  C N N 377 
THR OXT  O N N 378 
THR H    H N N 379 
THR H2   H N N 380 
THR HA   H N N 381 
THR HB   H N N 382 
THR HG1  H N N 383 
THR HG21 H N N 384 
THR HG22 H N N 385 
THR HG23 H N N 386 
THR HXT  H N N 387 
TYR N    N N N 388 
TYR CA   C N S 389 
TYR C    C N N 390 
TYR O    O N N 391 
TYR CB   C N N 392 
TYR CG   C Y N 393 
TYR CD1  C Y N 394 
TYR CD2  C Y N 395 
TYR CE1  C Y N 396 
TYR CE2  C Y N 397 
TYR CZ   C Y N 398 
TYR OH   O N N 399 
TYR OXT  O N N 400 
TYR H    H N N 401 
TYR H2   H N N 402 
TYR HA   H N N 403 
TYR HB2  H N N 404 
TYR HB3  H N N 405 
TYR HD1  H N N 406 
TYR HD2  H N N 407 
TYR HE1  H N N 408 
TYR HE2  H N N 409 
TYR HH   H N N 410 
TYR HXT  H N N 411 
VAL N    N N N 412 
VAL CA   C N S 413 
VAL C    C N N 414 
VAL O    O N N 415 
VAL CB   C N N 416 
VAL CG1  C N N 417 
VAL CG2  C N N 418 
VAL OXT  O N N 419 
VAL H    H N N 420 
VAL H2   H N N 421 
VAL HA   H N N 422 
VAL HB   H N N 423 
VAL HG11 H N N 424 
VAL HG12 H N N 425 
VAL HG13 H N N 426 
VAL HG21 H N N 427 
VAL HG22 H N N 428 
VAL HG23 H N N 429 
VAL HXT  H N N 430 
# 
loop_
_chem_comp_bond.comp_id 
_chem_comp_bond.atom_id_1 
_chem_comp_bond.atom_id_2 
_chem_comp_bond.value_order 
_chem_comp_bond.pdbx_aromatic_flag 
_chem_comp_bond.pdbx_stereo_config 
_chem_comp_bond.pdbx_ordinal 
ALA N   CA   sing N N 1   
ALA N   H    sing N N 2   
ALA N   H2   sing N N 3   
ALA CA  C    sing N N 4   
ALA CA  CB   sing N N 5   
ALA CA  HA   sing N N 6   
ALA C   O    doub N N 7   
ALA C   OXT  sing N N 8   
ALA CB  HB1  sing N N 9   
ALA CB  HB2  sing N N 10  
ALA CB  HB3  sing N N 11  
ALA OXT HXT  sing N N 12  
ARG N   CA   sing N N 13  
ARG N   H    sing N N 14  
ARG N   H2   sing N N 15  
ARG CA  C    sing N N 16  
ARG CA  CB   sing N N 17  
ARG CA  HA   sing N N 18  
ARG C   O    doub N N 19  
ARG C   OXT  sing N N 20  
ARG CB  CG   sing N N 21  
ARG CB  HB2  sing N N 22  
ARG CB  HB3  sing N N 23  
ARG CG  CD   sing N N 24  
ARG CG  HG2  sing N N 25  
ARG CG  HG3  sing N N 26  
ARG CD  NE   sing N N 27  
ARG CD  HD2  sing N N 28  
ARG CD  HD3  sing N N 29  
ARG NE  CZ   sing N N 30  
ARG NE  HE   sing N N 31  
ARG CZ  NH1  sing N N 32  
ARG CZ  NH2  doub N N 33  
ARG NH1 HH11 sing N N 34  
ARG NH1 HH12 sing N N 35  
ARG NH2 HH21 sing N N 36  
ARG NH2 HH22 sing N N 37  
ARG OXT HXT  sing N N 38  
ASN N   CA   sing N N 39  
ASN N   H    sing N N 40  
ASN N   H2   sing N N 41  
ASN CA  C    sing N N 42  
ASN CA  CB   sing N N 43  
ASN CA  HA   sing N N 44  
ASN C   O    doub N N 45  
ASN C   OXT  sing N N 46  
ASN CB  CG   sing N N 47  
ASN CB  HB2  sing N N 48  
ASN CB  HB3  sing N N 49  
ASN CG  OD1  doub N N 50  
ASN CG  ND2  sing N N 51  
ASN ND2 HD21 sing N N 52  
ASN ND2 HD22 sing N N 53  
ASN OXT HXT  sing N N 54  
ASP N   CA   sing N N 55  
ASP N   H    sing N N 56  
ASP N   H2   sing N N 57  
ASP CA  C    sing N N 58  
ASP CA  CB   sing N N 59  
ASP CA  HA   sing N N 60  
ASP C   O    doub N N 61  
ASP C   OXT  sing N N 62  
ASP CB  CG   sing N N 63  
ASP CB  HB2  sing N N 64  
ASP CB  HB3  sing N N 65  
ASP CG  OD1  doub N N 66  
ASP CG  OD2  sing N N 67  
ASP OD2 HD2  sing N N 68  
ASP OXT HXT  sing N N 69  
CYS N   CA   sing N N 70  
CYS N   H    sing N N 71  
CYS N   H2   sing N N 72  
CYS CA  C    sing N N 73  
CYS CA  CB   sing N N 74  
CYS CA  HA   sing N N 75  
CYS C   O    doub N N 76  
CYS C   OXT  sing N N 77  
CYS CB  SG   sing N N 78  
CYS CB  HB2  sing N N 79  
CYS CB  HB3  sing N N 80  
CYS SG  HG   sing N N 81  
CYS OXT HXT  sing N N 82  
GLN N   CA   sing N N 83  
GLN N   H    sing N N 84  
GLN N   H2   sing N N 85  
GLN CA  C    sing N N 86  
GLN CA  CB   sing N N 87  
GLN CA  HA   sing N N 88  
GLN C   O    doub N N 89  
GLN C   OXT  sing N N 90  
GLN CB  CG   sing N N 91  
GLN CB  HB2  sing N N 92  
GLN CB  HB3  sing N N 93  
GLN CG  CD   sing N N 94  
GLN CG  HG2  sing N N 95  
GLN CG  HG3  sing N N 96  
GLN CD  OE1  doub N N 97  
GLN CD  NE2  sing N N 98  
GLN NE2 HE21 sing N N 99  
GLN NE2 HE22 sing N N 100 
GLN OXT HXT  sing N N 101 
GLU N   CA   sing N N 102 
GLU N   H    sing N N 103 
GLU N   H2   sing N N 104 
GLU CA  C    sing N N 105 
GLU CA  CB   sing N N 106 
GLU CA  HA   sing N N 107 
GLU C   O    doub N N 108 
GLU C   OXT  sing N N 109 
GLU CB  CG   sing N N 110 
GLU CB  HB2  sing N N 111 
GLU CB  HB3  sing N N 112 
GLU CG  CD   sing N N 113 
GLU CG  HG2  sing N N 114 
GLU CG  HG3  sing N N 115 
GLU CD  OE1  doub N N 116 
GLU CD  OE2  sing N N 117 
GLU OE2 HE2  sing N N 118 
GLU OXT HXT  sing N N 119 
GLY N   CA   sing N N 120 
GLY N   H    sing N N 121 
GLY N   H2   sing N N 122 
GLY CA  C    sing N N 123 
GLY CA  HA2  sing N N 124 
GLY CA  HA3  sing N N 125 
GLY C   O    doub N N 126 
GLY C   OXT  sing N N 127 
GLY OXT HXT  sing N N 128 
HIS N   CA   sing N N 129 
HIS N   H    sing N N 130 
HIS N   H2   sing N N 131 
HIS CA  C    sing N N 132 
HIS CA  CB   sing N N 133 
HIS CA  HA   sing N N 134 
HIS C   O    doub N N 135 
HIS C   OXT  sing N N 136 
HIS CB  CG   sing N N 137 
HIS CB  HB2  sing N N 138 
HIS CB  HB3  sing N N 139 
HIS CG  ND1  sing Y N 140 
HIS CG  CD2  doub Y N 141 
HIS ND1 CE1  doub Y N 142 
HIS ND1 HD1  sing N N 143 
HIS CD2 NE2  sing Y N 144 
HIS CD2 HD2  sing N N 145 
HIS CE1 NE2  sing Y N 146 
HIS CE1 HE1  sing N N 147 
HIS NE2 HE2  sing N N 148 
HIS OXT HXT  sing N N 149 
HOH O   H1   sing N N 150 
HOH O   H2   sing N N 151 
ILE N   CA   sing N N 152 
ILE N   H    sing N N 153 
ILE N   H2   sing N N 154 
ILE CA  C    sing N N 155 
ILE CA  CB   sing N N 156 
ILE CA  HA   sing N N 157 
ILE C   O    doub N N 158 
ILE C   OXT  sing N N 159 
ILE CB  CG1  sing N N 160 
ILE CB  CG2  sing N N 161 
ILE CB  HB   sing N N 162 
ILE CG1 CD1  sing N N 163 
ILE CG1 HG12 sing N N 164 
ILE CG1 HG13 sing N N 165 
ILE CG2 HG21 sing N N 166 
ILE CG2 HG22 sing N N 167 
ILE CG2 HG23 sing N N 168 
ILE CD1 HD11 sing N N 169 
ILE CD1 HD12 sing N N 170 
ILE CD1 HD13 sing N N 171 
ILE OXT HXT  sing N N 172 
LEU N   CA   sing N N 173 
LEU N   H    sing N N 174 
LEU N   H2   sing N N 175 
LEU CA  C    sing N N 176 
LEU CA  CB   sing N N 177 
LEU CA  HA   sing N N 178 
LEU C   O    doub N N 179 
LEU C   OXT  sing N N 180 
LEU CB  CG   sing N N 181 
LEU CB  HB2  sing N N 182 
LEU CB  HB3  sing N N 183 
LEU CG  CD1  sing N N 184 
LEU CG  CD2  sing N N 185 
LEU CG  HG   sing N N 186 
LEU CD1 HD11 sing N N 187 
LEU CD1 HD12 sing N N 188 
LEU CD1 HD13 sing N N 189 
LEU CD2 HD21 sing N N 190 
LEU CD2 HD22 sing N N 191 
LEU CD2 HD23 sing N N 192 
LEU OXT HXT  sing N N 193 
LFA C1  C2   sing N N 194 
LFA C1  H11  sing N N 195 
LFA C1  H12  sing N N 196 
LFA C1  H13  sing N N 197 
LFA C2  C3   sing N N 198 
LFA C2  H21  sing N N 199 
LFA C2  H22  sing N N 200 
LFA C3  C4   sing N N 201 
LFA C3  H31  sing N N 202 
LFA C3  H32  sing N N 203 
LFA C4  C5   sing N N 204 
LFA C4  H41  sing N N 205 
LFA C4  H42  sing N N 206 
LFA C5  C6   sing N N 207 
LFA C5  H51  sing N N 208 
LFA C5  H52  sing N N 209 
LFA C6  C7   sing N N 210 
LFA C6  H61  sing N N 211 
LFA C6  H62  sing N N 212 
LFA C7  C8   sing N N 213 
LFA C7  H71  sing N N 214 
LFA C7  H72  sing N N 215 
LFA C8  C9   sing N N 216 
LFA C8  H81  sing N N 217 
LFA C8  H82  sing N N 218 
LFA C9  C10  sing N N 219 
LFA C9  H91  sing N N 220 
LFA C9  H92  sing N N 221 
LFA C10 C11  sing N N 222 
LFA C10 H101 sing N N 223 
LFA C10 H102 sing N N 224 
LFA C11 C12  sing N N 225 
LFA C11 H111 sing N N 226 
LFA C11 H112 sing N N 227 
LFA C12 C13  sing N N 228 
LFA C12 H121 sing N N 229 
LFA C12 H122 sing N N 230 
LFA C13 C14  sing N N 231 
LFA C13 H131 sing N N 232 
LFA C13 H132 sing N N 233 
LFA C14 C15  sing N N 234 
LFA C14 H141 sing N N 235 
LFA C14 H142 sing N N 236 
LFA C15 C16  sing N N 237 
LFA C15 H151 sing N N 238 
LFA C15 H152 sing N N 239 
LFA C16 C17  sing N N 240 
LFA C16 H161 sing N N 241 
LFA C16 H162 sing N N 242 
LFA C17 C18  sing N N 243 
LFA C17 H171 sing N N 244 
LFA C17 H172 sing N N 245 
LFA C18 C19  sing N N 246 
LFA C18 H181 sing N N 247 
LFA C18 H182 sing N N 248 
LFA C19 C20  sing N N 249 
LFA C19 H191 sing N N 250 
LFA C19 H192 sing N N 251 
LFA C20 H201 sing N N 252 
LFA C20 H202 sing N N 253 
LFA C20 H203 sing N N 254 
LYS N   CA   sing N N 255 
LYS N   H    sing N N 256 
LYS N   H2   sing N N 257 
LYS CA  C    sing N N 258 
LYS CA  CB   sing N N 259 
LYS CA  HA   sing N N 260 
LYS C   O    doub N N 261 
LYS C   OXT  sing N N 262 
LYS CB  CG   sing N N 263 
LYS CB  HB2  sing N N 264 
LYS CB  HB3  sing N N 265 
LYS CG  CD   sing N N 266 
LYS CG  HG2  sing N N 267 
LYS CG  HG3  sing N N 268 
LYS CD  CE   sing N N 269 
LYS CD  HD2  sing N N 270 
LYS CD  HD3  sing N N 271 
LYS CE  NZ   sing N N 272 
LYS CE  HE2  sing N N 273 
LYS CE  HE3  sing N N 274 
LYS NZ  HZ1  sing N N 275 
LYS NZ  HZ2  sing N N 276 
LYS NZ  HZ3  sing N N 277 
LYS OXT HXT  sing N N 278 
MET N   CA   sing N N 279 
MET N   H    sing N N 280 
MET N   H2   sing N N 281 
MET CA  C    sing N N 282 
MET CA  CB   sing N N 283 
MET CA  HA   sing N N 284 
MET C   O    doub N N 285 
MET C   OXT  sing N N 286 
MET CB  CG   sing N N 287 
MET CB  HB2  sing N N 288 
MET CB  HB3  sing N N 289 
MET CG  SD   sing N N 290 
MET CG  HG2  sing N N 291 
MET CG  HG3  sing N N 292 
MET SD  CE   sing N N 293 
MET CE  HE1  sing N N 294 
MET CE  HE2  sing N N 295 
MET CE  HE3  sing N N 296 
MET OXT HXT  sing N N 297 
PHE N   CA   sing N N 298 
PHE N   H    sing N N 299 
PHE N   H2   sing N N 300 
PHE CA  C    sing N N 301 
PHE CA  CB   sing N N 302 
PHE CA  HA   sing N N 303 
PHE C   O    doub N N 304 
PHE C   OXT  sing N N 305 
PHE CB  CG   sing N N 306 
PHE CB  HB2  sing N N 307 
PHE CB  HB3  sing N N 308 
PHE CG  CD1  doub Y N 309 
PHE CG  CD2  sing Y N 310 
PHE CD1 CE1  sing Y N 311 
PHE CD1 HD1  sing N N 312 
PHE CD2 CE2  doub Y N 313 
PHE CD2 HD2  sing N N 314 
PHE CE1 CZ   doub Y N 315 
PHE CE1 HE1  sing N N 316 
PHE CE2 CZ   sing Y N 317 
PHE CE2 HE2  sing N N 318 
PHE CZ  HZ   sing N N 319 
PHE OXT HXT  sing N N 320 
PRO N   CA   sing N N 321 
PRO N   CD   sing N N 322 
PRO N   H    sing N N 323 
PRO CA  C    sing N N 324 
PRO CA  CB   sing N N 325 
PRO CA  HA   sing N N 326 
PRO C   O    doub N N 327 
PRO C   OXT  sing N N 328 
PRO CB  CG   sing N N 329 
PRO CB  HB2  sing N N 330 
PRO CB  HB3  sing N N 331 
PRO CG  CD   sing N N 332 
PRO CG  HG2  sing N N 333 
PRO CG  HG3  sing N N 334 
PRO CD  HD2  sing N N 335 
PRO CD  HD3  sing N N 336 
PRO OXT HXT  sing N N 337 
SER N   CA   sing N N 338 
SER N   H    sing N N 339 
SER N   H2   sing N N 340 
SER CA  C    sing N N 341 
SER CA  CB   sing N N 342 
SER CA  HA   sing N N 343 
SER C   O    doub N N 344 
SER C   OXT  sing N N 345 
SER CB  OG   sing N N 346 
SER CB  HB2  sing N N 347 
SER CB  HB3  sing N N 348 
SER OG  HG   sing N N 349 
SER OXT HXT  sing N N 350 
SO4 S   O1   doub N N 351 
SO4 S   O2   doub N N 352 
SO4 S   O3   sing N N 353 
SO4 S   O4   sing N N 354 
THR N   CA   sing N N 355 
THR N   H    sing N N 356 
THR N   H2   sing N N 357 
THR CA  C    sing N N 358 
THR CA  CB   sing N N 359 
THR CA  HA   sing N N 360 
THR C   O    doub N N 361 
THR C   OXT  sing N N 362 
THR CB  OG1  sing N N 363 
THR CB  CG2  sing N N 364 
THR CB  HB   sing N N 365 
THR OG1 HG1  sing N N 366 
THR CG2 HG21 sing N N 367 
THR CG2 HG22 sing N N 368 
THR CG2 HG23 sing N N 369 
THR OXT HXT  sing N N 370 
TYR N   CA   sing N N 371 
TYR N   H    sing N N 372 
TYR N   H2   sing N N 373 
TYR CA  C    sing N N 374 
TYR CA  CB   sing N N 375 
TYR CA  HA   sing N N 376 
TYR C   O    doub N N 377 
TYR C   OXT  sing N N 378 
TYR CB  CG   sing N N 379 
TYR CB  HB2  sing N N 380 
TYR CB  HB3  sing N N 381 
TYR CG  CD1  doub Y N 382 
TYR CG  CD2  sing Y N 383 
TYR CD1 CE1  sing Y N 384 
TYR CD1 HD1  sing N N 385 
TYR CD2 CE2  doub Y N 386 
TYR CD2 HD2  sing N N 387 
TYR CE1 CZ   doub Y N 388 
TYR CE1 HE1  sing N N 389 
TYR CE2 CZ   sing Y N 390 
TYR CE2 HE2  sing N N 391 
TYR CZ  OH   sing N N 392 
TYR OH  HH   sing N N 393 
TYR OXT HXT  sing N N 394 
VAL N   CA   sing N N 395 
VAL N   H    sing N N 396 
VAL N   H2   sing N N 397 
VAL CA  C    sing N N 398 
VAL CA  CB   sing N N 399 
VAL CA  HA   sing N N 400 
VAL C   O    doub N N 401 
VAL C   OXT  sing N N 402 
VAL CB  CG1  sing N N 403 
VAL CB  CG2  sing N N 404 
VAL CB  HB   sing N N 405 
VAL CG1 HG11 sing N N 406 
VAL CG1 HG12 sing N N 407 
VAL CG1 HG13 sing N N 408 
VAL CG2 HG21 sing N N 409 
VAL CG2 HG22 sing N N 410 
VAL CG2 HG23 sing N N 411 
VAL OXT HXT  sing N N 412 
# 
loop_
_pdbx_entity_nonpoly.entity_id 
_pdbx_entity_nonpoly.name 
_pdbx_entity_nonpoly.comp_id 
2 EICOSANE      LFA 
3 'SULFATE ION' SO4 
4 water         HOH 
# 
_pdbx_initial_refinement_model.id               1 
_pdbx_initial_refinement_model.entity_id_list   ? 
_pdbx_initial_refinement_model.type             'experimental model' 
_pdbx_initial_refinement_model.source_name      PDB 
_pdbx_initial_refinement_model.accession_code   5W17 
_pdbx_initial_refinement_model.details          'PDB entry 5W17' 
# 
_pdbx_struct_assembly_auth_evidence.id                     1 
_pdbx_struct_assembly_auth_evidence.assembly_id            1 
_pdbx_struct_assembly_auth_evidence.experimental_support   none 
_pdbx_struct_assembly_auth_evidence.details                . 
# 
